data_8ENL
#
_entry.id   8ENL
#
_cell.length_a   1.00
_cell.length_b   1.00
_cell.length_c   1.00
_cell.angle_alpha   90.00
_cell.angle_beta   90.00
_cell.angle_gamma   90.00
#
_symmetry.space_group_name_H-M   'P 1'
#
loop_
_entity.id
_entity.type
_entity.pdbx_description
1 polymer 'Nitrogenase molybdenum-iron protein alpha chain'
2 polymer 'Nitrogenase molybdenum-iron protein beta chain'
3 non-polymer 'iron-sulfur-molybdenum cluster with interstitial carbon'
4 non-polymer 'UNKNOWN ATOM OR ION'
5 non-polymer 'FE(8)-S(7) CLUSTER'
6 non-polymer CHAPSO
7 non-polymer 'FE (III) ION'
8 water water
#
loop_
_entity_poly.entity_id
_entity_poly.type
_entity_poly.pdbx_seq_one_letter_code
_entity_poly.pdbx_strand_id
1 'polypeptide(L)'
;MSREEVESLIQEVLEVYPEKARKDRNKHLAVNDPAVTQSKKCIISNKKSQPGLMTIRGCAYAGSKGVVWGPIKDMIHISH
GPVGCGQYSRAGRRNYYIGTTGVNAFVTMNFTSDFQEKDIVFGGDKKLAKLIDEVETLFPLNKGISVQSECPIGLIGDDI
ESVSKVKGAELSKTIVPVRCEGFRGVSQSLGHHIANDAVRDWVLGKRDEDTTFASTPYDVAIIGDYNIGGDAWSSRILLE
EMGLRCVAQWSGDGSISEIELTPKVKLNLVHCYRSMNYISRHMEEKYGIPWMEYNFFGPTKTIESLRAIAAKFDESIQKK
CEEVIAKYKPEWEAVVAKYRPRLEGKRVMLYIGGLRPRHVIGAYEDLGMEVVGTGYEFAHNDDYDRTMKEMGDSTLLYDD
VTGYEFEEFVKRIKPDLIGSGIKEKFIFQKMGIPFREMHSWDYSGPYHGFDGFAIFARDMDMTLNNPCWKKLQAPWE
;
A,C
2 'polypeptide(L)'
;SQQVDKIKASYPLFLDQDYKDMLAKKRDGFEEKYPQDKIDEVFQWTTTKEYQELNFQREALTVNPAKACQPLGAVLCALG
FEKTMPYVHGSQGCVAYFRSYFNRHFREPVSCVSDSMTEDAAVFGGQQNMKDGLQNCKATYKPDMIAVSTTCMAEVIGDD
LNAFINNSKKEGFIPDEFPVPFAHTPSFVGSHVTGWDNMFEGIARYFTLKSMDDKVVGSNKKINIVPGFETYLGNFRVIK
RMLSEMGVGYSLLSDPEEVLDTPADGQFRMYAGGTTQEEMKDAPNALNTVLLQPWHLEKTKKFVEGTWKHEVPKLNIPMG
LDWTDEFLMKVSEISGQPIPASLTKERGRLVDMMTDSHTWLHGKRFALWGDPDFVMGLVKFLLELGCEPVHILCHNGNKR
WKKAVDAILAASPYGKNATVYIGKDLWHLRSLVFTDKPDFMIGNSYGKFIQRDTLHKGKEFEVPLIRIGFPIFDRHHLHR
STTLGYEGAMQILTTLVNSILERLDEETRGMQATDYNHDLVR
;
B,D
#
loop_
_chem_comp.id
_chem_comp.type
_chem_comp.name
_chem_comp.formula
1N7 non-polymer CHAPSO 'C32 H59 N2 O8 S 1'
CLF non-polymer 'FE(8)-S(7) CLUSTER' 'Fe8 S7'
FE non-polymer 'FE (III) ION' 'Fe 3'
ICS non-polymer 'iron-sulfur-molybdenum cluster with interstitial carbon' 'C Fe7 Mo S9'
UNX non-polymer 'UNKNOWN ATOM OR ION' ?
#
# COMPACT_ATOMS: atom_id res chain seq x y z
N MET A 1 30.54 34.26 4.63
CA MET A 1 31.22 34.69 5.83
C MET A 1 32.72 34.80 5.62
N SER A 2 33.32 35.85 6.15
CA SER A 2 34.76 36.06 6.02
C SER A 2 35.53 35.09 6.91
N ARG A 3 36.86 35.07 6.77
CA ARG A 3 37.68 34.12 7.53
C ARG A 3 37.56 34.36 9.03
N GLU A 4 37.58 35.63 9.45
CA GLU A 4 37.43 35.94 10.86
C GLU A 4 36.06 35.53 11.37
N GLU A 5 35.03 35.70 10.54
CA GLU A 5 33.69 35.24 10.94
C GLU A 5 33.66 33.74 11.16
N VAL A 6 34.29 32.97 10.27
CA VAL A 6 34.30 31.52 10.41
C VAL A 6 35.07 31.11 11.67
N GLU A 7 36.22 31.76 11.92
CA GLU A 7 37.00 31.44 13.10
C GLU A 7 36.24 31.75 14.38
N SER A 8 35.57 32.91 14.43
CA SER A 8 34.77 33.26 15.59
C SER A 8 33.62 32.28 15.78
N LEU A 9 32.99 31.88 14.67
CA LEU A 9 31.92 30.87 14.76
C LEU A 9 32.45 29.57 15.33
N ILE A 10 33.63 29.13 14.88
CA ILE A 10 34.23 27.90 15.39
C ILE A 10 34.44 28.01 16.89
N GLN A 11 34.97 29.15 17.35
CA GLN A 11 35.17 29.34 18.78
C GLN A 11 33.84 29.31 19.55
N GLU A 12 32.80 29.95 19.01
CA GLU A 12 31.52 29.96 19.70
C GLU A 12 30.92 28.56 19.81
N VAL A 13 31.03 27.76 18.75
CA VAL A 13 30.56 26.38 18.84
C VAL A 13 31.41 25.58 19.84
N LEU A 14 32.72 25.78 19.88
CA LEU A 14 33.56 25.07 20.82
C LEU A 14 33.36 25.51 22.26
N GLU A 15 32.71 26.66 22.48
CA GLU A 15 32.52 27.18 23.83
C GLU A 15 31.91 26.15 24.78
N VAL A 16 30.89 25.42 24.34
CA VAL A 16 30.12 24.59 25.26
C VAL A 16 30.85 23.31 25.66
N TYR A 17 31.90 22.93 24.93
CA TYR A 17 32.58 21.68 25.22
C TYR A 17 33.43 21.78 26.48
N PRO A 18 33.60 20.67 27.20
CA PRO A 18 34.57 20.65 28.30
C PRO A 18 35.98 20.90 27.78
N GLU A 19 36.90 21.15 28.73
CA GLU A 19 38.23 21.60 28.36
C GLU A 19 38.94 20.59 27.46
N LYS A 20 38.91 19.31 27.85
CA LYS A 20 39.54 18.28 27.03
C LYS A 20 38.85 18.17 25.68
N ALA A 21 37.52 18.08 25.68
CA ALA A 21 36.77 17.95 24.44
C ALA A 21 36.96 19.17 23.55
N ARG A 22 36.91 20.37 24.13
CA ARG A 22 37.07 21.58 23.33
C ARG A 22 38.48 21.66 22.74
N LYS A 23 39.50 21.35 23.54
CA LYS A 23 40.87 21.39 23.05
C LYS A 23 41.07 20.38 21.92
N ASP A 24 40.48 19.19 22.05
CA ASP A 24 40.62 18.20 20.99
C ASP A 24 39.86 18.60 19.73
N ARG A 25 38.64 19.11 19.88
CA ARG A 25 37.81 19.44 18.73
C ARG A 25 38.26 20.72 18.03
N ASN A 26 39.04 21.56 18.70
CA ASN A 26 39.57 22.75 18.04
C ASN A 26 40.50 22.38 16.89
N LYS A 27 41.29 21.30 17.07
CA LYS A 27 42.24 20.88 16.05
C LYS A 27 41.58 20.21 14.85
N HIS A 28 40.29 19.91 14.92
CA HIS A 28 39.58 19.21 13.84
C HIS A 28 38.69 20.14 13.02
N LEU A 29 38.62 21.42 13.37
CA LEU A 29 37.83 22.41 12.64
C LEU A 29 38.76 23.49 12.12
N ALA A 30 38.60 23.86 10.86
CA ALA A 30 39.53 24.80 10.23
C ALA A 30 38.80 25.65 9.20
N VAL A 31 39.44 26.75 8.82
CA VAL A 31 38.98 27.62 7.76
C VAL A 31 39.92 27.43 6.57
N ASN A 32 39.35 27.11 5.42
CA ASN A 32 40.14 26.67 4.28
C ASN A 32 41.03 27.79 3.76
N ASP A 33 42.25 27.41 3.37
CA ASP A 33 43.16 28.30 2.63
C ASP A 33 43.66 27.50 1.43
N PRO A 34 43.18 27.79 0.22
CA PRO A 34 43.53 26.94 -0.93
C PRO A 34 45.02 26.93 -1.26
N ALA A 35 45.79 27.92 -0.81
CA ALA A 35 47.20 27.97 -1.16
C ALA A 35 48.02 26.96 -0.37
N VAL A 36 47.51 26.50 0.77
CA VAL A 36 48.27 25.60 1.64
C VAL A 36 48.19 24.19 1.09
N THR A 37 49.36 23.57 0.88
CA THR A 37 49.42 22.21 0.37
C THR A 37 49.63 21.16 1.46
N GLN A 38 49.89 21.59 2.69
CA GLN A 38 50.11 20.68 3.83
C GLN A 38 48.99 20.94 4.83
N SER A 39 47.93 20.12 4.76
CA SER A 39 46.78 20.31 5.62
C SER A 39 47.09 20.03 7.08
N LYS A 40 48.22 19.38 7.39
CA LYS A 40 48.60 19.13 8.77
C LYS A 40 48.85 20.41 9.55
N LYS A 41 49.11 21.53 8.86
CA LYS A 41 49.35 22.80 9.53
C LYS A 41 48.07 23.46 10.00
N CYS A 42 46.91 22.98 9.58
CA CYS A 42 45.64 23.61 9.91
C CYS A 42 44.57 22.66 10.43
N ILE A 43 44.64 21.37 10.10
CA ILE A 43 43.61 20.43 10.55
C ILE A 43 44.29 19.12 10.93
N ILE A 44 43.71 18.44 11.91
CA ILE A 44 44.19 17.13 12.38
C ILE A 44 43.06 16.12 12.16
N SER A 45 43.40 14.99 11.55
CA SER A 45 42.40 13.99 11.21
C SER A 45 42.89 12.61 11.63
N ASN A 46 42.02 11.61 11.45
CA ASN A 46 42.30 10.22 11.79
C ASN A 46 42.68 10.07 13.26
N LYS A 47 41.96 10.77 14.13
CA LYS A 47 42.14 10.68 15.57
C LYS A 47 40.89 10.09 16.21
N LYS A 48 41.04 9.67 17.47
CA LYS A 48 39.94 9.05 18.19
C LYS A 48 38.80 10.04 18.41
N SER A 49 37.58 9.54 18.29
CA SER A 49 36.41 10.37 18.56
C SER A 49 36.29 10.66 20.05
N GLN A 50 35.76 11.82 20.38
CA GLN A 50 35.51 12.16 21.77
C GLN A 50 34.31 11.38 22.28
N PRO A 51 34.42 10.75 23.45
CA PRO A 51 33.31 9.93 23.95
C PRO A 51 32.04 10.74 24.19
N GLY A 52 30.91 10.12 23.89
CA GLY A 52 29.61 10.71 24.19
C GLY A 52 29.27 11.98 23.44
N LEU A 53 29.62 12.06 22.16
CA LEU A 53 29.41 13.28 21.38
C LEU A 53 28.58 13.07 20.12
N MET A 54 27.89 11.94 20.00
CA MET A 54 27.03 11.64 18.85
C MET A 54 27.79 11.79 17.53
N THR A 55 28.81 10.97 17.36
CA THR A 55 29.55 10.96 16.11
C THR A 55 28.80 10.14 15.06
N ILE A 56 29.29 10.23 13.82
CA ILE A 56 28.71 9.52 12.69
C ILE A 56 29.61 8.41 12.18
N ARG A 57 30.82 8.28 12.72
CA ARG A 57 31.76 7.26 12.26
C ARG A 57 31.21 5.86 12.50
N GLY A 58 31.54 4.96 11.57
CA GLY A 58 31.30 3.54 11.75
C GLY A 58 32.48 2.86 12.40
N CYS A 59 32.52 1.54 12.26
CA CYS A 59 33.57 0.72 12.85
C CYS A 59 34.41 0.09 11.76
N ALA A 60 35.42 -0.66 12.18
CA ALA A 60 36.26 -1.38 11.23
C ALA A 60 35.47 -2.45 10.50
N TYR A 61 34.52 -3.08 11.18
CA TYR A 61 33.65 -4.07 10.54
C TYR A 61 32.83 -3.43 9.43
N ALA A 62 32.32 -2.21 9.67
CA ALA A 62 31.56 -1.51 8.64
C ALA A 62 32.43 -1.18 7.44
N GLY A 63 33.69 -0.78 7.68
CA GLY A 63 34.57 -0.44 6.58
C GLY A 63 35.09 -1.65 5.82
N SER A 64 35.13 -2.81 6.47
CA SER A 64 35.62 -4.01 5.81
C SER A 64 34.48 -4.84 5.21
N LYS A 65 33.54 -5.27 6.06
CA LYS A 65 32.43 -6.07 5.56
C LYS A 65 31.49 -5.24 4.71
N GLY A 66 31.08 -4.07 5.21
CA GLY A 66 30.06 -3.30 4.54
C GLY A 66 30.53 -2.61 3.27
N VAL A 67 31.83 -2.35 3.17
CA VAL A 67 32.38 -1.52 2.09
C VAL A 67 33.19 -2.36 1.10
N VAL A 68 34.22 -3.06 1.58
CA VAL A 68 35.18 -3.68 0.69
C VAL A 68 34.79 -5.10 0.31
N TRP A 69 34.38 -5.92 1.29
CA TRP A 69 34.15 -7.33 1.02
C TRP A 69 32.72 -7.63 0.60
N GLY A 70 31.74 -6.96 1.21
CA GLY A 70 30.34 -7.23 0.97
C GLY A 70 29.90 -7.17 -0.48
N PRO A 71 30.33 -6.15 -1.24
CA PRO A 71 29.93 -6.08 -2.65
C PRO A 71 30.43 -7.22 -3.53
N ILE A 72 31.40 -8.01 -3.07
CA ILE A 72 31.87 -9.16 -3.86
C ILE A 72 30.72 -10.16 -3.94
N LYS A 73 30.13 -10.31 -5.14
CA LYS A 73 28.84 -10.97 -5.26
C LYS A 73 28.94 -12.49 -5.16
N ASP A 74 29.95 -13.10 -5.77
CA ASP A 74 30.01 -14.55 -5.80
C ASP A 74 30.65 -15.15 -4.56
N MET A 75 31.04 -14.33 -3.59
CA MET A 75 31.57 -14.80 -2.33
C MET A 75 30.50 -14.72 -1.25
N ILE A 76 30.65 -15.56 -0.23
CA ILE A 76 29.77 -15.56 0.94
C ILE A 76 30.56 -14.97 2.10
N HIS A 77 29.99 -13.95 2.74
CA HIS A 77 30.67 -13.22 3.80
C HIS A 77 29.95 -13.49 5.12
N ILE A 78 30.67 -14.06 6.08
CA ILE A 78 30.14 -14.46 7.36
C ILE A 78 30.44 -13.36 8.37
N SER A 79 29.39 -12.73 8.90
CA SER A 79 29.55 -11.84 10.04
C SER A 79 29.79 -12.67 11.28
N HIS A 80 31.06 -12.90 11.63
CA HIS A 80 31.41 -13.80 12.73
C HIS A 80 31.21 -13.08 14.05
N GLY A 81 30.27 -13.56 14.85
CA GLY A 81 29.94 -12.94 16.11
C GLY A 81 28.45 -12.92 16.34
N PRO A 82 27.99 -12.04 17.23
CA PRO A 82 26.55 -11.93 17.49
C PRO A 82 25.80 -11.34 16.30
N VAL A 83 24.48 -11.53 16.33
CA VAL A 83 23.61 -11.28 15.17
C VAL A 83 23.53 -9.81 14.79
N GLY A 84 23.77 -8.89 15.73
CA GLY A 84 23.43 -7.49 15.49
C GLY A 84 24.17 -6.87 14.34
N CYS A 85 25.50 -7.04 14.31
CA CYS A 85 26.32 -6.34 13.31
C CYS A 85 25.92 -6.76 11.90
N GLY A 86 25.72 -8.06 11.68
CA GLY A 86 25.27 -8.51 10.38
C GLY A 86 23.86 -8.05 10.05
N GLN A 87 22.99 -8.03 11.05
CA GLN A 87 21.60 -7.65 10.78
C GLN A 87 21.47 -6.19 10.38
N TYR A 88 22.21 -5.29 11.05
CA TYR A 88 22.06 -3.87 10.75
C TYR A 88 22.70 -3.50 9.41
N SER A 89 23.71 -4.24 8.98
CA SER A 89 24.40 -3.96 7.73
C SER A 89 23.85 -4.73 6.54
N ARG A 90 22.78 -5.51 6.72
CA ARG A 90 22.26 -6.32 5.63
C ARG A 90 21.54 -5.45 4.61
N ALA A 91 22.03 -5.46 3.38
CA ALA A 91 21.43 -4.75 2.25
C ALA A 91 21.27 -3.25 2.51
N GLY A 92 21.99 -2.71 3.50
CA GLY A 92 21.91 -1.29 3.78
C GLY A 92 22.70 -0.42 2.83
N ARG A 93 23.66 -1.00 2.14
CA ARG A 93 24.47 -0.28 1.15
C ARG A 93 24.03 -0.72 -0.24
N ARG A 94 23.90 0.25 -1.14
CA ARG A 94 23.38 -0.03 -2.48
C ARG A 94 24.50 -0.36 -3.46
N ASN A 95 25.27 -1.40 -3.12
CA ASN A 95 26.29 -1.93 -4.02
C ASN A 95 25.58 -2.79 -5.06
N TYR A 96 25.30 -2.19 -6.21
CA TYR A 96 24.53 -2.88 -7.24
C TYR A 96 25.35 -3.98 -7.90
N TYR A 97 24.67 -5.08 -8.25
CA TYR A 97 25.34 -6.24 -8.82
C TYR A 97 24.33 -7.00 -9.67
N ILE A 98 24.86 -7.88 -10.52
CA ILE A 98 24.05 -8.76 -11.35
C ILE A 98 24.29 -10.18 -10.89
N GLY A 99 23.22 -10.88 -10.54
CA GLY A 99 23.34 -12.26 -10.10
C GLY A 99 22.01 -12.78 -9.60
N THR A 100 22.00 -14.08 -9.34
CA THR A 100 20.84 -14.76 -8.76
C THR A 100 21.10 -14.91 -7.26
N THR A 101 20.45 -14.07 -6.47
CA THR A 101 20.71 -14.04 -5.04
C THR A 101 20.29 -15.35 -4.39
N GLY A 102 21.15 -15.89 -3.53
CA GLY A 102 20.92 -17.16 -2.89
C GLY A 102 21.42 -18.37 -3.65
N VAL A 103 21.87 -18.19 -4.90
CA VAL A 103 22.36 -19.29 -5.70
C VAL A 103 23.81 -19.03 -6.07
N ASN A 104 24.06 -17.95 -6.80
CA ASN A 104 25.42 -17.58 -7.18
C ASN A 104 25.83 -16.20 -6.70
N ALA A 105 24.91 -15.40 -6.15
CA ALA A 105 25.22 -14.10 -5.59
C ALA A 105 24.63 -14.00 -4.19
N PHE A 106 25.32 -13.31 -3.30
CA PHE A 106 24.93 -13.31 -1.88
C PHE A 106 25.11 -11.95 -1.23
N VAL A 107 25.07 -10.87 -2.02
CA VAL A 107 25.42 -9.55 -1.49
C VAL A 107 24.40 -9.11 -0.44
N THR A 108 23.12 -9.22 -0.75
CA THR A 108 22.08 -8.71 0.14
C THR A 108 21.68 -9.69 1.22
N MET A 109 22.33 -10.85 1.29
CA MET A 109 22.04 -11.85 2.29
C MET A 109 22.88 -11.60 3.54
N ASN A 110 22.42 -12.14 4.66
CA ASN A 110 23.10 -11.99 5.95
C ASN A 110 23.52 -13.37 6.45
N PHE A 111 24.80 -13.67 6.36
CA PHE A 111 25.38 -14.88 6.93
C PHE A 111 26.08 -14.52 8.23
N THR A 112 25.71 -15.19 9.31
CA THR A 112 26.28 -14.90 10.61
C THR A 112 26.39 -16.19 11.42
N SER A 113 27.33 -16.19 12.36
CA SER A 113 27.46 -17.30 13.29
C SER A 113 26.48 -17.19 14.46
N ASP A 114 25.89 -16.01 14.66
CA ASP A 114 24.87 -15.79 15.69
C ASP A 114 25.37 -16.25 17.06
N PHE A 115 26.41 -15.56 17.54
CA PHE A 115 27.08 -15.96 18.77
C PHE A 115 26.13 -15.91 19.95
N GLN A 116 26.16 -16.98 20.75
CA GLN A 116 25.45 -17.06 22.02
C GLN A 116 26.44 -17.00 23.16
N GLU A 117 25.92 -17.13 24.38
CA GLU A 117 26.77 -17.04 25.56
C GLU A 117 27.81 -18.16 25.59
N LYS A 118 27.41 -19.37 25.19
CA LYS A 118 28.35 -20.48 25.17
C LYS A 118 29.46 -20.26 24.15
N ASP A 119 29.14 -19.62 23.02
CA ASP A 119 30.17 -19.30 22.05
C ASP A 119 31.15 -18.25 22.57
N ILE A 120 30.67 -17.32 23.40
CA ILE A 120 31.56 -16.35 24.02
C ILE A 120 32.45 -17.03 25.05
N VAL A 121 31.87 -17.91 25.87
CA VAL A 121 32.62 -18.52 26.97
C VAL A 121 33.64 -19.52 26.44
N PHE A 122 33.25 -20.37 25.49
CA PHE A 122 34.09 -21.48 25.05
C PHE A 122 34.67 -21.29 23.65
N GLY A 123 34.51 -20.09 23.07
CA GLY A 123 35.05 -19.82 21.75
C GLY A 123 34.11 -20.25 20.63
N GLY A 124 34.46 -19.82 19.43
CA GLY A 124 33.61 -20.09 18.27
C GLY A 124 34.33 -20.68 17.08
N ASP A 125 35.48 -21.30 17.30
CA ASP A 125 36.24 -21.88 16.19
C ASP A 125 35.58 -23.16 15.67
N LYS A 126 35.13 -24.03 16.58
CA LYS A 126 34.40 -25.21 16.16
C LYS A 126 33.09 -24.83 15.49
N LYS A 127 32.40 -23.82 16.03
CA LYS A 127 31.20 -23.33 15.39
C LYS A 127 31.52 -22.74 14.01
N LEU A 128 32.67 -22.08 13.88
CA LEU A 128 33.06 -21.55 12.58
C LEU A 128 33.29 -22.66 11.57
N ALA A 129 33.97 -23.74 11.97
CA ALA A 129 34.18 -24.86 11.06
C ALA A 129 32.86 -25.51 10.66
N LYS A 130 31.97 -25.72 11.62
CA LYS A 130 30.67 -26.29 11.32
C LYS A 130 29.86 -25.38 10.39
N LEU A 131 29.95 -24.07 10.62
CA LEU A 131 29.27 -23.10 9.76
C LEU A 131 29.81 -23.14 8.34
N ILE A 132 31.12 -23.28 8.19
CA ILE A 132 31.72 -23.36 6.86
C ILE A 132 31.24 -24.62 6.14
N ASP A 133 31.18 -25.74 6.87
CA ASP A 133 30.66 -26.97 6.28
C ASP A 133 29.19 -26.80 5.84
N GLU A 134 28.38 -26.17 6.68
CA GLU A 134 26.97 -25.96 6.34
C GLU A 134 26.83 -25.01 5.16
N VAL A 135 27.69 -23.99 5.07
CA VAL A 135 27.67 -23.08 3.93
C VAL A 135 27.99 -23.84 2.65
N GLU A 136 28.99 -24.72 2.70
CA GLU A 136 29.32 -25.53 1.54
C GLU A 136 28.15 -26.42 1.15
N THR A 137 27.47 -27.00 2.15
CA THR A 137 26.33 -27.87 1.88
C THR A 137 25.19 -27.12 1.21
N LEU A 138 24.87 -25.93 1.72
CA LEU A 138 23.65 -25.25 1.31
C LEU A 138 23.85 -24.25 0.17
N PHE A 139 25.07 -23.78 -0.07
CA PHE A 139 25.36 -22.81 -1.13
C PHE A 139 26.56 -23.30 -1.93
N PRO A 140 26.36 -24.34 -2.75
CA PRO A 140 27.50 -24.95 -3.46
C PRO A 140 28.12 -24.07 -4.53
N LEU A 141 27.41 -23.06 -5.03
CA LEU A 141 27.91 -22.24 -6.12
C LEU A 141 28.69 -21.02 -5.64
N ASN A 142 28.90 -20.88 -4.34
CA ASN A 142 29.77 -19.81 -3.85
C ASN A 142 31.20 -20.07 -4.28
N LYS A 143 31.87 -19.01 -4.73
CA LYS A 143 33.23 -19.11 -5.24
C LYS A 143 34.27 -18.76 -4.19
N GLY A 144 33.84 -18.52 -2.96
CA GLY A 144 34.75 -18.18 -1.88
C GLY A 144 34.01 -17.75 -0.63
N ILE A 145 34.71 -17.77 0.50
CA ILE A 145 34.13 -17.40 1.78
C ILE A 145 35.06 -16.40 2.46
N SER A 146 34.49 -15.33 2.99
CA SER A 146 35.20 -14.41 3.86
C SER A 146 34.58 -14.47 5.24
N VAL A 147 35.41 -14.30 6.26
CA VAL A 147 34.97 -14.34 7.65
C VAL A 147 35.32 -12.98 8.25
N GLN A 148 34.32 -12.10 8.37
CA GLN A 148 34.51 -10.76 8.90
C GLN A 148 34.29 -10.79 10.40
N SER A 149 35.34 -10.48 11.17
CA SER A 149 35.26 -10.56 12.63
C SER A 149 34.51 -9.37 13.19
N GLU A 150 33.59 -9.64 14.11
CA GLU A 150 32.96 -8.61 14.92
C GLU A 150 33.71 -8.48 16.24
N CYS A 151 33.28 -7.54 17.07
CA CYS A 151 34.01 -7.18 18.28
C CYS A 151 34.39 -8.36 19.17
N PRO A 152 33.49 -9.29 19.52
CA PRO A 152 33.87 -10.35 20.47
C PRO A 152 34.95 -11.29 19.96
N ILE A 153 35.14 -11.39 18.64
CA ILE A 153 36.07 -12.38 18.10
C ILE A 153 37.49 -12.10 18.57
N GLY A 154 37.92 -10.84 18.50
CA GLY A 154 39.26 -10.49 18.93
C GLY A 154 39.46 -10.40 20.42
N LEU A 155 38.38 -10.45 21.20
CA LEU A 155 38.47 -10.32 22.65
C LEU A 155 38.44 -11.66 23.37
N ILE A 156 37.84 -12.70 22.78
CA ILE A 156 37.77 -14.00 23.42
C ILE A 156 38.91 -14.92 23.00
N GLY A 157 39.83 -14.45 22.17
CA GLY A 157 40.97 -15.25 21.78
C GLY A 157 40.71 -16.26 20.69
N ASP A 158 39.70 -16.02 19.85
CA ASP A 158 39.41 -16.92 18.75
C ASP A 158 40.49 -16.82 17.68
N ASP A 159 40.82 -17.96 17.07
CA ASP A 159 41.84 -18.05 16.02
C ASP A 159 41.12 -18.42 14.73
N ILE A 160 40.64 -17.39 14.02
CA ILE A 160 39.95 -17.64 12.75
C ILE A 160 40.90 -17.90 11.61
N GLU A 161 42.16 -17.48 11.73
CA GLU A 161 43.14 -17.74 10.68
C GLU A 161 43.40 -19.23 10.50
N SER A 162 43.60 -19.94 11.62
CA SER A 162 43.84 -21.38 11.55
C SER A 162 42.63 -22.12 11.02
N VAL A 163 41.43 -21.73 11.45
CA VAL A 163 40.21 -22.34 10.95
C VAL A 163 40.08 -22.11 9.45
N SER A 164 40.36 -20.88 9.00
CA SER A 164 40.29 -20.57 7.58
C SER A 164 41.28 -21.41 6.80
N LYS A 165 42.51 -21.53 7.29
CA LYS A 165 43.52 -22.33 6.59
C LYS A 165 43.10 -23.79 6.49
N VAL A 166 42.64 -24.36 7.60
CA VAL A 166 42.30 -25.78 7.63
C VAL A 166 41.11 -26.06 6.72
N LYS A 167 40.05 -25.24 6.83
CA LYS A 167 38.87 -25.47 6.02
C LYS A 167 39.13 -25.20 4.54
N GLY A 168 39.97 -24.20 4.22
CA GLY A 168 40.30 -23.94 2.84
C GLY A 168 41.12 -25.06 2.22
N ALA A 169 42.05 -25.64 2.99
CA ALA A 169 42.78 -26.80 2.50
C ALA A 169 41.85 -28.00 2.32
N GLU A 170 40.92 -28.20 3.26
CA GLU A 170 40.04 -29.36 3.19
C GLU A 170 39.07 -29.26 2.02
N LEU A 171 38.49 -28.08 1.79
CA LEU A 171 37.47 -27.90 0.78
C LEU A 171 38.01 -27.31 -0.52
N SER A 172 39.32 -27.05 -0.61
CA SER A 172 39.92 -26.43 -1.79
C SER A 172 39.22 -25.12 -2.13
N LYS A 173 38.89 -24.35 -1.10
CA LYS A 173 38.12 -23.13 -1.24
C LYS A 173 38.88 -21.96 -0.61
N THR A 174 38.77 -20.80 -1.24
CA THR A 174 39.40 -19.60 -0.69
C THR A 174 38.58 -19.10 0.49
N ILE A 175 39.19 -19.15 1.67
CA ILE A 175 38.57 -18.64 2.90
C ILE A 175 39.47 -17.54 3.45
N VAL A 176 38.95 -16.33 3.50
CA VAL A 176 39.70 -15.12 3.83
C VAL A 176 39.29 -14.69 5.24
N PRO A 177 40.16 -14.82 6.24
CA PRO A 177 39.85 -14.31 7.57
C PRO A 177 40.19 -12.83 7.67
N VAL A 178 39.22 -12.02 8.06
CA VAL A 178 39.39 -10.58 8.19
C VAL A 178 39.20 -10.22 9.66
N ARG A 179 40.25 -9.69 10.27
CA ARG A 179 40.21 -9.25 11.67
C ARG A 179 39.74 -7.79 11.71
N CYS A 180 38.46 -7.61 11.39
CA CYS A 180 37.84 -6.30 11.31
C CYS A 180 36.98 -6.01 12.53
N GLU A 181 37.46 -6.40 13.72
CA GLU A 181 36.72 -6.13 14.95
C GLU A 181 36.44 -4.64 15.08
N GLY A 182 35.22 -4.32 15.51
CA GLY A 182 34.77 -2.95 15.48
C GLY A 182 35.57 -2.01 16.34
N PHE A 183 36.10 -2.50 17.47
CA PHE A 183 36.89 -1.65 18.36
C PHE A 183 38.25 -1.30 17.77
N ARG A 184 38.69 -1.99 16.72
CA ARG A 184 39.98 -1.67 16.12
C ARG A 184 39.93 -0.30 15.43
N GLY A 185 41.01 0.45 15.60
CA GLY A 185 41.08 1.76 14.98
C GLY A 185 40.11 2.76 15.59
N VAL A 186 39.82 3.80 14.82
CA VAL A 186 38.93 4.86 15.25
C VAL A 186 37.73 5.03 14.35
N SER A 187 37.67 4.36 13.22
CA SER A 187 36.61 4.56 12.23
C SER A 187 36.68 3.42 11.22
N GLN A 188 35.93 3.58 10.12
CA GLN A 188 35.94 2.61 9.03
C GLN A 188 37.24 2.60 8.24
N SER A 189 38.12 3.59 8.43
CA SER A 189 39.35 3.66 7.65
C SER A 189 40.26 2.46 7.95
N LEU A 190 40.40 2.10 9.22
CA LEU A 190 41.17 0.91 9.54
C LEU A 190 40.49 -0.34 9.03
N GLY A 191 39.16 -0.34 8.94
CA GLY A 191 38.47 -1.44 8.30
C GLY A 191 38.82 -1.57 6.83
N HIS A 192 38.90 -0.43 6.12
CA HIS A 192 39.37 -0.45 4.74
C HIS A 192 40.77 -1.02 4.65
N HIS A 193 41.66 -0.59 5.55
CA HIS A 193 43.04 -1.05 5.50
C HIS A 193 43.12 -2.56 5.76
N ILE A 194 42.38 -3.04 6.76
CA ILE A 194 42.40 -4.46 7.10
C ILE A 194 41.82 -5.30 5.97
N ALA A 195 40.73 -4.82 5.35
CA ALA A 195 40.15 -5.54 4.23
C ALA A 195 41.09 -5.57 3.03
N ASN A 196 41.79 -4.46 2.77
CA ASN A 196 42.76 -4.43 1.67
C ASN A 196 43.91 -5.39 1.95
N ASP A 197 44.37 -5.45 3.20
CA ASP A 197 45.42 -6.39 3.55
C ASP A 197 44.96 -7.82 3.36
N ALA A 198 43.71 -8.12 3.73
CA ALA A 198 43.16 -9.45 3.51
C ALA A 198 43.07 -9.79 2.03
N VAL A 199 42.66 -8.82 1.21
CA VAL A 199 42.63 -9.02 -0.24
C VAL A 199 44.02 -9.35 -0.75
N ARG A 200 45.02 -8.58 -0.32
CA ARG A 200 46.38 -8.80 -0.77
C ARG A 200 46.90 -10.16 -0.33
N ASP A 201 46.60 -10.56 0.89
CA ASP A 201 47.20 -11.77 1.45
C ASP A 201 46.52 -13.05 0.98
N TRP A 202 45.22 -13.01 0.67
CA TRP A 202 44.49 -14.23 0.43
C TRP A 202 43.89 -14.38 -0.96
N VAL A 203 43.69 -13.28 -1.70
CA VAL A 203 42.99 -13.32 -2.98
C VAL A 203 43.85 -12.79 -4.12
N LEU A 204 44.57 -11.68 -3.89
CA LEU A 204 45.18 -10.94 -4.99
C LEU A 204 46.22 -11.78 -5.74
N GLY A 205 47.03 -12.53 -5.00
CA GLY A 205 48.13 -13.25 -5.62
C GLY A 205 47.82 -14.68 -6.01
N LYS A 206 46.54 -15.02 -6.12
CA LYS A 206 46.15 -16.39 -6.40
C LYS A 206 46.64 -16.85 -7.78
N ARG A 207 46.57 -15.98 -8.78
CA ARG A 207 46.98 -16.31 -10.14
C ARG A 207 48.34 -15.74 -10.48
N ASP A 208 49.26 -15.69 -9.50
CA ASP A 208 50.60 -15.17 -9.76
C ASP A 208 51.34 -16.05 -10.78
N GLU A 209 51.20 -17.36 -10.67
CA GLU A 209 51.88 -18.30 -11.56
C GLU A 209 51.06 -18.67 -12.78
N ASP A 210 49.86 -18.10 -12.93
CA ASP A 210 48.97 -18.42 -14.04
C ASP A 210 49.17 -17.39 -15.15
N THR A 211 49.56 -17.86 -16.34
CA THR A 211 49.74 -17.00 -17.50
C THR A 211 48.73 -17.29 -18.59
N THR A 212 47.65 -18.01 -18.28
CA THR A 212 46.68 -18.39 -19.29
C THR A 212 45.79 -17.23 -19.72
N PHE A 213 45.66 -16.20 -18.88
CA PHE A 213 44.84 -15.06 -19.23
C PHE A 213 45.50 -14.24 -20.33
N ALA A 214 44.74 -13.93 -21.38
CA ALA A 214 45.25 -13.15 -22.50
C ALA A 214 45.12 -11.67 -22.20
N SER A 215 46.23 -10.95 -22.24
CA SER A 215 46.26 -9.53 -21.92
C SER A 215 46.40 -8.69 -23.19
N THR A 216 45.80 -7.51 -23.15
CA THR A 216 45.85 -6.52 -24.22
C THR A 216 46.46 -5.24 -23.66
N PRO A 217 47.00 -4.37 -24.52
CA PRO A 217 47.61 -3.12 -24.04
C PRO A 217 46.62 -2.19 -23.36
N TYR A 218 45.32 -2.38 -23.55
CA TYR A 218 44.29 -1.49 -23.03
C TYR A 218 43.56 -2.10 -21.84
N ASP A 219 44.28 -2.84 -21.01
CA ASP A 219 43.70 -3.52 -19.86
C ASP A 219 43.75 -2.60 -18.64
N VAL A 220 42.58 -2.29 -18.09
CA VAL A 220 42.48 -1.45 -16.91
C VAL A 220 41.62 -2.18 -15.88
N ALA A 221 41.84 -1.81 -14.62
CA ALA A 221 41.01 -2.28 -13.50
C ALA A 221 40.40 -1.07 -12.83
N ILE A 222 39.17 -1.23 -12.35
CA ILE A 222 38.46 -0.17 -11.61
C ILE A 222 38.51 -0.54 -10.13
N ILE A 223 39.25 0.23 -9.35
CA ILE A 223 39.48 -0.05 -7.94
C ILE A 223 38.83 1.05 -7.12
N GLY A 224 38.10 0.65 -6.07
CA GLY A 224 37.49 1.61 -5.18
C GLY A 224 36.14 2.14 -5.60
N ASP A 225 35.58 1.64 -6.71
CA ASP A 225 34.22 1.98 -7.10
C ASP A 225 33.30 0.86 -6.65
N TYR A 226 32.34 1.20 -5.80
CA TYR A 226 31.46 0.22 -5.19
C TYR A 226 30.08 0.19 -5.81
N ASN A 227 29.91 0.80 -6.99
CA ASN A 227 28.71 0.66 -7.80
C ASN A 227 27.46 1.08 -7.03
N ILE A 228 27.56 2.19 -6.30
CA ILE A 228 26.43 2.70 -5.52
C ILE A 228 25.38 3.20 -6.51
N GLY A 229 24.27 2.47 -6.61
CA GLY A 229 23.26 2.81 -7.58
C GLY A 229 23.67 2.61 -9.02
N GLY A 230 24.72 1.84 -9.26
CA GLY A 230 25.22 1.64 -10.61
C GLY A 230 26.28 2.62 -11.06
N ASP A 231 26.98 3.26 -10.11
CA ASP A 231 28.01 4.23 -10.48
C ASP A 231 29.13 3.58 -11.28
N ALA A 232 29.59 2.41 -10.84
CA ALA A 232 30.69 1.73 -11.53
C ALA A 232 30.30 1.31 -12.94
N TRP A 233 29.04 0.92 -13.16
CA TRP A 233 28.60 0.59 -14.52
C TRP A 233 28.62 1.82 -15.43
N SER A 234 28.19 2.96 -14.90
CA SER A 234 28.20 4.20 -15.68
C SER A 234 29.61 4.66 -15.98
N SER A 235 30.56 4.39 -15.08
CA SER A 235 31.95 4.69 -15.40
C SER A 235 32.53 3.69 -16.40
N ARG A 236 32.17 2.42 -16.25
CA ARG A 236 32.74 1.36 -17.08
C ARG A 236 32.28 1.48 -18.52
N ILE A 237 31.03 1.92 -18.74
CA ILE A 237 30.56 2.08 -20.11
C ILE A 237 31.35 3.19 -20.82
N LEU A 238 31.67 4.27 -20.09
CA LEU A 238 32.48 5.34 -20.66
C LEU A 238 33.91 4.85 -20.93
N LEU A 239 34.46 4.06 -20.00
CA LEU A 239 35.82 3.55 -20.19
C LEU A 239 35.91 2.62 -21.38
N GLU A 240 34.91 1.74 -21.56
CA GLU A 240 34.95 0.78 -22.66
C GLU A 240 34.58 1.42 -23.99
N GLU A 241 33.75 2.47 -23.97
CA GLU A 241 33.52 3.24 -25.20
C GLU A 241 34.78 3.95 -25.66
N MET A 242 35.77 4.10 -24.78
CA MET A 242 37.05 4.72 -25.08
C MET A 242 38.03 3.76 -25.72
N GLY A 243 37.66 2.48 -25.88
CA GLY A 243 38.55 1.48 -26.40
C GLY A 243 39.29 0.67 -25.35
N LEU A 244 39.05 0.93 -24.08
CA LEU A 244 39.70 0.20 -23.00
C LEU A 244 38.90 -1.04 -22.63
N ARG A 245 39.61 -2.05 -22.15
CA ARG A 245 39.01 -3.29 -21.65
C ARG A 245 39.11 -3.29 -20.14
N CYS A 246 37.96 -3.18 -19.47
CA CYS A 246 37.91 -3.19 -18.00
C CYS A 246 37.91 -4.64 -17.54
N VAL A 247 39.11 -5.17 -17.28
CA VAL A 247 39.24 -6.56 -16.86
C VAL A 247 38.66 -6.77 -15.47
N ALA A 248 38.97 -5.86 -14.54
CA ALA A 248 38.56 -6.01 -13.15
C ALA A 248 37.78 -4.78 -12.71
N GLN A 249 36.75 -5.02 -11.89
CA GLN A 249 35.96 -3.95 -11.29
C GLN A 249 35.50 -4.45 -9.94
N TRP A 250 36.14 -3.97 -8.87
CA TRP A 250 35.76 -4.36 -7.52
C TRP A 250 35.84 -3.13 -6.62
N SER A 251 35.03 -3.13 -5.55
CA SER A 251 34.19 -4.23 -5.08
C SER A 251 32.80 -4.26 -5.70
N GLY A 252 32.28 -3.10 -6.10
CA GLY A 252 30.94 -3.02 -6.65
C GLY A 252 30.76 -3.88 -7.89
N ASP A 253 29.76 -4.77 -7.86
CA ASP A 253 29.53 -5.77 -8.91
C ASP A 253 30.76 -6.62 -9.17
N GLY A 254 31.65 -6.73 -8.18
CA GLY A 254 32.90 -7.44 -8.36
C GLY A 254 32.80 -8.91 -8.01
N SER A 255 33.53 -9.72 -8.77
CA SER A 255 33.68 -11.14 -8.48
C SER A 255 35.10 -11.42 -8.06
N ILE A 256 35.29 -12.58 -7.41
CA ILE A 256 36.62 -12.95 -6.93
C ILE A 256 37.58 -13.17 -8.09
N SER A 257 37.07 -13.66 -9.23
CA SER A 257 37.93 -13.87 -10.40
C SER A 257 38.48 -12.54 -10.92
N GLU A 258 37.66 -11.49 -10.87
CA GLU A 258 38.15 -10.17 -11.29
C GLU A 258 39.27 -9.67 -10.38
N ILE A 259 39.12 -9.88 -9.08
CA ILE A 259 40.19 -9.51 -8.15
C ILE A 259 41.46 -10.29 -8.46
N GLU A 260 41.31 -11.59 -8.73
CA GLU A 260 42.49 -12.40 -9.07
C GLU A 260 43.12 -11.98 -10.39
N LEU A 261 42.31 -11.46 -11.33
CA LEU A 261 42.80 -11.03 -12.63
C LEU A 261 43.36 -9.60 -12.60
N THR A 262 43.07 -8.84 -11.55
CA THR A 262 43.60 -7.47 -11.45
C THR A 262 45.11 -7.35 -11.64
N PRO A 263 45.97 -8.25 -11.10
CA PRO A 263 47.41 -8.10 -11.34
C PRO A 263 47.84 -8.22 -12.80
N LYS A 264 46.91 -8.58 -13.69
CA LYS A 264 47.22 -8.76 -15.10
C LYS A 264 46.92 -7.52 -15.93
N VAL A 265 46.34 -6.47 -15.34
CA VAL A 265 45.92 -5.30 -16.11
C VAL A 265 47.11 -4.38 -16.34
N LYS A 266 46.95 -3.43 -17.27
CA LYS A 266 47.99 -2.45 -17.55
C LYS A 266 47.87 -1.19 -16.69
N LEU A 267 46.65 -0.80 -16.32
CA LEU A 267 46.45 0.41 -15.54
C LEU A 267 45.43 0.16 -14.45
N ASN A 268 45.61 0.82 -13.31
CA ASN A 268 44.64 0.81 -12.23
C ASN A 268 44.02 2.18 -12.09
N LEU A 269 42.69 2.24 -12.16
CA LEU A 269 41.93 3.48 -12.04
C LEU A 269 41.22 3.43 -10.70
N VAL A 270 41.70 4.25 -9.76
CA VAL A 270 41.20 4.24 -8.39
C VAL A 270 40.18 5.35 -8.24
N HIS A 271 38.93 4.99 -7.96
CA HIS A 271 37.91 5.98 -7.69
C HIS A 271 38.01 6.49 -6.26
N CYS A 272 37.88 5.59 -5.28
CA CYS A 272 38.02 5.94 -3.87
C CYS A 272 39.47 5.70 -3.46
N TYR A 273 40.25 6.77 -3.42
CA TYR A 273 41.65 6.66 -2.99
C TYR A 273 41.74 6.19 -1.54
N ARG A 274 40.82 6.65 -0.69
CA ARG A 274 40.91 6.40 0.74
C ARG A 274 40.87 4.90 1.05
N SER A 275 39.99 4.17 0.40
CA SER A 275 39.77 2.77 0.74
C SER A 275 40.67 1.79 -0.01
N MET A 276 41.32 2.22 -1.10
CA MET A 276 42.11 1.31 -1.92
C MET A 276 43.52 1.80 -2.22
N ASN A 277 43.99 2.87 -1.57
CA ASN A 277 45.35 3.32 -1.79
C ASN A 277 46.36 2.26 -1.37
N TYR A 278 46.06 1.51 -0.33
CA TYR A 278 46.96 0.45 0.13
C TYR A 278 47.17 -0.59 -0.95
N ILE A 279 46.07 -1.12 -1.49
CA ILE A 279 46.16 -2.17 -2.51
C ILE A 279 46.75 -1.61 -3.80
N SER A 280 46.46 -0.36 -4.14
CA SER A 280 47.04 0.24 -5.34
C SER A 280 48.56 0.35 -5.22
N ARG A 281 49.03 0.83 -4.06
CA ARG A 281 50.47 0.93 -3.84
C ARG A 281 51.12 -0.44 -3.83
N HIS A 282 50.48 -1.43 -3.23
CA HIS A 282 51.03 -2.78 -3.21
C HIS A 282 51.14 -3.34 -4.63
N MET A 283 50.10 -3.13 -5.45
CA MET A 283 50.14 -3.64 -6.81
C MET A 283 51.21 -2.93 -7.63
N GLU A 284 51.39 -1.63 -7.43
CA GLU A 284 52.47 -0.91 -8.11
C GLU A 284 53.82 -1.44 -7.69
N GLU A 285 54.00 -1.72 -6.39
CA GLU A 285 55.29 -2.20 -5.91
C GLU A 285 55.59 -3.61 -6.41
N LYS A 286 54.57 -4.47 -6.47
CA LYS A 286 54.79 -5.88 -6.77
C LYS A 286 54.73 -6.17 -8.27
N TYR A 287 53.61 -5.85 -8.91
CA TYR A 287 53.43 -6.17 -10.32
C TYR A 287 53.83 -5.04 -11.25
N GLY A 288 54.28 -3.91 -10.70
CA GLY A 288 54.64 -2.77 -11.53
C GLY A 288 53.49 -2.18 -12.31
N ILE A 289 52.29 -2.18 -11.74
CA ILE A 289 51.10 -1.65 -12.41
C ILE A 289 50.91 -0.21 -11.97
N PRO A 290 51.00 0.76 -12.88
CA PRO A 290 50.70 2.14 -12.49
C PRO A 290 49.23 2.30 -12.14
N TRP A 291 48.98 3.18 -11.17
CA TRP A 291 47.64 3.48 -10.72
C TRP A 291 47.46 4.99 -10.65
N MET A 292 46.21 5.43 -10.82
CA MET A 292 45.93 6.86 -10.75
C MET A 292 44.45 7.05 -10.45
N GLU A 293 44.15 8.22 -9.87
CA GLU A 293 42.81 8.56 -9.45
C GLU A 293 42.04 9.22 -10.59
N TYR A 294 40.78 8.82 -10.74
CA TYR A 294 39.89 9.42 -11.72
C TYR A 294 38.63 9.91 -11.03
N ASN A 295 38.02 10.94 -11.61
CA ASN A 295 36.82 11.56 -11.04
C ASN A 295 35.79 11.72 -12.15
N PHE A 296 34.78 10.85 -12.15
CA PHE A 296 33.71 10.89 -13.15
C PHE A 296 32.45 11.55 -12.60
N PHE A 297 32.60 12.55 -11.74
CA PHE A 297 31.48 13.22 -11.10
C PHE A 297 31.34 14.60 -11.74
N GLY A 298 30.36 14.74 -12.64
CA GLY A 298 30.16 15.97 -13.37
C GLY A 298 30.85 15.95 -14.71
N PRO A 299 30.26 16.61 -15.71
CA PRO A 299 30.83 16.55 -17.06
C PRO A 299 32.25 17.09 -17.17
N THR A 300 32.58 18.15 -16.43
CA THR A 300 33.92 18.71 -16.51
C THR A 300 34.95 17.73 -15.95
N LYS A 301 34.70 17.22 -14.75
CA LYS A 301 35.61 16.25 -14.16
C LYS A 301 35.66 14.97 -14.98
N THR A 302 34.50 14.54 -15.51
CA THR A 302 34.48 13.33 -16.33
C THR A 302 35.32 13.49 -17.58
N ILE A 303 35.19 14.63 -18.26
CA ILE A 303 35.96 14.88 -19.48
C ILE A 303 37.46 14.95 -19.16
N GLU A 304 37.80 15.67 -18.09
CA GLU A 304 39.21 15.78 -17.71
C GLU A 304 39.80 14.42 -17.36
N SER A 305 39.05 13.61 -16.60
CA SER A 305 39.52 12.28 -16.25
C SER A 305 39.64 11.38 -17.47
N LEU A 306 38.68 11.45 -18.39
CA LEU A 306 38.76 10.64 -19.60
C LEU A 306 39.98 10.99 -20.43
N ARG A 307 40.26 12.29 -20.57
CA ARG A 307 41.44 12.71 -21.31
C ARG A 307 42.72 12.27 -20.61
N ALA A 308 42.76 12.38 -19.27
CA ALA A 308 43.93 11.92 -18.53
C ALA A 308 44.14 10.41 -18.70
N ILE A 309 43.05 9.64 -18.70
CA ILE A 309 43.16 8.20 -18.87
C ILE A 309 43.64 7.87 -20.28
N ALA A 310 43.07 8.54 -21.28
CA ALA A 310 43.48 8.29 -22.67
C ALA A 310 44.93 8.69 -22.91
N ALA A 311 45.43 9.69 -22.17
CA ALA A 311 46.83 10.09 -22.33
C ALA A 311 47.81 9.00 -21.91
N LYS A 312 47.36 8.00 -21.15
CA LYS A 312 48.20 6.88 -20.74
C LYS A 312 48.33 5.82 -21.82
N PHE A 313 47.60 5.96 -22.93
CA PHE A 313 47.62 4.95 -23.99
C PHE A 313 47.98 5.58 -25.33
N ASP A 314 47.84 4.83 -26.41
CA ASP A 314 48.27 5.30 -27.72
C ASP A 314 47.27 6.33 -28.27
N GLU A 315 47.54 6.76 -29.51
CA GLU A 315 46.73 7.82 -30.12
C GLU A 315 45.33 7.33 -30.47
N SER A 316 45.16 6.03 -30.71
CA SER A 316 43.84 5.50 -31.00
C SER A 316 42.90 5.67 -29.81
N ILE A 317 43.41 5.44 -28.60
CA ILE A 317 42.60 5.61 -27.40
C ILE A 317 42.23 7.08 -27.21
N GLN A 318 43.16 7.99 -27.50
CA GLN A 318 42.85 9.42 -27.40
C GLN A 318 41.80 9.83 -28.42
N LYS A 319 41.88 9.30 -29.64
CA LYS A 319 40.86 9.57 -30.65
C LYS A 319 39.49 9.06 -30.20
N LYS A 320 39.45 7.85 -29.65
CA LYS A 320 38.19 7.32 -29.13
C LYS A 320 37.67 8.15 -27.96
N CYS A 321 38.58 8.67 -27.12
CA CYS A 321 38.16 9.53 -26.02
C CYS A 321 37.52 10.81 -26.53
N GLU A 322 38.13 11.41 -27.56
CA GLU A 322 37.52 12.61 -28.15
C GLU A 322 36.19 12.29 -28.78
N GLU A 323 36.07 11.11 -29.40
CA GLU A 323 34.78 10.70 -29.97
C GLU A 323 33.72 10.55 -28.89
N VAL A 324 34.08 9.96 -27.75
CA VAL A 324 33.13 9.78 -26.66
C VAL A 324 32.72 11.13 -26.09
N ILE A 325 33.69 12.04 -25.91
CA ILE A 325 33.39 13.37 -25.39
C ILE A 325 32.45 14.11 -26.34
N ALA A 326 32.72 14.03 -27.65
CA ALA A 326 31.85 14.68 -28.62
C ALA A 326 30.44 14.07 -28.60
N LYS A 327 30.37 12.74 -28.48
CA LYS A 327 29.06 12.08 -28.47
C LYS A 327 28.23 12.51 -27.25
N TYR A 328 28.86 12.60 -26.09
CA TYR A 328 28.12 12.91 -24.87
C TYR A 328 28.00 14.40 -24.57
N LYS A 329 28.68 15.26 -25.33
CA LYS A 329 28.58 16.69 -25.08
C LYS A 329 27.16 17.23 -25.19
N PRO A 330 26.38 16.92 -26.23
CA PRO A 330 25.00 17.47 -26.28
C PRO A 330 24.13 17.04 -25.12
N GLU A 331 24.31 15.82 -24.60
CA GLU A 331 23.44 15.34 -23.53
C GLU A 331 23.64 16.14 -22.24
N TRP A 332 24.90 16.27 -21.79
CA TRP A 332 25.12 17.01 -20.56
C TRP A 332 24.96 18.50 -20.78
N GLU A 333 25.15 18.99 -22.02
CA GLU A 333 24.84 20.38 -22.30
C GLU A 333 23.34 20.65 -22.17
N ALA A 334 22.51 19.73 -22.66
CA ALA A 334 21.07 19.86 -22.48
C ALA A 334 20.68 19.78 -21.01
N VAL A 335 21.32 18.89 -20.26
CA VAL A 335 21.04 18.79 -18.82
C VAL A 335 21.38 20.09 -18.12
N VAL A 336 22.54 20.67 -18.46
CA VAL A 336 22.93 21.95 -17.88
C VAL A 336 21.94 23.04 -18.26
N ALA A 337 21.58 23.12 -19.54
CA ALA A 337 20.64 24.14 -19.99
C ALA A 337 19.31 24.02 -19.27
N LYS A 338 18.90 22.79 -18.95
CA LYS A 338 17.64 22.61 -18.25
C LYS A 338 17.74 22.98 -16.77
N TYR A 339 18.83 22.61 -16.10
CA TYR A 339 18.84 22.65 -14.64
C TYR A 339 19.70 23.74 -14.02
N ARG A 340 20.75 24.21 -14.69
CA ARG A 340 21.58 25.29 -14.13
C ARG A 340 20.79 26.55 -13.82
N PRO A 341 19.87 27.03 -14.66
CA PRO A 341 19.10 28.23 -14.28
C PRO A 341 18.35 28.09 -12.97
N ARG A 342 17.89 26.88 -12.64
CA ARG A 342 17.19 26.63 -11.40
C ARG A 342 18.12 26.39 -10.21
N LEU A 343 19.43 26.32 -10.45
CA LEU A 343 20.38 26.00 -9.39
C LEU A 343 21.52 27.01 -9.27
N GLU A 344 21.47 28.11 -10.02
CA GLU A 344 22.54 29.09 -9.97
C GLU A 344 22.58 29.81 -8.62
N GLY A 345 23.79 29.97 -8.09
CA GLY A 345 23.98 30.75 -6.88
C GLY A 345 23.38 30.15 -5.62
N LYS A 346 23.44 28.84 -5.45
CA LYS A 346 22.95 28.17 -4.25
C LYS A 346 24.11 27.53 -3.52
N ARG A 347 24.20 27.77 -2.22
CA ARG A 347 25.33 27.35 -1.42
C ARG A 347 25.07 25.99 -0.78
N VAL A 348 26.12 25.15 -0.75
CA VAL A 348 26.02 23.76 -0.34
C VAL A 348 27.04 23.48 0.76
N MET A 349 26.60 22.74 1.77
CA MET A 349 27.47 22.22 2.81
C MET A 349 27.44 20.70 2.76
N LEU A 350 28.61 20.07 2.81
CA LEU A 350 28.71 18.63 2.64
C LEU A 350 29.44 18.00 3.82
N TYR A 351 29.06 16.76 4.14
CA TYR A 351 29.79 15.97 5.13
C TYR A 351 29.54 14.50 4.82
N ILE A 352 30.52 13.87 4.17
CA ILE A 352 30.46 12.46 3.80
C ILE A 352 31.74 11.79 4.30
N GLY A 353 31.89 10.51 4.00
CA GLY A 353 32.88 9.70 4.69
C GLY A 353 34.35 9.99 4.41
N GLY A 354 34.87 9.61 3.25
CA GLY A 354 36.28 9.86 2.99
C GLY A 354 36.70 10.28 1.59
N LEU A 355 35.79 10.22 0.62
CA LEU A 355 36.16 10.60 -0.74
C LEU A 355 35.26 11.70 -1.28
N ARG A 356 33.96 11.50 -1.16
CA ARG A 356 32.92 12.34 -1.76
C ARG A 356 32.89 13.80 -1.29
N PRO A 357 33.32 14.13 -0.07
CA PRO A 357 33.34 15.55 0.31
C PRO A 357 34.18 16.43 -0.59
N ARG A 358 35.18 15.89 -1.29
CA ARG A 358 35.95 16.66 -2.25
C ARG A 358 35.68 16.26 -3.70
N HIS A 359 35.19 15.05 -3.94
CA HIS A 359 35.03 14.57 -5.31
C HIS A 359 33.83 15.20 -6.02
N VAL A 360 32.75 15.46 -5.27
CA VAL A 360 31.49 15.89 -5.89
C VAL A 360 31.42 17.40 -6.08
N ILE A 361 32.45 18.15 -5.71
CA ILE A 361 32.40 19.60 -5.82
C ILE A 361 32.27 20.04 -7.28
N GLY A 362 33.01 19.39 -8.18
CA GLY A 362 33.02 19.80 -9.57
C GLY A 362 31.66 19.75 -10.22
N ALA A 363 30.86 18.73 -9.89
CA ALA A 363 29.51 18.65 -10.46
C ALA A 363 28.62 19.75 -9.93
N TYR A 364 28.78 20.13 -8.66
CA TYR A 364 28.03 21.26 -8.12
C TYR A 364 28.41 22.55 -8.84
N GLU A 365 29.71 22.76 -9.10
CA GLU A 365 30.11 23.94 -9.87
C GLU A 365 29.61 23.87 -11.30
N ASP A 366 29.43 22.67 -11.84
CA ASP A 366 28.92 22.52 -13.20
C ASP A 366 27.48 23.04 -13.29
N LEU A 367 26.73 22.92 -12.20
CA LEU A 367 25.34 23.37 -12.17
C LEU A 367 25.19 24.80 -11.66
N GLY A 368 26.28 25.46 -11.31
CA GLY A 368 26.22 26.83 -10.83
C GLY A 368 26.11 27.00 -9.34
N MET A 369 26.42 25.97 -8.56
CA MET A 369 26.29 25.99 -7.11
C MET A 369 27.67 26.02 -6.47
N GLU A 370 27.79 26.78 -5.38
CA GLU A 370 29.04 26.96 -4.67
C GLU A 370 29.02 26.19 -3.36
N VAL A 371 30.15 25.57 -3.03
CA VAL A 371 30.29 24.79 -1.80
C VAL A 371 31.02 25.63 -0.76
N VAL A 372 30.43 25.77 0.41
CA VAL A 372 30.98 26.61 1.47
C VAL A 372 31.44 25.82 2.69
N GLY A 373 30.97 24.58 2.87
CA GLY A 373 31.41 23.77 3.98
C GLY A 373 31.61 22.33 3.58
N THR A 374 32.68 21.71 4.07
CA THR A 374 32.96 20.32 3.76
C THR A 374 33.67 19.69 4.95
N GLY A 375 33.64 18.35 4.98
CA GLY A 375 34.27 17.66 6.08
C GLY A 375 34.20 16.16 5.87
N TYR A 376 34.91 15.45 6.74
CA TYR A 376 35.07 14.01 6.62
C TYR A 376 34.84 13.32 7.95
N GLU A 377 34.28 12.11 7.88
CA GLU A 377 34.17 11.27 9.07
C GLU A 377 35.51 10.66 9.44
N PHE A 378 36.26 10.14 8.46
CA PHE A 378 37.43 9.33 8.77
C PHE A 378 38.61 9.56 7.86
N ALA A 379 38.61 10.61 7.04
CA ALA A 379 39.69 10.79 6.07
C ALA A 379 41.01 11.08 6.75
N HIS A 380 42.10 10.75 6.05
CA HIS A 380 43.44 11.01 6.54
C HIS A 380 43.87 12.40 6.11
N ASN A 381 45.14 12.75 6.36
CA ASN A 381 45.62 14.08 6.03
C ASN A 381 45.83 14.27 4.53
N ASP A 382 46.09 13.17 3.80
CA ASP A 382 46.24 13.28 2.35
C ASP A 382 44.91 13.64 1.69
N ASP A 383 43.81 13.12 2.21
CA ASP A 383 42.50 13.49 1.69
C ASP A 383 42.24 14.98 1.86
N TYR A 384 42.63 15.54 3.01
CA TYR A 384 42.48 16.97 3.21
C TYR A 384 43.45 17.76 2.34
N ASP A 385 44.65 17.21 2.10
CA ASP A 385 45.58 17.84 1.17
C ASP A 385 44.96 17.98 -0.21
N ARG A 386 44.27 16.93 -0.66
CA ARG A 386 43.54 17.01 -1.93
C ARG A 386 42.33 17.93 -1.83
N THR A 387 41.72 18.03 -0.65
CA THR A 387 40.48 18.78 -0.50
C THR A 387 40.70 20.29 -0.52
N MET A 388 41.75 20.78 0.15
CA MET A 388 41.91 22.23 0.30
C MET A 388 42.13 22.93 -1.04
N LYS A 389 42.71 22.25 -2.02
CA LYS A 389 42.83 22.85 -3.35
C LYS A 389 41.52 22.87 -4.11
N GLU A 390 40.56 22.03 -3.73
CA GLU A 390 39.26 21.97 -4.39
C GLU A 390 38.24 22.90 -3.74
N MET A 391 38.30 23.05 -2.42
CA MET A 391 37.35 23.89 -1.71
C MET A 391 37.65 25.36 -1.95
N GLY A 392 36.62 26.20 -1.82
CA GLY A 392 36.79 27.62 -1.99
C GLY A 392 37.51 28.27 -0.82
N ASP A 393 37.93 29.51 -1.05
CA ASP A 393 38.63 30.26 -0.02
C ASP A 393 37.68 30.62 1.13
N SER A 394 38.21 30.60 2.35
CA SER A 394 37.46 30.95 3.55
C SER A 394 36.21 30.08 3.71
N THR A 395 36.34 28.81 3.38
CA THR A 395 35.27 27.84 3.57
C THR A 395 35.59 26.95 4.76
N LEU A 396 34.54 26.35 5.33
CA LEU A 396 34.69 25.60 6.58
C LEU A 396 35.07 24.16 6.29
N LEU A 397 36.03 23.64 7.07
CA LEU A 397 36.44 22.24 6.99
C LEU A 397 36.28 21.62 8.37
N TYR A 398 35.58 20.49 8.42
CA TYR A 398 35.32 19.80 9.69
C TYR A 398 35.69 18.32 9.58
N ASP A 399 36.40 17.83 10.59
CA ASP A 399 36.79 16.43 10.67
C ASP A 399 36.10 15.79 11.86
N ASP A 400 35.47 14.63 11.63
CA ASP A 400 34.77 13.89 12.67
C ASP A 400 33.79 14.80 13.42
N VAL A 401 33.04 15.58 12.65
CA VAL A 401 32.16 16.57 13.24
C VAL A 401 31.10 15.89 14.11
N THR A 402 30.72 16.56 15.18
CA THR A 402 29.68 16.07 16.06
C THR A 402 28.32 16.59 15.60
N GLY A 403 27.26 16.00 16.15
CA GLY A 403 25.92 16.45 15.80
C GLY A 403 25.69 17.90 16.17
N TYR A 404 26.08 18.28 17.39
CA TYR A 404 25.92 19.66 17.83
C TYR A 404 26.79 20.61 17.00
N GLU A 405 28.03 20.21 16.72
CA GLU A 405 28.93 21.07 15.94
C GLU A 405 28.35 21.38 14.57
N PHE A 406 27.96 20.33 13.84
CA PHE A 406 27.45 20.54 12.49
C PHE A 406 26.09 21.23 12.51
N GLU A 407 25.27 20.96 13.53
CA GLU A 407 23.99 21.66 13.66
C GLU A 407 24.21 23.14 13.85
N GLU A 408 25.15 23.53 14.71
CA GLU A 408 25.43 24.94 14.94
C GLU A 408 26.06 25.59 13.70
N PHE A 409 26.94 24.86 13.01
CA PHE A 409 27.52 25.39 11.77
C PHE A 409 26.44 25.68 10.75
N VAL A 410 25.50 24.74 10.59
CA VAL A 410 24.40 24.93 9.64
C VAL A 410 23.52 26.09 10.08
N LYS A 411 23.24 26.19 11.38
CA LYS A 411 22.39 27.27 11.89
C LYS A 411 23.02 28.64 11.67
N ARG A 412 24.35 28.73 11.75
CA ARG A 412 25.03 30.02 11.61
C ARG A 412 25.55 30.28 10.20
N ILE A 413 25.40 29.33 9.27
CA ILE A 413 25.84 29.51 7.90
C ILE A 413 24.66 29.64 6.94
N LYS A 414 23.58 28.90 7.18
CA LYS A 414 22.37 28.90 6.36
C LYS A 414 22.66 28.55 4.91
N PRO A 415 23.04 27.31 4.61
CA PRO A 415 23.21 26.91 3.21
C PRO A 415 21.89 26.57 2.56
N ASP A 416 21.89 26.61 1.23
CA ASP A 416 20.70 26.22 0.46
C ASP A 416 20.51 24.70 0.41
N LEU A 417 21.57 23.93 0.63
CA LEU A 417 21.50 22.48 0.52
C LEU A 417 22.59 21.87 1.40
N ILE A 418 22.31 20.67 1.92
CA ILE A 418 23.27 19.93 2.73
C ILE A 418 23.35 18.50 2.21
N GLY A 419 24.56 18.02 1.99
CA GLY A 419 24.76 16.63 1.60
C GLY A 419 25.48 15.81 2.66
N SER A 420 24.76 14.91 3.30
CA SER A 420 25.33 14.07 4.35
C SER A 420 24.57 12.74 4.36
N GLY A 421 24.71 11.98 5.44
CA GLY A 421 24.12 10.66 5.55
C GLY A 421 22.71 10.68 6.11
N ILE A 422 22.20 9.48 6.40
CA ILE A 422 20.84 9.32 6.89
C ILE A 422 20.68 9.79 8.33
N LYS A 423 21.77 9.82 9.10
CA LYS A 423 21.69 10.21 10.50
C LYS A 423 21.60 11.71 10.70
N GLU A 424 21.77 12.50 9.64
CA GLU A 424 21.55 13.94 9.68
C GLU A 424 20.44 14.40 8.74
N LYS A 425 19.93 13.50 7.89
CA LYS A 425 18.95 13.89 6.88
C LYS A 425 17.72 14.49 7.52
N PHE A 426 17.11 13.78 8.47
CA PHE A 426 15.88 14.26 9.07
C PHE A 426 16.14 15.38 10.07
N ILE A 427 17.33 15.40 10.68
CA ILE A 427 17.71 16.53 11.54
C ILE A 427 17.66 17.82 10.74
N PHE A 428 18.25 17.83 9.55
CA PHE A 428 18.27 19.05 8.76
C PHE A 428 17.01 19.25 7.93
N GLN A 429 16.23 18.19 7.70
CA GLN A 429 14.92 18.36 7.09
C GLN A 429 13.96 19.06 8.04
N LYS A 430 14.06 18.77 9.34
CA LYS A 430 13.20 19.43 10.31
C LYS A 430 13.62 20.87 10.56
N MET A 431 14.83 21.25 10.17
CA MET A 431 15.28 22.64 10.24
C MET A 431 14.93 23.42 8.98
N GLY A 432 14.28 22.79 8.01
CA GLY A 432 13.82 23.49 6.82
C GLY A 432 14.84 23.68 5.73
N ILE A 433 15.96 22.99 5.78
CA ILE A 433 17.02 23.10 4.78
C ILE A 433 16.99 21.85 3.91
N PRO A 434 16.91 21.99 2.59
CA PRO A 434 16.89 20.81 1.72
C PRO A 434 18.12 19.94 1.93
N PHE A 435 17.91 18.63 1.90
CA PHE A 435 18.95 17.67 2.21
C PHE A 435 19.02 16.63 1.10
N ARG A 436 20.24 16.24 0.74
CA ARG A 436 20.48 15.17 -0.21
C ARG A 436 21.40 14.14 0.42
N GLU A 437 20.95 12.88 0.44
CA GLU A 437 21.78 11.81 0.97
C GLU A 437 22.95 11.58 0.02
N MET A 438 24.17 11.76 0.53
CA MET A 438 25.37 11.65 -0.28
C MET A 438 26.05 10.29 -0.15
N HIS A 439 25.47 9.36 0.62
CA HIS A 439 25.99 8.01 0.73
C HIS A 439 25.28 7.04 -0.20
N SER A 440 23.95 6.95 -0.08
CA SER A 440 23.15 6.09 -0.93
C SER A 440 22.57 6.82 -2.13
N TRP A 441 22.93 8.09 -2.33
CA TRP A 441 22.36 8.94 -3.38
C TRP A 441 20.85 9.11 -3.18
N ASP A 442 20.39 9.04 -1.93
CA ASP A 442 18.97 9.15 -1.59
C ASP A 442 18.14 8.14 -2.37
N TYR A 443 18.63 6.90 -2.42
CA TYR A 443 17.96 5.79 -3.11
C TYR A 443 17.76 6.09 -4.59
N SER A 444 18.64 6.94 -5.14
CA SER A 444 18.62 7.27 -6.55
C SER A 444 20.01 7.02 -7.13
N GLY A 445 20.24 7.48 -8.35
CA GLY A 445 21.53 7.30 -8.98
C GLY A 445 21.46 6.47 -10.23
N PRO A 446 22.61 6.21 -10.86
CA PRO A 446 23.98 6.59 -10.45
C PRO A 446 24.24 8.08 -10.59
N TYR A 447 25.34 8.58 -10.04
CA TYR A 447 25.73 9.98 -10.20
C TYR A 447 27.03 10.13 -10.99
N HIS A 448 27.73 9.05 -11.31
CA HIS A 448 28.96 9.12 -12.07
C HIS A 448 28.65 9.07 -13.57
N GLY A 449 29.56 9.63 -14.36
CA GLY A 449 29.36 9.69 -15.79
C GLY A 449 28.35 10.75 -16.18
N PHE A 450 28.03 10.77 -17.47
CA PHE A 450 27.10 11.75 -18.00
C PHE A 450 25.65 11.40 -17.65
N ASP A 451 25.28 10.13 -17.74
CA ASP A 451 23.96 9.70 -17.28
C ASP A 451 23.81 9.97 -15.78
N GLY A 452 24.85 9.68 -15.01
CA GLY A 452 24.84 10.01 -13.60
C GLY A 452 24.71 11.50 -13.35
N PHE A 453 25.35 12.31 -14.19
CA PHE A 453 25.22 13.76 -14.06
C PHE A 453 23.78 14.21 -14.32
N ALA A 454 23.13 13.62 -15.31
CA ALA A 454 21.72 13.95 -15.56
C ALA A 454 20.87 13.62 -14.35
N ILE A 455 21.06 12.42 -13.80
CA ILE A 455 20.29 12.01 -12.62
C ILE A 455 20.59 12.94 -11.44
N PHE A 456 21.86 13.30 -11.27
CA PHE A 456 22.27 14.16 -10.16
C PHE A 456 21.65 15.54 -10.27
N ALA A 457 21.65 16.12 -11.47
CA ALA A 457 21.03 17.42 -11.67
C ALA A 457 19.54 17.37 -11.42
N ARG A 458 18.87 16.32 -11.91
CA ARG A 458 17.44 16.18 -11.66
C ARG A 458 17.15 16.08 -10.16
N ASP A 459 17.95 15.30 -9.44
CA ASP A 459 17.74 15.14 -8.00
C ASP A 459 17.99 16.44 -7.26
N MET A 460 19.07 17.15 -7.60
CA MET A 460 19.35 18.43 -6.95
C MET A 460 18.20 19.40 -7.17
N ASP A 461 17.70 19.49 -8.40
CA ASP A 461 16.59 20.39 -8.68
C ASP A 461 15.33 19.98 -7.93
N MET A 462 15.02 18.68 -7.90
CA MET A 462 13.78 18.24 -7.29
C MET A 462 13.80 18.42 -5.78
N THR A 463 14.98 18.34 -5.15
CA THR A 463 15.02 18.50 -3.70
C THR A 463 15.14 19.97 -3.32
N LEU A 464 16.02 20.71 -3.98
CA LEU A 464 16.25 22.10 -3.59
C LEU A 464 15.02 22.97 -3.87
N ASN A 465 14.33 22.71 -4.97
CA ASN A 465 13.20 23.54 -5.40
C ASN A 465 11.85 22.92 -5.07
N ASN A 466 11.82 21.94 -4.17
CA ASN A 466 10.56 21.31 -3.82
C ASN A 466 9.67 22.28 -3.03
N PRO A 467 8.37 22.32 -3.30
CA PRO A 467 7.49 23.24 -2.54
C PRO A 467 7.45 22.95 -1.05
N CYS A 468 7.75 21.73 -0.62
CA CYS A 468 7.64 21.36 0.79
C CYS A 468 8.51 22.22 1.69
N TRP A 469 9.56 22.84 1.15
CA TRP A 469 10.44 23.67 1.97
C TRP A 469 9.88 25.06 2.21
N LYS A 470 8.84 25.46 1.50
CA LYS A 470 8.21 26.76 1.69
C LYS A 470 7.00 26.70 2.60
N LYS A 471 6.74 25.55 3.23
CA LYS A 471 5.52 25.33 4.00
C LYS A 471 5.78 24.99 5.45
N LEU A 472 7.01 25.20 5.95
CA LEU A 472 7.33 24.78 7.29
C LEU A 472 6.77 25.71 8.37
N GLN A 473 6.44 26.94 8.02
CA GLN A 473 5.86 27.89 8.96
C GLN A 473 4.35 27.94 8.74
N ALA A 474 3.59 27.73 9.80
CA ALA A 474 2.14 27.81 9.70
C ALA A 474 1.73 29.25 9.38
N PRO A 475 0.75 29.45 8.50
CA PRO A 475 0.35 30.82 8.15
C PRO A 475 -0.21 31.62 9.31
N TRP A 476 -0.66 30.97 10.38
CA TRP A 476 -1.14 31.67 11.57
C TRP A 476 -0.05 31.88 12.60
N GLU A 477 1.18 31.47 12.31
CA GLU A 477 2.29 31.65 13.25
C GLU A 477 3.39 32.49 12.63
N SER B 1 23.46 6.81 -22.31
CA SER B 1 22.78 7.95 -22.91
C SER B 1 21.51 8.31 -22.14
N GLN B 2 21.22 9.60 -22.06
CA GLN B 2 20.06 10.09 -21.34
C GLN B 2 19.32 11.13 -22.18
N GLN B 3 17.99 11.07 -22.14
CA GLN B 3 17.15 12.11 -22.71
C GLN B 3 16.80 13.10 -21.62
N VAL B 4 17.10 14.38 -21.87
CA VAL B 4 16.88 15.40 -20.84
C VAL B 4 15.40 15.52 -20.50
N ASP B 5 14.52 15.17 -21.45
CA ASP B 5 13.09 15.27 -21.19
C ASP B 5 12.61 14.16 -20.26
N LYS B 6 13.19 12.96 -20.38
CA LYS B 6 12.82 11.81 -19.58
C LYS B 6 14.10 11.15 -19.07
N ILE B 7 14.55 11.58 -17.90
CA ILE B 7 15.79 11.06 -17.31
C ILE B 7 15.48 9.74 -16.60
N LYS B 8 16.31 8.73 -16.86
CA LYS B 8 16.13 7.41 -16.27
C LYS B 8 17.06 7.25 -15.07
N ALA B 9 16.49 6.83 -13.94
CA ALA B 9 17.30 6.37 -12.82
C ALA B 9 17.88 5.00 -13.17
N SER B 10 18.60 4.40 -12.20
CA SER B 10 19.32 3.15 -12.46
C SER B 10 18.40 2.12 -13.10
N TYR B 11 17.20 1.95 -12.55
CA TYR B 11 16.12 1.30 -13.28
C TYR B 11 15.26 2.36 -13.94
N PRO B 12 15.04 2.29 -15.26
CA PRO B 12 15.52 1.28 -16.20
C PRO B 12 16.68 1.76 -17.06
N LEU B 13 17.55 2.63 -16.56
CA LEU B 13 18.69 3.08 -17.36
C LEU B 13 19.61 1.92 -17.72
N PHE B 14 19.81 0.99 -16.80
CA PHE B 14 20.71 -0.12 -17.06
C PHE B 14 20.05 -1.24 -17.85
N LEU B 15 18.77 -1.11 -18.19
CA LEU B 15 18.11 -2.01 -19.13
C LEU B 15 18.36 -1.62 -20.57
N ASP B 16 19.05 -0.50 -20.82
CA ASP B 16 19.36 -0.07 -22.17
C ASP B 16 20.27 -1.09 -22.85
N GLN B 17 20.24 -1.10 -24.19
CA GLN B 17 20.96 -2.10 -24.94
C GLN B 17 22.47 -1.99 -24.75
N ASP B 18 22.99 -0.75 -24.70
CA ASP B 18 24.43 -0.58 -24.52
C ASP B 18 24.88 -1.06 -23.13
N TYR B 19 24.10 -0.74 -22.09
CA TYR B 19 24.41 -1.24 -20.76
C TYR B 19 24.26 -2.75 -20.69
N LYS B 20 23.25 -3.31 -21.37
CA LYS B 20 23.08 -4.76 -21.42
C LYS B 20 24.29 -5.43 -22.05
N ASP B 21 24.77 -4.88 -23.17
CA ASP B 21 25.94 -5.44 -23.83
C ASP B 21 27.20 -5.32 -22.97
N MET B 22 27.35 -4.17 -22.29
CA MET B 22 28.50 -3.99 -21.41
C MET B 22 28.48 -5.00 -20.27
N LEU B 23 27.31 -5.21 -19.66
CA LEU B 23 27.20 -6.20 -18.59
C LEU B 23 27.43 -7.60 -19.09
N ALA B 24 26.93 -7.92 -20.29
CA ALA B 24 27.15 -9.25 -20.86
C ALA B 24 28.63 -9.49 -21.13
N LYS B 25 29.33 -8.49 -21.66
CA LYS B 25 30.77 -8.63 -21.90
C LYS B 25 31.51 -8.79 -20.58
N LYS B 26 31.14 -8.03 -19.55
CA LYS B 26 31.79 -8.14 -18.26
C LYS B 26 31.60 -9.53 -17.67
N ARG B 27 30.38 -10.07 -17.78
CA ARG B 27 30.10 -11.40 -17.24
C ARG B 27 30.85 -12.48 -18.01
N ASP B 28 30.83 -12.40 -19.35
CA ASP B 28 31.39 -13.47 -20.16
C ASP B 28 32.91 -13.44 -20.17
N GLY B 29 33.51 -12.28 -19.99
CA GLY B 29 34.95 -12.17 -20.13
C GLY B 29 35.75 -12.38 -18.88
N PHE B 30 35.24 -11.92 -17.73
CA PHE B 30 36.05 -11.82 -16.52
C PHE B 30 35.41 -12.39 -15.27
N GLU B 31 34.08 -12.50 -15.20
CA GLU B 31 33.45 -12.93 -13.95
C GLU B 31 33.54 -14.44 -13.73
N GLU B 32 33.80 -15.21 -14.78
CA GLU B 32 33.88 -16.67 -14.69
C GLU B 32 32.63 -17.23 -14.03
N LYS B 33 31.49 -16.71 -14.45
CA LYS B 33 30.21 -17.07 -13.86
C LYS B 33 29.83 -18.51 -14.21
N TYR B 34 29.08 -19.14 -13.30
CA TYR B 34 28.55 -20.46 -13.59
C TYR B 34 27.57 -20.37 -14.76
N PRO B 35 27.47 -21.42 -15.57
CA PRO B 35 26.50 -21.42 -16.67
C PRO B 35 25.08 -21.25 -16.13
N GLN B 36 24.25 -20.56 -16.92
CA GLN B 36 22.90 -20.22 -16.48
C GLN B 36 22.07 -21.47 -16.19
N ASP B 37 22.30 -22.55 -16.93
CA ASP B 37 21.56 -23.79 -16.67
C ASP B 37 21.95 -24.39 -15.33
N LYS B 38 23.24 -24.33 -14.97
CA LYS B 38 23.64 -24.78 -13.63
C LYS B 38 23.01 -23.91 -12.54
N ILE B 39 22.93 -22.60 -12.77
CA ILE B 39 22.31 -21.70 -11.80
C ILE B 39 20.83 -22.05 -11.64
N ASP B 40 20.13 -22.28 -12.75
CA ASP B 40 18.73 -22.66 -12.68
C ASP B 40 18.55 -23.99 -11.96
N GLU B 41 19.44 -24.95 -12.22
CA GLU B 41 19.37 -26.24 -11.55
C GLU B 41 19.56 -26.09 -10.05
N VAL B 42 20.53 -25.27 -9.64
CA VAL B 42 20.77 -25.08 -8.21
C VAL B 42 19.60 -24.36 -7.55
N PHE B 43 19.00 -23.39 -8.25
CA PHE B 43 17.83 -22.71 -7.69
C PHE B 43 16.66 -23.68 -7.53
N GLN B 44 16.40 -24.50 -8.54
CA GLN B 44 15.34 -25.49 -8.45
C GLN B 44 15.60 -26.46 -7.31
N TRP B 45 16.86 -26.86 -7.13
CA TRP B 45 17.21 -27.71 -6.00
C TRP B 45 16.92 -27.01 -4.67
N THR B 46 17.26 -25.73 -4.57
CA THR B 46 17.00 -24.98 -3.34
C THR B 46 15.51 -24.83 -3.07
N THR B 47 14.66 -24.99 -4.09
CA THR B 47 13.22 -24.92 -3.88
C THR B 47 12.61 -26.24 -3.43
N THR B 48 13.40 -27.30 -3.29
CA THR B 48 12.86 -28.64 -3.07
C THR B 48 12.81 -29.02 -1.60
N LYS B 49 12.16 -30.15 -1.32
CA LYS B 49 12.05 -30.66 0.04
C LYS B 49 13.37 -31.20 0.57
N GLU B 50 14.19 -31.79 -0.29
CA GLU B 50 15.50 -32.26 0.14
C GLU B 50 16.36 -31.11 0.61
N TYR B 51 16.33 -29.99 -0.11
CA TYR B 51 17.05 -28.80 0.34
C TYR B 51 16.50 -28.29 1.65
N GLN B 52 15.18 -28.39 1.86
CA GLN B 52 14.60 -27.99 3.13
C GLN B 52 15.10 -28.88 4.26
N GLU B 53 15.22 -30.18 4.01
CA GLU B 53 15.75 -31.08 5.03
C GLU B 53 17.19 -30.74 5.38
N LEU B 54 18.00 -30.43 4.36
CA LEU B 54 19.37 -29.99 4.63
C LEU B 54 19.40 -28.66 5.36
N ASN B 55 18.49 -27.75 4.99
CA ASN B 55 18.45 -26.41 5.59
C ASN B 55 18.09 -26.47 7.06
N PHE B 56 17.13 -27.33 7.43
CA PHE B 56 16.69 -27.42 8.80
C PHE B 56 17.63 -28.24 9.67
N GLN B 57 18.65 -28.86 9.08
CA GLN B 57 19.71 -29.53 9.82
C GLN B 57 20.81 -28.58 10.27
N ARG B 58 20.69 -27.30 9.97
CA ARG B 58 21.69 -26.32 10.34
C ARG B 58 21.80 -26.22 11.86
N GLU B 59 23.03 -26.10 12.35
CA GLU B 59 23.27 -26.01 13.79
C GLU B 59 24.19 -24.83 14.12
N ALA B 60 25.01 -24.41 13.16
CA ALA B 60 25.98 -23.35 13.39
C ALA B 60 25.78 -22.12 12.51
N LEU B 61 25.18 -22.28 11.34
CA LEU B 61 25.04 -21.18 10.38
C LEU B 61 23.65 -20.58 10.47
N THR B 62 23.59 -19.25 10.53
CA THR B 62 22.33 -18.51 10.50
C THR B 62 22.31 -17.66 9.24
N VAL B 63 21.23 -17.76 8.48
CA VAL B 63 21.08 -17.05 7.21
C VAL B 63 19.84 -16.19 7.28
N ASN B 64 20.02 -14.88 7.11
CA ASN B 64 18.93 -13.90 7.13
C ASN B 64 18.14 -14.00 8.43
N PRO B 65 18.71 -13.59 9.55
CA PRO B 65 17.99 -13.65 10.82
C PRO B 65 16.82 -12.68 10.86
N ALA B 66 15.92 -12.93 11.80
CA ALA B 66 14.74 -12.09 12.03
C ALA B 66 14.79 -11.48 13.43
N LYS B 67 15.97 -11.01 13.83
CA LYS B 67 16.14 -10.44 15.16
C LYS B 67 17.35 -9.52 15.14
N ALA B 68 17.41 -8.65 16.15
CA ALA B 68 18.53 -7.74 16.37
C ALA B 68 19.15 -8.04 17.73
N CYS B 69 20.09 -7.19 18.15
CA CYS B 69 20.77 -7.37 19.42
C CYS B 69 20.19 -6.47 20.50
N GLN B 70 20.55 -6.79 21.75
CA GLN B 70 19.93 -6.16 22.92
C GLN B 70 20.06 -4.64 22.95
N PRO B 71 21.23 -4.04 22.71
CA PRO B 71 21.34 -2.58 22.87
C PRO B 71 20.44 -1.77 21.95
N LEU B 72 19.98 -2.34 20.82
CA LEU B 72 18.99 -1.63 20.01
C LEU B 72 17.69 -1.44 20.78
N GLY B 73 17.19 -2.52 21.39
CA GLY B 73 16.01 -2.40 22.23
C GLY B 73 16.24 -1.53 23.45
N ALA B 74 17.45 -1.58 24.00
CA ALA B 74 17.77 -0.70 25.12
C ALA B 74 17.71 0.76 24.71
N VAL B 75 18.21 1.09 23.52
CA VAL B 75 18.14 2.46 23.01
C VAL B 75 16.69 2.88 22.79
N LEU B 76 15.88 1.98 22.22
CA LEU B 76 14.47 2.30 22.01
C LEU B 76 13.77 2.55 23.33
N CYS B 77 14.06 1.75 24.36
CA CYS B 77 13.47 1.97 25.67
C CYS B 77 13.92 3.30 26.27
N ALA B 78 15.22 3.61 26.15
CA ALA B 78 15.72 4.86 26.70
C ALA B 78 15.10 6.07 26.00
N LEU B 79 14.79 5.95 24.71
CA LEU B 79 14.20 7.05 23.96
C LEU B 79 12.81 7.44 24.46
N GLY B 80 12.16 6.59 25.24
CA GLY B 80 10.81 6.83 25.72
C GLY B 80 10.70 7.66 26.98
N PHE B 81 11.79 8.19 27.48
CA PHE B 81 11.79 8.98 28.71
C PHE B 81 12.16 10.43 28.40
N GLU B 82 11.64 11.33 29.22
CA GLU B 82 11.75 12.76 28.95
C GLU B 82 13.18 13.24 29.03
N LYS B 83 13.66 13.88 27.95
CA LYS B 83 14.99 14.48 27.90
C LYS B 83 16.06 13.49 28.32
N THR B 84 15.96 12.27 27.80
CA THR B 84 16.85 11.18 28.14
C THR B 84 17.71 10.84 26.94
N MET B 85 19.02 10.77 27.16
CA MET B 85 19.95 10.39 26.10
C MET B 85 20.30 8.92 26.22
N PRO B 86 20.04 8.11 25.19
CA PRO B 86 20.61 6.76 25.16
C PRO B 86 22.13 6.83 25.03
N TYR B 87 22.81 6.05 25.85
CA TYR B 87 24.26 6.08 25.98
C TYR B 87 24.72 4.63 25.99
N VAL B 88 25.38 4.20 24.92
CA VAL B 88 25.79 2.82 24.81
C VAL B 88 27.29 2.76 25.07
N HIS B 89 27.65 2.29 26.26
CA HIS B 89 29.04 2.09 26.66
C HIS B 89 29.64 0.97 25.82
N GLY B 90 30.58 1.31 24.96
CA GLY B 90 31.16 0.36 24.05
C GLY B 90 31.66 1.04 22.80
N SER B 91 31.60 0.30 21.69
CA SER B 91 32.13 0.76 20.42
C SER B 91 31.11 1.58 19.66
N GLN B 92 31.61 2.59 18.92
CA GLN B 92 30.74 3.55 18.25
C GLN B 92 30.05 2.98 17.02
N GLY B 93 30.61 1.93 16.40
CA GLY B 93 29.96 1.33 15.25
C GLY B 93 28.58 0.78 15.58
N CYS B 94 28.43 0.25 16.80
CA CYS B 94 27.12 -0.23 17.24
C CYS B 94 26.11 0.91 17.26
N VAL B 95 26.50 2.07 17.80
CA VAL B 95 25.57 3.19 17.88
C VAL B 95 25.25 3.73 16.49
N ALA B 96 26.25 3.77 15.61
CA ALA B 96 25.99 4.18 14.24
C ALA B 96 24.96 3.26 13.59
N TYR B 97 25.10 1.95 13.78
CA TYR B 97 24.14 1.01 13.21
C TYR B 97 22.75 1.16 13.83
N PHE B 98 22.68 1.34 15.15
CA PHE B 98 21.38 1.50 15.81
C PHE B 98 20.67 2.73 15.27
N ARG B 99 21.39 3.86 15.19
CA ARG B 99 20.79 5.09 14.70
C ARG B 99 20.35 4.96 13.25
N SER B 100 21.17 4.31 12.42
CA SER B 100 20.78 4.12 11.02
C SER B 100 19.53 3.25 10.91
N TYR B 101 19.47 2.16 11.69
CA TYR B 101 18.30 1.29 11.68
C TYR B 101 17.04 2.05 12.05
N PHE B 102 17.09 2.79 13.16
CA PHE B 102 15.90 3.49 13.62
C PHE B 102 15.55 4.66 12.69
N ASN B 103 16.56 5.31 12.09
CA ASN B 103 16.29 6.34 11.10
C ASN B 103 15.54 5.76 9.90
N ARG B 104 15.99 4.60 9.42
CA ARG B 104 15.36 4.02 8.24
C ARG B 104 13.95 3.54 8.55
N HIS B 105 13.71 3.06 9.78
CA HIS B 105 12.36 2.62 10.12
C HIS B 105 11.42 3.80 10.34
N PHE B 106 11.82 4.76 11.18
CA PHE B 106 10.93 5.83 11.60
C PHE B 106 11.02 7.07 10.72
N ARG B 107 12.08 7.20 9.92
CA ARG B 107 12.32 8.39 9.11
C ARG B 107 12.32 9.66 9.98
N GLU B 108 12.94 9.55 11.14
CA GLU B 108 13.05 10.63 12.10
C GLU B 108 14.46 10.60 12.68
N PRO B 109 14.94 11.73 13.22
CA PRO B 109 16.24 11.71 13.92
C PRO B 109 16.18 10.80 15.14
N VAL B 110 17.28 10.10 15.38
CA VAL B 110 17.41 9.22 16.53
C VAL B 110 18.66 9.64 17.30
N SER B 111 18.48 10.05 18.55
CA SER B 111 19.58 10.53 19.37
C SER B 111 20.13 9.37 20.20
N CYS B 112 21.43 9.13 20.06
CA CYS B 112 22.11 8.09 20.82
C CYS B 112 23.60 8.37 20.75
N VAL B 113 24.32 8.13 21.85
CA VAL B 113 25.74 8.41 21.91
C VAL B 113 26.50 7.16 22.33
N SER B 114 27.79 7.17 22.05
CA SER B 114 28.71 6.13 22.45
C SER B 114 29.94 6.76 23.10
N ASP B 115 30.59 6.01 23.98
CA ASP B 115 31.83 6.49 24.57
C ASP B 115 33.06 6.07 23.78
N SER B 116 32.87 5.46 22.60
CA SER B 116 33.93 5.21 21.64
C SER B 116 35.08 4.40 22.25
N MET B 117 34.74 3.22 22.78
CA MET B 117 35.76 2.34 23.32
C MET B 117 36.57 1.72 22.20
N THR B 118 37.90 1.71 22.37
CA THR B 118 38.81 1.28 21.32
C THR B 118 39.76 0.21 21.82
N GLU B 119 40.82 -0.07 21.04
CA GLU B 119 41.75 -1.13 21.36
C GLU B 119 42.38 -0.95 22.74
N ASP B 120 42.62 0.29 23.15
CA ASP B 120 43.17 0.52 24.48
C ASP B 120 42.19 0.07 25.57
N ALA B 121 40.93 0.46 25.44
CA ALA B 121 39.92 0.03 26.40
C ALA B 121 39.74 -1.49 26.42
N ALA B 122 40.22 -2.19 25.39
CA ALA B 122 40.14 -3.64 25.37
C ALA B 122 41.10 -4.28 26.37
N VAL B 123 42.08 -3.53 26.88
CA VAL B 123 43.02 -4.08 27.85
C VAL B 123 42.95 -3.39 29.20
N PHE B 124 42.30 -2.24 29.31
CA PHE B 124 42.16 -1.54 30.58
C PHE B 124 40.72 -1.27 30.98
N GLY B 125 39.75 -1.61 30.14
CA GLY B 125 38.36 -1.27 30.40
C GLY B 125 38.01 0.13 29.92
N GLY B 126 36.72 0.44 30.01
CA GLY B 126 36.24 1.73 29.52
C GLY B 126 35.82 2.68 30.62
N GLN B 127 36.54 2.67 31.74
CA GLN B 127 36.21 3.57 32.84
C GLN B 127 36.45 5.03 32.46
N GLN B 128 37.62 5.31 31.86
CA GLN B 128 37.91 6.65 31.37
C GLN B 128 36.94 7.04 30.26
N ASN B 129 36.62 6.09 29.37
CA ASN B 129 35.62 6.34 28.35
C ASN B 129 34.28 6.68 28.98
N MET B 130 33.88 5.97 30.03
CA MET B 130 32.62 6.26 30.70
C MET B 130 32.62 7.66 31.29
N LYS B 131 33.69 8.02 32.01
CA LYS B 131 33.75 9.35 32.63
C LYS B 131 33.68 10.45 31.57
N ASP B 132 34.54 10.37 30.57
CA ASP B 132 34.59 11.41 29.54
C ASP B 132 33.29 11.47 28.75
N GLY B 133 32.71 10.31 28.43
CA GLY B 133 31.46 10.31 27.68
C GLY B 133 30.30 10.89 28.47
N LEU B 134 30.19 10.53 29.75
CA LEU B 134 29.13 11.10 30.58
C LEU B 134 29.27 12.61 30.67
N GLN B 135 30.49 13.09 30.94
CA GLN B 135 30.70 14.53 31.05
C GLN B 135 30.39 15.24 29.74
N ASN B 136 30.90 14.71 28.62
CA ASN B 136 30.70 15.34 27.33
C ASN B 136 29.23 15.34 26.94
N CYS B 137 28.54 14.22 27.16
CA CYS B 137 27.13 14.13 26.83
C CYS B 137 26.31 15.14 27.62
N LYS B 138 26.54 15.21 28.94
CA LYS B 138 25.78 16.15 29.75
C LYS B 138 26.09 17.59 29.36
N ALA B 139 27.36 17.88 29.04
CA ALA B 139 27.73 19.26 28.73
C ALA B 139 27.24 19.67 27.34
N THR B 140 27.11 18.72 26.42
CA THR B 140 26.81 19.06 25.03
C THR B 140 25.32 19.00 24.73
N TYR B 141 24.65 17.91 25.11
CA TYR B 141 23.26 17.71 24.72
C TYR B 141 22.28 18.01 25.85
N LYS B 142 22.77 18.41 27.01
CA LYS B 142 21.95 18.88 28.13
C LYS B 142 20.74 17.97 28.41
N PRO B 143 20.95 16.69 28.67
CA PRO B 143 19.82 15.81 28.99
C PRO B 143 19.48 15.83 30.48
N ASP B 144 18.21 15.55 30.76
CA ASP B 144 17.80 15.34 32.15
C ASP B 144 18.25 13.98 32.66
N MET B 145 18.39 13.01 31.78
CA MET B 145 18.79 11.67 32.13
C MET B 145 19.71 11.10 31.07
N ILE B 146 20.60 10.21 31.49
CA ILE B 146 21.44 9.44 30.58
C ILE B 146 21.24 7.98 30.92
N ALA B 147 20.71 7.21 29.96
CA ALA B 147 20.40 5.81 30.17
C ALA B 147 21.45 4.96 29.46
N VAL B 148 22.17 4.15 30.23
CA VAL B 148 23.38 3.49 29.77
C VAL B 148 23.09 2.02 29.50
N SER B 149 23.38 1.58 28.28
CA SER B 149 23.41 0.18 27.88
C SER B 149 24.84 -0.19 27.49
N THR B 150 25.03 -1.42 27.02
CA THR B 150 26.36 -1.90 26.69
C THR B 150 26.38 -2.53 25.30
N THR B 151 27.55 -2.47 24.67
CA THR B 151 27.82 -3.27 23.47
C THR B 151 28.44 -4.59 23.87
N CYS B 152 28.63 -5.46 22.87
CA CYS B 152 29.18 -6.79 23.14
C CYS B 152 30.62 -6.71 23.61
N MET B 153 31.37 -5.70 23.17
CA MET B 153 32.77 -5.57 23.58
C MET B 153 32.89 -5.33 25.09
N ALA B 154 32.11 -4.38 25.61
CA ALA B 154 32.16 -4.08 27.04
C ALA B 154 31.63 -5.24 27.86
N GLU B 155 30.69 -5.99 27.32
CA GLU B 155 30.18 -7.17 28.02
C GLU B 155 31.23 -8.27 28.07
N VAL B 156 31.97 -8.46 26.98
CA VAL B 156 32.99 -9.51 26.93
C VAL B 156 34.14 -9.16 27.86
N ILE B 157 34.64 -7.91 27.80
CA ILE B 157 35.75 -7.54 28.66
C ILE B 157 35.34 -7.37 30.12
N GLY B 158 34.03 -7.36 30.41
CA GLY B 158 33.56 -7.35 31.77
C GLY B 158 33.61 -6.00 32.46
N ASP B 159 33.17 -4.96 31.76
CA ASP B 159 33.12 -3.63 32.36
C ASP B 159 31.98 -3.54 33.36
N ASP B 160 32.27 -3.03 34.56
CA ASP B 160 31.27 -2.88 35.62
C ASP B 160 30.62 -1.51 35.46
N LEU B 161 29.39 -1.50 34.95
CA LEU B 161 28.68 -0.24 34.72
C LEU B 161 28.44 0.52 36.02
N ASN B 162 27.98 -0.20 37.05
CA ASN B 162 27.66 0.45 38.32
C ASN B 162 28.89 1.14 38.91
N ALA B 163 30.01 0.42 38.98
CA ALA B 163 31.23 1.00 39.53
C ALA B 163 31.73 2.15 38.68
N PHE B 164 31.63 2.03 37.35
CA PHE B 164 32.10 3.10 36.48
C PHE B 164 31.29 4.37 36.67
N ILE B 165 29.96 4.24 36.76
CA ILE B 165 29.11 5.42 36.95
C ILE B 165 29.32 6.01 38.33
N ASN B 166 29.49 5.16 39.35
CA ASN B 166 29.76 5.65 40.69
C ASN B 166 31.08 6.41 40.75
N ASN B 167 32.11 5.90 40.09
CA ASN B 167 33.38 6.60 40.03
C ASN B 167 33.27 7.91 39.26
N SER B 168 32.52 7.91 38.15
CA SER B 168 32.32 9.15 37.41
C SER B 168 31.64 10.20 38.28
N LYS B 169 30.69 9.79 39.12
CA LYS B 169 30.08 10.72 40.05
C LYS B 169 31.03 11.14 41.16
N LYS B 170 31.96 10.25 41.53
CA LYS B 170 32.87 10.56 42.64
C LYS B 170 33.93 11.58 42.25
N GLU B 171 34.50 11.46 41.04
CA GLU B 171 35.53 12.38 40.59
C GLU B 171 34.94 13.66 39.99
N GLY B 172 33.63 13.84 40.05
CA GLY B 172 33.02 15.09 39.64
C GLY B 172 32.77 15.23 38.15
N PHE B 173 32.86 14.14 37.38
CA PHE B 173 32.56 14.22 35.95
C PHE B 173 31.09 14.57 35.71
N ILE B 174 30.21 14.03 36.54
CA ILE B 174 28.80 14.39 36.50
C ILE B 174 28.32 14.62 37.92
N PRO B 175 27.29 15.44 38.13
CA PRO B 175 26.77 15.64 39.49
C PRO B 175 26.26 14.34 40.09
N ASP B 176 26.42 14.22 41.41
CA ASP B 176 26.06 12.98 42.10
C ASP B 176 24.56 12.71 42.05
N GLU B 177 23.75 13.75 41.87
CA GLU B 177 22.30 13.60 41.82
C GLU B 177 21.77 13.42 40.40
N PHE B 178 22.63 13.45 39.40
CA PHE B 178 22.16 13.30 38.03
C PHE B 178 21.73 11.86 37.78
N PRO B 179 20.52 11.64 37.24
CA PRO B 179 20.05 10.27 37.03
C PRO B 179 20.79 9.55 35.91
N VAL B 180 21.52 8.49 36.25
CA VAL B 180 22.23 7.68 35.26
C VAL B 180 21.86 6.22 35.46
N PRO B 181 20.67 5.78 35.07
CA PRO B 181 20.36 4.35 35.12
C PRO B 181 21.17 3.59 34.08
N PHE B 182 21.46 2.33 34.40
CA PHE B 182 22.26 1.49 33.53
C PHE B 182 21.63 0.12 33.42
N ALA B 183 22.00 -0.59 32.35
CA ALA B 183 21.57 -1.97 32.16
C ALA B 183 22.61 -2.69 31.32
N HIS B 184 22.99 -3.88 31.75
CA HIS B 184 23.86 -4.74 30.95
C HIS B 184 23.01 -5.39 29.87
N THR B 185 23.37 -5.17 28.61
CA THR B 185 22.61 -5.65 27.46
C THR B 185 23.54 -6.45 26.56
N PRO B 186 23.87 -7.68 26.94
CA PRO B 186 24.77 -8.50 26.12
C PRO B 186 24.11 -8.92 24.82
N SER B 187 24.76 -8.62 23.70
CA SER B 187 24.19 -8.90 22.40
C SER B 187 24.16 -10.39 22.08
N PHE B 188 24.92 -11.21 22.81
CA PHE B 188 24.93 -12.64 22.62
C PHE B 188 23.87 -13.36 23.46
N VAL B 189 23.00 -12.61 24.14
CA VAL B 189 21.90 -13.16 24.91
C VAL B 189 20.60 -12.55 24.39
N GLY B 190 19.63 -13.39 24.08
CA GLY B 190 18.31 -12.91 23.69
C GLY B 190 18.33 -12.16 22.38
N SER B 191 17.64 -11.02 22.36
CA SER B 191 17.51 -10.19 21.17
C SER B 191 17.20 -8.76 21.62
N HIS B 192 16.75 -7.93 20.67
CA HIS B 192 16.50 -6.52 20.97
C HIS B 192 15.42 -6.36 22.03
N VAL B 193 14.41 -7.23 22.02
CA VAL B 193 13.35 -7.15 23.02
C VAL B 193 13.91 -7.42 24.41
N THR B 194 14.88 -8.33 24.51
CA THR B 194 15.57 -8.56 25.78
C THR B 194 16.29 -7.30 26.25
N GLY B 195 16.91 -6.57 25.31
CA GLY B 195 17.56 -5.32 25.67
C GLY B 195 16.58 -4.27 26.15
N TRP B 196 15.41 -4.20 25.50
CA TRP B 196 14.36 -3.29 25.99
C TRP B 196 13.97 -3.65 27.41
N ASP B 197 13.75 -4.93 27.68
CA ASP B 197 13.38 -5.38 29.02
C ASP B 197 14.46 -5.02 30.04
N ASN B 198 15.73 -5.27 29.68
CA ASN B 198 16.83 -4.99 30.59
C ASN B 198 16.93 -3.50 30.89
N MET B 199 16.80 -2.66 29.86
CA MET B 199 16.91 -1.21 30.06
C MET B 199 15.75 -0.70 30.91
N PHE B 200 14.53 -1.18 30.66
CA PHE B 200 13.40 -0.72 31.45
C PHE B 200 13.54 -1.15 32.90
N GLU B 201 13.98 -2.39 33.14
CA GLU B 201 14.19 -2.85 34.51
C GLU B 201 15.26 -2.02 35.19
N GLY B 202 16.34 -1.69 34.48
CA GLY B 202 17.37 -0.85 35.06
C GLY B 202 16.87 0.51 35.45
N ILE B 203 16.07 1.14 34.58
CA ILE B 203 15.55 2.47 34.87
C ILE B 203 14.59 2.43 36.06
N ALA B 204 13.69 1.45 36.07
CA ALA B 204 12.73 1.33 37.17
C ALA B 204 13.43 1.05 38.49
N ARG B 205 14.45 0.19 38.47
CA ARG B 205 15.21 -0.09 39.67
C ARG B 205 15.98 1.13 40.14
N TYR B 206 16.53 1.90 39.19
CA TYR B 206 17.25 3.12 39.55
C TYR B 206 16.33 4.12 40.24
N PHE B 207 15.06 4.18 39.81
CA PHE B 207 14.18 5.20 40.34
C PHE B 207 13.32 4.76 41.52
N THR B 208 13.19 3.46 41.77
CA THR B 208 12.25 3.00 42.78
C THR B 208 12.83 2.09 43.86
N LEU B 209 13.99 1.45 43.63
CA LEU B 209 14.45 0.42 44.55
C LEU B 209 14.73 0.97 45.94
N LYS B 210 15.36 2.13 46.03
CA LYS B 210 15.81 2.67 47.31
C LYS B 210 14.83 3.65 47.93
N SER B 211 13.60 3.71 47.42
CA SER B 211 12.59 4.63 47.95
C SER B 211 11.24 3.93 48.08
N MET B 212 11.26 2.68 48.52
CA MET B 212 10.04 1.88 48.63
C MET B 212 9.36 2.01 49.98
N ASP B 213 9.96 2.71 50.94
CA ASP B 213 9.39 2.80 52.28
C ASP B 213 8.10 3.60 52.29
N ASP B 214 8.05 4.69 51.53
CA ASP B 214 6.89 5.58 51.50
C ASP B 214 5.93 5.24 50.37
N LYS B 215 5.99 4.03 49.82
CA LYS B 215 5.17 3.66 48.68
C LYS B 215 3.98 2.82 49.17
N VAL B 216 2.79 3.20 48.71
CA VAL B 216 1.55 2.47 49.01
C VAL B 216 0.91 2.09 47.69
N VAL B 217 0.61 0.80 47.53
CA VAL B 217 0.00 0.33 46.29
C VAL B 217 -1.39 0.93 46.14
N GLY B 218 -1.67 1.47 44.96
CA GLY B 218 -2.96 2.08 44.68
C GLY B 218 -3.25 3.35 45.47
N SER B 219 -2.25 4.24 45.57
CA SER B 219 -2.45 5.51 46.24
C SER B 219 -2.58 6.69 45.28
N ASN B 220 -2.24 6.50 44.00
CA ASN B 220 -2.42 7.56 43.01
C ASN B 220 -3.53 7.25 42.01
N LYS B 221 -4.29 6.17 42.21
CA LYS B 221 -5.44 5.82 41.37
C LYS B 221 -5.05 5.67 39.90
N LYS B 222 -3.89 5.08 39.65
CA LYS B 222 -3.38 4.95 38.29
C LYS B 222 -3.02 3.50 38.01
N ILE B 223 -2.95 3.18 36.72
CA ILE B 223 -2.48 1.88 36.24
C ILE B 223 -1.24 2.13 35.39
N ASN B 224 -0.12 1.51 35.78
CA ASN B 224 1.08 1.61 34.99
C ASN B 224 0.96 0.76 33.72
N ILE B 225 1.43 1.30 32.61
CA ILE B 225 1.42 0.61 31.33
C ILE B 225 2.85 0.53 30.83
N VAL B 226 3.36 -0.68 30.66
CA VAL B 226 4.68 -0.93 30.10
C VAL B 226 4.48 -1.50 28.69
N PRO B 227 4.83 -0.77 27.64
CA PRO B 227 4.53 -1.24 26.28
C PRO B 227 5.53 -2.25 25.73
N GLY B 228 6.76 -2.26 26.22
CA GLY B 228 7.78 -3.10 25.64
C GLY B 228 8.32 -2.52 24.34
N PHE B 229 9.06 -3.35 23.62
CA PHE B 229 9.63 -2.94 22.35
C PHE B 229 8.51 -2.74 21.33
N GLU B 230 8.19 -1.48 21.06
CA GLU B 230 7.08 -1.13 20.18
C GLU B 230 7.57 -0.12 19.15
N THR B 231 7.32 -0.41 17.87
CA THR B 231 7.75 0.44 16.78
C THR B 231 6.57 0.99 15.97
N TYR B 232 5.36 0.86 16.47
CA TYR B 232 4.17 1.48 15.89
C TYR B 232 3.72 2.57 16.85
N LEU B 233 3.88 3.84 16.44
CA LEU B 233 3.41 4.95 17.27
C LEU B 233 1.91 4.90 17.47
N GLY B 234 1.19 4.35 16.49
CA GLY B 234 -0.25 4.18 16.64
C GLY B 234 -0.61 3.29 17.81
N ASN B 235 0.29 2.39 18.21
CA ASN B 235 -0.01 1.52 19.35
C ASN B 235 0.04 2.30 20.67
N PHE B 236 1.06 3.13 20.86
CA PHE B 236 1.07 4.03 22.00
C PHE B 236 -0.16 4.91 22.00
N ARG B 237 -0.48 5.49 20.84
CA ARG B 237 -1.62 6.40 20.76
C ARG B 237 -2.93 5.69 21.07
N VAL B 238 -3.11 4.47 20.56
CA VAL B 238 -4.37 3.77 20.79
C VAL B 238 -4.49 3.33 22.24
N ILE B 239 -3.38 2.93 22.87
CA ILE B 239 -3.45 2.57 24.29
C ILE B 239 -3.84 3.78 25.12
N LYS B 240 -3.19 4.92 24.86
CA LYS B 240 -3.51 6.13 25.62
C LYS B 240 -4.95 6.57 25.37
N ARG B 241 -5.41 6.50 24.12
CA ARG B 241 -6.77 6.93 23.78
C ARG B 241 -7.80 6.01 24.43
N MET B 242 -7.59 4.70 24.39
CA MET B 242 -8.53 3.78 25.00
C MET B 242 -8.58 3.95 26.51
N LEU B 243 -7.42 4.20 27.14
CA LEU B 243 -7.42 4.39 28.58
C LEU B 243 -8.07 5.71 28.97
N SER B 244 -7.90 6.76 28.14
CA SER B 244 -8.54 8.03 28.43
C SER B 244 -10.05 7.96 28.21
N GLU B 245 -10.49 7.17 27.23
CA GLU B 245 -11.92 7.02 26.99
C GLU B 245 -12.61 6.35 28.17
N MET B 246 -11.95 5.36 28.78
CA MET B 246 -12.49 4.67 29.95
C MET B 246 -12.47 5.55 31.19
N GLY B 247 -11.83 6.71 31.15
CA GLY B 247 -11.66 7.50 32.34
C GLY B 247 -10.66 6.93 33.33
N VAL B 248 -9.74 6.10 32.86
CA VAL B 248 -8.79 5.42 33.73
C VAL B 248 -7.51 6.24 33.79
N GLY B 249 -7.09 6.57 35.01
CA GLY B 249 -5.78 7.19 35.19
C GLY B 249 -4.69 6.19 34.89
N TYR B 250 -3.66 6.64 34.16
CA TYR B 250 -2.62 5.73 33.73
C TYR B 250 -1.29 6.48 33.67
N SER B 251 -0.21 5.71 33.70
CA SER B 251 1.14 6.23 33.52
C SER B 251 1.83 5.33 32.50
N LEU B 252 1.98 5.82 31.27
CA LEU B 252 2.67 5.07 30.22
C LEU B 252 4.17 5.29 30.39
N LEU B 253 4.87 4.29 30.91
CA LEU B 253 6.30 4.37 31.14
C LEU B 253 7.03 3.98 29.86
N SER B 254 8.07 4.75 29.53
CA SER B 254 8.80 4.61 28.26
C SER B 254 7.87 4.86 27.07
N ASP B 255 7.43 6.11 26.96
CA ASP B 255 6.58 6.55 25.86
C ASP B 255 7.39 7.36 24.86
N PRO B 256 7.82 6.79 23.73
CA PRO B 256 8.62 7.53 22.76
C PRO B 256 7.84 8.12 21.58
N GLU B 257 6.50 8.11 21.61
CA GLU B 257 5.74 8.49 20.42
C GLU B 257 5.92 9.96 20.05
N GLU B 258 6.30 10.80 21.02
CA GLU B 258 6.47 12.21 20.71
C GLU B 258 7.82 12.49 20.07
N VAL B 259 8.90 11.90 20.61
CA VAL B 259 10.22 12.15 20.06
C VAL B 259 10.42 11.46 18.73
N LEU B 260 9.62 10.43 18.43
CA LEU B 260 9.70 9.73 17.15
C LEU B 260 8.71 10.28 16.13
N ASP B 261 7.97 11.33 16.46
CA ASP B 261 7.01 11.92 15.54
C ASP B 261 7.02 13.44 15.66
N THR B 262 8.22 14.03 15.74
CA THR B 262 8.32 15.47 15.90
C THR B 262 7.88 16.17 14.62
N PRO B 263 7.24 17.34 14.73
CA PRO B 263 6.80 18.05 13.53
C PRO B 263 7.96 18.73 12.81
N ALA B 264 7.71 19.06 11.55
CA ALA B 264 8.66 19.83 10.73
C ALA B 264 8.15 21.26 10.70
N ASP B 265 8.72 22.09 11.58
CA ASP B 265 8.29 23.49 11.70
C ASP B 265 9.48 24.45 11.69
N GLY B 266 10.63 24.00 11.21
CA GLY B 266 11.80 24.85 11.08
C GLY B 266 12.84 24.68 12.17
N GLN B 267 12.56 23.90 13.21
CA GLN B 267 13.50 23.68 14.29
C GLN B 267 13.64 22.20 14.58
N PHE B 268 14.82 21.81 15.06
CA PHE B 268 15.11 20.43 15.43
C PHE B 268 14.93 20.27 16.93
N ARG B 269 14.15 19.27 17.33
CA ARG B 269 13.91 18.96 18.73
C ARG B 269 14.58 17.63 19.05
N MET B 270 15.68 17.69 19.81
CA MET B 270 16.35 16.45 20.21
C MET B 270 15.47 15.63 21.15
N TYR B 271 14.71 16.30 22.02
CA TYR B 271 13.82 15.65 22.97
C TYR B 271 12.40 16.14 22.76
N ALA B 272 11.44 15.24 22.98
CA ALA B 272 10.03 15.58 22.88
C ALA B 272 9.22 14.57 23.67
N GLY B 273 8.38 15.06 24.58
CA GLY B 273 7.53 14.18 25.35
C GLY B 273 8.32 13.24 26.24
N GLY B 274 7.83 12.02 26.35
CA GLY B 274 8.52 10.99 27.12
C GLY B 274 8.01 10.88 28.54
N THR B 275 8.32 9.75 29.17
CA THR B 275 7.94 9.53 30.56
C THR B 275 8.80 10.37 31.49
N THR B 276 8.16 11.10 32.38
CA THR B 276 8.88 11.95 33.31
C THR B 276 9.52 11.12 34.42
N GLN B 277 10.55 11.69 35.05
CA GLN B 277 11.17 11.02 36.18
C GLN B 277 10.21 10.91 37.35
N GLU B 278 9.32 11.89 37.51
CA GLU B 278 8.30 11.79 38.56
C GLU B 278 7.35 10.63 38.31
N GLU B 279 7.04 10.36 37.04
CA GLU B 279 6.20 9.21 36.71
C GLU B 279 6.83 7.91 37.17
N MET B 280 8.12 7.72 36.88
CA MET B 280 8.80 6.51 37.30
C MET B 280 8.93 6.45 38.81
N LYS B 281 9.16 7.60 39.46
CA LYS B 281 9.27 7.63 40.91
C LYS B 281 7.95 7.25 41.57
N ASP B 282 6.83 7.68 41.01
CA ASP B 282 5.51 7.42 41.58
C ASP B 282 4.89 6.12 41.06
N ALA B 283 5.54 5.43 40.13
CA ALA B 283 5.03 4.18 39.60
C ALA B 283 4.67 3.13 40.67
N PRO B 284 5.46 2.92 41.73
CA PRO B 284 5.03 1.93 42.75
C PRO B 284 3.73 2.29 43.44
N ASN B 285 3.30 3.55 43.38
CA ASN B 285 2.05 3.97 44.00
C ASN B 285 0.83 3.65 43.16
N ALA B 286 1.01 3.06 41.98
CA ALA B 286 -0.12 2.75 41.11
C ALA B 286 -0.93 1.58 41.67
N LEU B 287 -2.16 1.46 41.17
CA LEU B 287 -3.01 0.33 41.54
C LEU B 287 -2.39 -0.99 41.08
N ASN B 288 -1.83 -0.99 39.87
CA ASN B 288 -1.24 -2.18 39.29
C ASN B 288 -0.39 -1.75 38.09
N THR B 289 0.34 -2.72 37.55
CA THR B 289 1.14 -2.51 36.35
C THR B 289 0.72 -3.53 35.30
N VAL B 290 0.45 -3.06 34.09
CA VAL B 290 0.04 -3.92 32.98
C VAL B 290 1.17 -3.94 31.96
N LEU B 291 1.67 -5.14 31.66
CA LEU B 291 2.70 -5.34 30.67
C LEU B 291 2.04 -5.65 29.33
N LEU B 292 2.20 -4.75 28.36
CA LEU B 292 1.53 -4.93 27.08
C LEU B 292 2.10 -6.11 26.30
N GLN B 293 3.38 -6.40 26.46
CA GLN B 293 4.05 -7.49 25.75
C GLN B 293 4.75 -8.36 26.78
N PRO B 294 3.99 -9.22 27.47
CA PRO B 294 4.56 -9.93 28.64
C PRO B 294 5.68 -10.90 28.28
N TRP B 295 5.75 -11.40 27.04
CA TRP B 295 6.69 -12.46 26.74
C TRP B 295 8.12 -11.99 26.56
N HIS B 296 8.36 -10.67 26.50
CA HIS B 296 9.73 -10.15 26.57
C HIS B 296 9.89 -9.13 27.69
N LEU B 297 8.99 -9.14 28.67
CA LEU B 297 9.08 -8.27 29.85
C LEU B 297 9.11 -9.10 31.12
N GLU B 298 9.85 -10.21 31.10
CA GLU B 298 9.87 -11.12 32.23
C GLU B 298 10.69 -10.57 33.40
N LYS B 299 11.86 -9.98 33.10
CA LYS B 299 12.65 -9.35 34.15
C LYS B 299 11.93 -8.16 34.75
N THR B 300 11.28 -7.35 33.91
CA THR B 300 10.45 -6.26 34.39
C THR B 300 9.31 -6.79 35.25
N LYS B 301 8.68 -7.89 34.84
CA LYS B 301 7.63 -8.49 35.64
C LYS B 301 8.14 -8.91 37.01
N LYS B 302 9.31 -9.55 37.04
CA LYS B 302 9.89 -9.98 38.31
C LYS B 302 10.17 -8.79 39.22
N PHE B 303 10.74 -7.73 38.67
CA PHE B 303 11.02 -6.55 39.48
C PHE B 303 9.73 -5.90 39.99
N VAL B 304 8.71 -5.79 39.14
CA VAL B 304 7.48 -5.11 39.52
C VAL B 304 6.73 -5.92 40.58
N GLU B 305 6.74 -7.25 40.44
CA GLU B 305 6.05 -8.10 41.40
C GLU B 305 6.82 -8.24 42.71
N GLY B 306 8.15 -8.16 42.66
CA GLY B 306 8.95 -8.35 43.85
C GLY B 306 9.21 -7.09 44.64
N THR B 307 9.36 -5.96 43.95
CA THR B 307 9.67 -4.69 44.61
C THR B 307 8.44 -3.82 44.80
N TRP B 308 7.67 -3.55 43.74
CA TRP B 308 6.49 -2.72 43.83
C TRP B 308 5.30 -3.46 44.45
N LYS B 309 5.38 -4.78 44.59
CA LYS B 309 4.29 -5.59 45.14
C LYS B 309 3.02 -5.44 44.32
N HIS B 310 3.16 -5.27 43.01
CA HIS B 310 2.03 -5.18 42.11
C HIS B 310 1.68 -6.58 41.59
N GLU B 311 0.41 -6.95 41.72
CA GLU B 311 -0.08 -8.22 41.20
C GLU B 311 -0.35 -8.03 39.72
N VAL B 312 0.70 -8.23 38.92
CA VAL B 312 0.63 -8.01 37.48
C VAL B 312 -0.34 -9.02 36.87
N PRO B 313 -1.38 -8.56 36.16
CA PRO B 313 -2.37 -9.50 35.62
C PRO B 313 -1.79 -10.34 34.50
N LYS B 314 -2.34 -11.55 34.34
CA LYS B 314 -1.96 -12.45 33.27
C LYS B 314 -2.75 -12.08 32.02
N LEU B 315 -2.19 -11.14 31.27
CA LEU B 315 -2.83 -10.58 30.09
C LEU B 315 -1.97 -10.83 28.86
N ASN B 316 -2.59 -11.29 27.79
CA ASN B 316 -1.93 -11.36 26.51
C ASN B 316 -1.83 -9.95 25.90
N ILE B 317 -1.06 -9.85 24.83
CA ILE B 317 -0.95 -8.56 24.14
C ILE B 317 -2.34 -8.14 23.64
N PRO B 318 -2.76 -6.89 23.87
CA PRO B 318 -4.12 -6.49 23.47
C PRO B 318 -4.28 -6.43 21.96
N MET B 319 -4.12 -7.58 21.30
CA MET B 319 -4.18 -7.69 19.86
C MET B 319 -5.38 -8.54 19.48
N GLY B 320 -6.19 -8.04 18.56
CA GLY B 320 -7.37 -8.76 18.13
C GLY B 320 -8.54 -8.59 19.07
N LEU B 321 -9.67 -9.18 18.66
CA LEU B 321 -10.93 -8.98 19.33
C LEU B 321 -10.91 -9.52 20.76
N ASP B 322 -10.63 -10.83 20.91
CA ASP B 322 -10.72 -11.47 22.22
C ASP B 322 -9.74 -10.87 23.21
N TRP B 323 -8.49 -10.64 22.77
CA TRP B 323 -7.48 -10.16 23.70
C TRP B 323 -7.66 -8.67 24.00
N THR B 324 -8.16 -7.88 23.05
CA THR B 324 -8.54 -6.51 23.39
C THR B 324 -9.68 -6.50 24.41
N ASP B 325 -10.65 -7.40 24.24
CA ASP B 325 -11.73 -7.50 25.21
C ASP B 325 -11.19 -7.86 26.60
N GLU B 326 -10.27 -8.82 26.65
CA GLU B 326 -9.69 -9.23 27.93
C GLU B 326 -8.91 -8.10 28.58
N PHE B 327 -8.12 -7.36 27.77
CA PHE B 327 -7.36 -6.23 28.30
C PHE B 327 -8.30 -5.16 28.86
N LEU B 328 -9.36 -4.85 28.12
CA LEU B 328 -10.30 -3.82 28.58
C LEU B 328 -11.02 -4.26 29.85
N MET B 329 -11.43 -5.53 29.92
CA MET B 329 -12.10 -6.04 31.12
C MET B 329 -11.18 -6.01 32.33
N LYS B 330 -9.90 -6.40 32.13
CA LYS B 330 -8.96 -6.35 33.23
C LYS B 330 -8.70 -4.91 33.70
N VAL B 331 -8.58 -3.98 32.75
CA VAL B 331 -8.40 -2.58 33.11
C VAL B 331 -9.62 -2.07 33.87
N SER B 332 -10.82 -2.46 33.44
CA SER B 332 -12.03 -2.06 34.15
C SER B 332 -12.06 -2.61 35.56
N GLU B 333 -11.66 -3.87 35.73
CA GLU B 333 -11.63 -4.46 37.07
C GLU B 333 -10.61 -3.77 37.97
N ILE B 334 -9.42 -3.49 37.44
CA ILE B 334 -8.37 -2.88 38.24
C ILE B 334 -8.75 -1.45 38.64
N SER B 335 -9.22 -0.66 37.68
CA SER B 335 -9.49 0.75 37.93
C SER B 335 -10.86 0.98 38.54
N GLY B 336 -11.81 0.05 38.34
CA GLY B 336 -13.18 0.26 38.75
C GLY B 336 -14.01 1.07 37.79
N GLN B 337 -13.46 1.47 36.65
CA GLN B 337 -14.15 2.26 35.63
C GLN B 337 -14.86 1.35 34.66
N PRO B 338 -16.15 1.55 34.41
CA PRO B 338 -16.85 0.72 33.43
C PRO B 338 -16.38 1.01 32.01
N ILE B 339 -16.53 0.03 31.14
CA ILE B 339 -16.17 0.18 29.74
C ILE B 339 -17.21 1.05 29.06
N PRO B 340 -16.81 2.16 28.44
CA PRO B 340 -17.81 3.11 27.91
C PRO B 340 -18.46 2.58 26.64
N ALA B 341 -19.55 3.26 26.26
CA ALA B 341 -20.30 2.87 25.07
C ALA B 341 -19.51 3.08 23.79
N SER B 342 -18.58 4.05 23.79
CA SER B 342 -17.78 4.28 22.60
C SER B 342 -16.89 3.09 22.27
N LEU B 343 -16.29 2.47 23.29
CA LEU B 343 -15.46 1.29 23.06
C LEU B 343 -16.31 0.10 22.64
N THR B 344 -17.51 -0.02 23.19
CA THR B 344 -18.43 -1.07 22.75
C THR B 344 -18.80 -0.90 21.28
N LYS B 345 -19.07 0.34 20.88
CA LYS B 345 -19.38 0.61 19.47
C LYS B 345 -18.18 0.32 18.58
N GLU B 346 -16.98 0.66 19.04
CA GLU B 346 -15.77 0.37 18.27
C GLU B 346 -15.60 -1.14 18.09
N ARG B 347 -15.81 -1.91 19.15
CA ARG B 347 -15.74 -3.36 19.04
C ARG B 347 -16.80 -3.90 18.07
N GLY B 348 -18.01 -3.35 18.15
CA GLY B 348 -19.06 -3.77 17.23
C GLY B 348 -18.73 -3.45 15.78
N ARG B 349 -18.10 -2.31 15.54
CA ARG B 349 -17.71 -1.95 14.19
C ARG B 349 -16.59 -2.86 13.67
N LEU B 350 -15.66 -3.23 14.54
CA LEU B 350 -14.65 -4.21 14.14
C LEU B 350 -15.30 -5.54 13.79
N VAL B 351 -16.27 -5.98 14.59
CA VAL B 351 -16.98 -7.22 14.28
C VAL B 351 -17.74 -7.09 12.97
N ASP B 352 -18.28 -5.90 12.70
CA ASP B 352 -18.99 -5.67 11.45
C ASP B 352 -18.05 -5.81 10.25
N MET B 353 -16.85 -5.22 10.34
CA MET B 353 -15.89 -5.38 9.26
C MET B 353 -15.45 -6.83 9.11
N MET B 354 -15.33 -7.55 10.23
CA MET B 354 -15.01 -8.98 10.17
C MET B 354 -16.09 -9.74 9.42
N THR B 355 -17.36 -9.45 9.71
CA THR B 355 -18.45 -10.10 8.98
C THR B 355 -18.45 -9.71 7.51
N ASP B 356 -18.11 -8.46 7.21
CA ASP B 356 -18.07 -8.01 5.82
C ASP B 356 -16.98 -8.70 5.02
N SER B 357 -15.83 -8.97 5.64
CA SER B 357 -14.67 -9.50 4.91
C SER B 357 -14.41 -10.97 5.15
N HIS B 358 -15.24 -11.66 5.94
CA HIS B 358 -14.97 -13.07 6.24
C HIS B 358 -14.97 -13.93 4.98
N THR B 359 -15.76 -13.58 3.97
CA THR B 359 -15.80 -14.40 2.75
C THR B 359 -14.47 -14.40 2.03
N TRP B 360 -13.76 -13.26 2.04
CA TRP B 360 -12.46 -13.20 1.40
C TRP B 360 -11.33 -13.66 2.33
N LEU B 361 -11.53 -13.53 3.65
CA LEU B 361 -10.47 -13.87 4.59
C LEU B 361 -10.45 -15.35 4.95
N HIS B 362 -11.58 -16.03 4.91
CA HIS B 362 -11.66 -17.40 5.42
C HIS B 362 -10.82 -18.35 4.59
N GLY B 363 -10.03 -19.17 5.27
CA GLY B 363 -9.24 -20.21 4.63
C GLY B 363 -7.90 -19.76 4.08
N LYS B 364 -7.58 -18.47 4.15
CA LYS B 364 -6.33 -17.99 3.59
C LYS B 364 -5.15 -18.44 4.44
N ARG B 365 -4.10 -18.90 3.77
CA ARG B 365 -2.92 -19.46 4.43
C ARG B 365 -1.83 -18.39 4.53
N PHE B 366 -1.28 -18.24 5.73
CA PHE B 366 -0.31 -17.18 6.00
C PHE B 366 0.94 -17.77 6.64
N ALA B 367 2.09 -17.27 6.19
CA ALA B 367 3.37 -17.53 6.85
C ALA B 367 3.84 -16.20 7.44
N LEU B 368 3.93 -16.13 8.75
CA LEU B 368 4.21 -14.87 9.43
C LEU B 368 5.43 -15.00 10.32
N TRP B 369 6.07 -13.86 10.58
CA TRP B 369 7.20 -13.84 11.51
C TRP B 369 7.32 -12.47 12.17
N GLY B 370 8.06 -12.44 13.26
CA GLY B 370 8.25 -11.22 14.02
C GLY B 370 8.64 -11.55 15.46
N ASP B 371 8.38 -10.59 16.34
CA ASP B 371 8.66 -10.76 17.77
C ASP B 371 7.58 -11.61 18.43
N PRO B 372 7.91 -12.24 19.56
CA PRO B 372 6.96 -13.24 20.14
C PRO B 372 5.57 -12.71 20.42
N ASP B 373 5.44 -11.61 21.15
CA ASP B 373 4.11 -11.10 21.49
C ASP B 373 3.35 -10.66 20.25
N PHE B 374 4.01 -9.95 19.34
CA PHE B 374 3.37 -9.55 18.09
C PHE B 374 2.94 -10.75 17.27
N VAL B 375 3.81 -11.76 17.20
CA VAL B 375 3.50 -12.95 16.40
C VAL B 375 2.29 -13.67 16.97
N MET B 376 2.25 -13.84 18.30
CA MET B 376 1.13 -14.58 18.88
C MET B 376 -0.16 -13.78 18.81
N GLY B 377 -0.10 -12.46 18.96
CA GLY B 377 -1.29 -11.65 18.75
C GLY B 377 -1.81 -11.73 17.33
N LEU B 378 -0.89 -11.69 16.35
CA LEU B 378 -1.28 -11.84 14.96
C LEU B 378 -1.89 -13.22 14.70
N VAL B 379 -1.31 -14.26 15.28
CA VAL B 379 -1.86 -15.61 15.11
C VAL B 379 -3.26 -15.70 15.69
N LYS B 380 -3.46 -15.13 16.88
CA LYS B 380 -4.78 -15.15 17.51
C LYS B 380 -5.80 -14.40 16.65
N PHE B 381 -5.41 -13.22 16.14
CA PHE B 381 -6.33 -12.46 15.29
C PHE B 381 -6.64 -13.19 14.00
N LEU B 382 -5.64 -13.83 13.39
CA LEU B 382 -5.88 -14.60 12.17
C LEU B 382 -6.82 -15.76 12.43
N LEU B 383 -6.67 -16.42 13.59
CA LEU B 383 -7.61 -17.48 13.96
C LEU B 383 -9.01 -16.92 14.14
N GLU B 384 -9.12 -15.72 14.71
CA GLU B 384 -10.44 -15.11 14.86
C GLU B 384 -11.06 -14.77 13.50
N LEU B 385 -10.24 -14.59 12.47
CA LEU B 385 -10.72 -14.26 11.14
C LEU B 385 -11.01 -15.48 10.29
N GLY B 386 -10.78 -16.69 10.82
CA GLY B 386 -10.92 -17.88 10.02
C GLY B 386 -9.76 -18.18 9.10
N CYS B 387 -8.62 -17.52 9.31
CA CYS B 387 -7.44 -17.74 8.50
C CYS B 387 -6.60 -18.87 9.09
N GLU B 388 -5.70 -19.40 8.27
CA GLU B 388 -4.82 -20.50 8.66
C GLU B 388 -3.36 -20.05 8.68
N PRO B 389 -2.79 -19.82 9.86
CA PRO B 389 -1.36 -19.47 9.92
C PRO B 389 -0.47 -20.69 9.83
N VAL B 390 -0.18 -21.15 8.61
CA VAL B 390 0.49 -22.43 8.42
C VAL B 390 1.91 -22.41 8.95
N HIS B 391 2.65 -21.32 8.69
CA HIS B 391 4.05 -21.21 9.12
C HIS B 391 4.17 -20.05 10.10
N ILE B 392 4.48 -20.37 11.35
CA ILE B 392 4.66 -19.37 12.40
C ILE B 392 6.11 -19.43 12.83
N LEU B 393 6.87 -18.38 12.54
CA LEU B 393 8.30 -18.34 12.81
C LEU B 393 8.61 -17.21 13.77
N CYS B 394 9.41 -17.51 14.78
CA CYS B 394 9.87 -16.51 15.75
C CYS B 394 11.33 -16.84 16.07
N HIS B 395 12.25 -16.08 15.45
CA HIS B 395 13.67 -16.38 15.63
C HIS B 395 14.11 -16.18 17.07
N ASN B 396 13.46 -15.26 17.79
CA ASN B 396 13.81 -14.96 19.17
C ASN B 396 12.81 -15.54 20.16
N GLY B 397 12.03 -16.54 19.76
CA GLY B 397 11.11 -17.20 20.68
C GLY B 397 11.79 -18.27 21.50
N ASN B 398 11.08 -18.73 22.52
CA ASN B 398 11.56 -19.77 23.41
C ASN B 398 10.55 -20.91 23.48
N LYS B 399 10.87 -21.93 24.27
CA LYS B 399 10.04 -23.13 24.33
C LYS B 399 8.71 -22.86 25.02
N ARG B 400 8.71 -22.05 26.08
CA ARG B 400 7.46 -21.72 26.77
C ARG B 400 6.53 -20.93 25.85
N TRP B 401 7.07 -19.97 25.11
CA TRP B 401 6.27 -19.21 24.17
C TRP B 401 5.71 -20.11 23.07
N LYS B 402 6.53 -21.05 22.58
CA LYS B 402 6.04 -22.00 21.58
C LYS B 402 4.93 -22.86 22.14
N LYS B 403 5.05 -23.30 23.39
CA LYS B 403 3.99 -24.07 24.03
C LYS B 403 2.70 -23.26 24.12
N ALA B 404 2.81 -21.98 24.50
CA ALA B 404 1.63 -21.13 24.57
C ALA B 404 0.98 -20.95 23.21
N VAL B 405 1.79 -20.75 22.16
CA VAL B 405 1.23 -20.57 20.82
C VAL B 405 0.59 -21.87 20.34
N ASP B 406 1.19 -23.01 20.66
CA ASP B 406 0.60 -24.30 20.31
C ASP B 406 -0.73 -24.49 21.03
N ALA B 407 -0.81 -24.06 22.29
CA ALA B 407 -2.08 -24.14 23.02
C ALA B 407 -3.13 -23.25 22.38
N ILE B 408 -2.73 -22.06 21.92
CA ILE B 408 -3.67 -21.19 21.21
C ILE B 408 -4.14 -21.86 19.92
N LEU B 409 -3.22 -22.48 19.18
CA LEU B 409 -3.58 -23.11 17.91
C LEU B 409 -4.49 -24.31 18.12
N ALA B 410 -4.28 -25.07 19.21
CA ALA B 410 -5.10 -26.25 19.46
C ALA B 410 -6.52 -25.88 19.87
N ALA B 411 -6.72 -24.66 20.35
CA ALA B 411 -8.05 -24.21 20.74
C ALA B 411 -8.89 -23.74 19.57
N SER B 412 -8.34 -23.73 18.37
CA SER B 412 -9.06 -23.27 17.19
C SER B 412 -9.02 -24.32 16.10
N PRO B 413 -10.13 -24.53 15.39
CA PRO B 413 -10.12 -25.46 14.24
C PRO B 413 -9.26 -24.97 13.10
N TYR B 414 -8.91 -23.69 13.06
CA TYR B 414 -8.13 -23.10 11.97
C TYR B 414 -6.63 -23.16 12.21
N GLY B 415 -6.20 -23.70 13.35
CA GLY B 415 -4.79 -23.87 13.61
C GLY B 415 -4.32 -25.30 13.41
N LYS B 416 -5.12 -26.10 12.71
CA LYS B 416 -4.82 -27.51 12.54
C LYS B 416 -3.55 -27.71 11.72
N ASN B 417 -3.36 -26.91 10.66
CA ASN B 417 -2.22 -27.04 9.76
C ASN B 417 -1.12 -26.04 10.10
N ALA B 418 -1.00 -25.66 11.37
CA ALA B 418 -0.06 -24.64 11.79
C ALA B 418 1.12 -25.26 12.51
N THR B 419 2.33 -24.78 12.20
CA THR B 419 3.54 -25.20 12.86
C THR B 419 4.27 -23.96 13.37
N VAL B 420 4.85 -24.06 14.56
CA VAL B 420 5.56 -22.96 15.20
C VAL B 420 7.04 -23.28 15.20
N TYR B 421 7.85 -22.34 14.75
CA TYR B 421 9.30 -22.50 14.66
C TYR B 421 9.97 -21.43 15.52
N ILE B 422 10.88 -21.86 16.38
CA ILE B 422 11.68 -20.96 17.20
C ILE B 422 13.14 -21.22 16.91
N GLY B 423 13.93 -20.14 16.86
CA GLY B 423 15.33 -20.25 16.52
C GLY B 423 15.62 -20.43 15.04
N LYS B 424 14.60 -20.31 14.20
CA LYS B 424 14.76 -20.45 12.76
C LYS B 424 14.77 -19.08 12.10
N ASP B 425 15.62 -18.93 11.09
CA ASP B 425 15.80 -17.68 10.40
C ASP B 425 14.92 -17.63 9.15
N LEU B 426 15.11 -16.61 8.32
CA LEU B 426 14.28 -16.42 7.14
C LEU B 426 14.67 -17.31 5.97
N TRP B 427 15.86 -17.91 5.98
CA TRP B 427 16.16 -18.95 5.01
C TRP B 427 15.31 -20.19 5.25
N HIS B 428 15.12 -20.56 6.53
CA HIS B 428 14.19 -21.62 6.88
C HIS B 428 12.79 -21.30 6.40
N LEU B 429 12.35 -20.06 6.59
CA LEU B 429 11.01 -19.67 6.15
C LEU B 429 10.88 -19.68 4.64
N ARG B 430 11.95 -19.31 3.93
CA ARG B 430 11.91 -19.38 2.47
C ARG B 430 11.76 -20.82 2.00
N SER B 431 12.50 -21.74 2.64
CA SER B 431 12.31 -23.15 2.34
C SER B 431 10.89 -23.59 2.64
N LEU B 432 10.33 -23.14 3.76
CA LEU B 432 8.97 -23.53 4.14
C LEU B 432 7.93 -23.03 3.15
N VAL B 433 8.05 -21.78 2.70
CA VAL B 433 7.08 -21.26 1.74
C VAL B 433 7.28 -21.86 0.37
N PHE B 434 8.49 -22.35 0.06
CA PHE B 434 8.66 -23.07 -1.20
C PHE B 434 8.06 -24.47 -1.15
N THR B 435 8.23 -25.18 -0.03
CA THR B 435 7.76 -26.57 0.03
C THR B 435 6.29 -26.67 0.40
N ASP B 436 5.82 -25.80 1.27
CA ASP B 436 4.41 -25.76 1.69
C ASP B 436 3.93 -24.33 1.46
N LYS B 437 3.47 -24.06 0.24
CA LYS B 437 3.17 -22.70 -0.17
C LYS B 437 1.98 -22.13 0.59
N PRO B 438 2.12 -21.01 1.28
CA PRO B 438 0.96 -20.30 1.82
C PRO B 438 0.42 -19.32 0.79
N ASP B 439 -0.73 -18.73 1.12
CA ASP B 439 -1.29 -17.69 0.25
C ASP B 439 -0.51 -16.39 0.37
N PHE B 440 -0.11 -16.03 1.59
CA PHE B 440 0.58 -14.77 1.82
C PHE B 440 1.62 -14.92 2.92
N MET B 441 2.56 -13.98 2.94
CA MET B 441 3.51 -13.83 4.02
C MET B 441 3.19 -12.56 4.79
N ILE B 442 3.44 -12.57 6.09
CA ILE B 442 3.31 -11.37 6.93
C ILE B 442 4.61 -11.18 7.69
N GLY B 443 5.23 -10.02 7.53
CA GLY B 443 6.50 -9.78 8.19
C GLY B 443 7.09 -8.45 7.77
N ASN B 444 8.36 -8.28 8.12
CA ASN B 444 9.07 -7.03 7.88
C ASN B 444 9.56 -6.99 6.43
N SER B 445 10.34 -5.95 6.11
CA SER B 445 10.75 -5.73 4.72
C SER B 445 11.66 -6.83 4.20
N TYR B 446 12.36 -7.54 5.09
CA TYR B 446 13.28 -8.58 4.66
C TYR B 446 12.57 -9.66 3.84
N GLY B 447 11.33 -9.98 4.22
CA GLY B 447 10.57 -10.98 3.50
C GLY B 447 10.36 -10.65 2.04
N LYS B 448 10.52 -9.38 1.66
CA LYS B 448 10.43 -9.03 0.25
C LYS B 448 11.38 -9.88 -0.59
N PHE B 449 12.57 -10.15 -0.07
CA PHE B 449 13.52 -10.98 -0.81
C PHE B 449 12.95 -12.37 -1.02
N ILE B 450 12.33 -12.94 0.02
CA ILE B 450 11.67 -14.23 -0.14
C ILE B 450 10.65 -14.17 -1.27
N GLN B 451 9.85 -13.09 -1.29
CA GLN B 451 8.87 -12.95 -2.36
C GLN B 451 9.56 -13.01 -3.72
N ARG B 452 10.67 -12.29 -3.86
CA ARG B 452 11.41 -12.32 -5.11
C ARG B 452 11.75 -13.75 -5.49
N ASP B 453 12.30 -14.51 -4.53
CA ASP B 453 12.66 -15.90 -4.81
C ASP B 453 11.46 -16.69 -5.29
N THR B 454 10.31 -16.50 -4.64
CA THR B 454 9.12 -17.24 -5.06
C THR B 454 8.73 -16.87 -6.49
N LEU B 455 8.82 -15.59 -6.83
CA LEU B 455 8.49 -15.18 -8.18
C LEU B 455 9.48 -15.77 -9.19
N HIS B 456 10.71 -16.05 -8.76
CA HIS B 456 11.67 -16.68 -9.66
C HIS B 456 11.26 -18.11 -9.99
N LYS B 457 10.53 -18.77 -9.09
CA LYS B 457 10.04 -20.11 -9.41
C LYS B 457 8.87 -20.04 -10.38
N GLY B 458 8.08 -18.97 -10.32
CA GLY B 458 6.95 -18.78 -11.20
C GLY B 458 5.94 -17.85 -10.58
N LYS B 459 5.08 -17.30 -11.43
CA LYS B 459 4.03 -16.42 -10.95
C LYS B 459 3.04 -17.17 -10.06
N GLU B 460 2.73 -18.42 -10.41
CA GLU B 460 1.83 -19.23 -9.59
C GLU B 460 2.45 -19.62 -8.26
N PHE B 461 3.78 -19.58 -8.14
CA PHE B 461 4.46 -19.90 -6.89
C PHE B 461 4.79 -18.67 -6.06
N GLU B 462 4.50 -17.48 -6.56
CA GLU B 462 4.83 -16.26 -5.85
C GLU B 462 4.00 -16.14 -4.58
N VAL B 463 4.66 -15.83 -3.46
CA VAL B 463 4.02 -15.57 -2.18
C VAL B 463 4.15 -14.07 -1.91
N PRO B 464 3.08 -13.29 -2.03
CA PRO B 464 3.19 -11.85 -1.77
C PRO B 464 3.38 -11.57 -0.29
N LEU B 465 4.09 -10.48 0.00
CA LEU B 465 4.43 -10.07 1.35
C LEU B 465 3.53 -8.94 1.82
N ILE B 466 3.08 -9.05 3.07
CA ILE B 466 2.33 -8.00 3.75
C ILE B 466 3.21 -7.48 4.88
N ARG B 467 3.52 -6.19 4.81
CA ARG B 467 4.53 -5.57 5.67
C ARG B 467 3.87 -5.15 6.98
N ILE B 468 3.89 -6.05 7.96
CA ILE B 468 3.46 -5.74 9.32
C ILE B 468 4.56 -6.23 10.25
N GLY B 469 5.17 -5.31 10.97
CA GLY B 469 6.21 -5.65 11.92
C GLY B 469 7.35 -4.65 11.84
N PHE B 470 8.51 -5.07 12.33
CA PHE B 470 9.69 -4.23 12.38
C PHE B 470 10.90 -5.01 11.86
N PRO B 471 11.72 -4.38 11.01
CA PRO B 471 11.58 -3.03 10.47
C PRO B 471 10.97 -3.00 9.07
N ILE B 472 10.28 -1.93 8.72
CA ILE B 472 9.74 -1.73 7.38
C ILE B 472 10.52 -0.59 6.75
N PHE B 473 11.35 -0.93 5.75
CA PHE B 473 12.28 0.02 5.16
C PHE B 473 11.85 0.50 3.78
N ASP B 474 11.10 -0.30 3.03
CA ASP B 474 10.78 0.00 1.64
C ASP B 474 9.42 0.65 1.46
N ARG B 475 8.72 0.95 2.55
CA ARG B 475 7.48 1.70 2.49
C ARG B 475 7.55 2.87 3.46
N HIS B 476 6.83 3.94 3.12
CA HIS B 476 6.88 5.18 3.88
C HIS B 476 5.71 5.27 4.84
N HIS B 477 5.99 5.73 6.06
CA HIS B 477 5.00 6.10 7.06
C HIS B 477 4.13 4.94 7.53
N LEU B 478 4.58 3.70 7.32
CA LEU B 478 3.86 2.56 7.89
C LEU B 478 4.07 2.42 9.38
N HIS B 479 5.11 3.07 9.93
CA HIS B 479 5.34 3.09 11.37
C HIS B 479 4.29 3.87 12.13
N ARG B 480 3.45 4.64 11.43
CA ARG B 480 2.35 5.37 12.04
C ARG B 480 1.10 4.52 12.20
N SER B 481 1.13 3.26 11.74
CA SER B 481 -0.04 2.41 11.81
C SER B 481 -0.25 1.90 13.24
N THR B 482 -1.38 1.22 13.43
CA THR B 482 -1.76 0.65 14.71
C THR B 482 -1.99 -0.85 14.54
N THR B 483 -1.45 -1.64 15.47
CA THR B 483 -1.73 -3.06 15.53
C THR B 483 -2.41 -3.49 16.83
N LEU B 484 -2.61 -2.57 17.76
CA LEU B 484 -3.19 -2.89 19.06
C LEU B 484 -4.64 -2.41 19.13
N GLY B 485 -5.44 -3.10 19.94
CA GLY B 485 -6.80 -2.70 20.17
C GLY B 485 -7.71 -2.96 18.96
N TYR B 486 -8.92 -2.41 19.08
CA TYR B 486 -9.88 -2.54 17.99
C TYR B 486 -9.44 -1.77 16.76
N GLU B 487 -8.87 -0.58 16.94
CA GLU B 487 -8.39 0.19 15.80
C GLU B 487 -7.27 -0.55 15.07
N GLY B 488 -6.33 -1.12 15.84
CA GLY B 488 -5.29 -1.92 15.22
C GLY B 488 -5.83 -3.14 14.51
N ALA B 489 -6.81 -3.81 15.11
CA ALA B 489 -7.43 -4.96 14.47
C ALA B 489 -8.11 -4.57 13.16
N MET B 490 -8.81 -3.43 13.15
CA MET B 490 -9.44 -2.96 11.92
C MET B 490 -8.42 -2.65 10.85
N GLN B 491 -7.32 -1.99 11.22
CA GLN B 491 -6.28 -1.68 10.24
C GLN B 491 -5.66 -2.96 9.69
N ILE B 492 -5.38 -3.93 10.55
CA ILE B 492 -4.79 -5.19 10.11
C ILE B 492 -5.75 -5.93 9.19
N LEU B 493 -7.03 -5.98 9.56
CA LEU B 493 -8.03 -6.65 8.73
C LEU B 493 -8.15 -6.00 7.36
N THR B 494 -8.17 -4.66 7.33
CA THR B 494 -8.25 -3.95 6.06
C THR B 494 -7.03 -4.26 5.20
N THR B 495 -5.84 -4.24 5.80
CA THR B 495 -4.62 -4.55 5.06
C THR B 495 -4.69 -5.96 4.48
N LEU B 496 -5.12 -6.93 5.28
CA LEU B 496 -5.16 -8.32 4.82
C LEU B 496 -6.17 -8.51 3.69
N VAL B 497 -7.40 -8.03 3.89
CA VAL B 497 -8.43 -8.26 2.88
C VAL B 497 -8.09 -7.51 1.59
N ASN B 498 -7.51 -6.30 1.71
CA ASN B 498 -7.19 -5.57 0.50
C ASN B 498 -5.96 -6.13 -0.19
N SER B 499 -5.04 -6.75 0.55
CA SER B 499 -3.96 -7.49 -0.11
C SER B 499 -4.51 -8.67 -0.88
N ILE B 500 -5.45 -9.41 -0.30
CA ILE B 500 -6.07 -10.53 -1.00
C ILE B 500 -6.77 -10.04 -2.27
N LEU B 501 -7.50 -8.93 -2.16
CA LEU B 501 -8.24 -8.41 -3.30
C LEU B 501 -7.30 -7.86 -4.37
N GLU B 502 -6.21 -7.22 -3.96
CA GLU B 502 -5.21 -6.75 -4.92
C GLU B 502 -4.57 -7.90 -5.68
N ARG B 503 -4.24 -8.98 -4.97
CA ARG B 503 -3.70 -10.17 -5.63
C ARG B 503 -4.71 -10.77 -6.60
N LEU B 504 -5.98 -10.83 -6.21
CA LEU B 504 -7.00 -11.36 -7.11
C LEU B 504 -7.17 -10.49 -8.34
N ASP B 505 -7.14 -9.16 -8.16
CA ASP B 505 -7.22 -8.25 -9.30
C ASP B 505 -6.04 -8.43 -10.24
N GLU B 506 -4.83 -8.59 -9.68
CA GLU B 506 -3.66 -8.80 -10.51
C GLU B 506 -3.75 -10.11 -11.27
N GLU B 507 -4.27 -11.17 -10.64
CA GLU B 507 -4.36 -12.47 -11.30
C GLU B 507 -5.43 -12.51 -12.38
N THR B 508 -6.42 -11.60 -12.31
CA THR B 508 -7.54 -11.61 -13.25
C THR B 508 -7.52 -10.41 -14.20
N ARG B 509 -6.38 -9.72 -14.32
CA ARG B 509 -6.31 -8.57 -15.20
C ARG B 509 -6.08 -8.95 -16.66
N GLY B 510 -5.73 -10.20 -16.94
CA GLY B 510 -5.47 -10.63 -18.31
C GLY B 510 -6.70 -10.63 -19.20
N MET B 511 -6.69 -9.78 -20.22
CA MET B 511 -7.85 -9.61 -21.08
C MET B 511 -8.04 -10.85 -21.95
N GLN B 512 -9.28 -11.35 -22.00
CA GLN B 512 -9.69 -12.54 -22.75
C GLN B 512 -9.01 -13.81 -22.27
N ALA B 513 -8.23 -13.73 -21.19
CA ALA B 513 -7.59 -14.92 -20.61
C ALA B 513 -8.12 -15.21 -19.22
N THR B 514 -8.06 -14.24 -18.30
CA THR B 514 -8.55 -14.42 -16.95
C THR B 514 -9.50 -13.32 -16.50
N ASP B 515 -9.77 -12.33 -17.35
CA ASP B 515 -10.57 -11.18 -16.95
C ASP B 515 -12.06 -11.47 -16.89
N TYR B 516 -12.48 -12.73 -17.07
CA TYR B 516 -13.88 -13.07 -16.81
C TYR B 516 -14.23 -12.90 -15.34
N ASN B 517 -13.25 -13.02 -14.46
CA ASN B 517 -13.43 -12.85 -13.03
C ASN B 517 -12.91 -11.49 -12.53
N HIS B 518 -12.59 -10.57 -13.43
CA HIS B 518 -12.16 -9.22 -13.06
C HIS B 518 -13.39 -8.39 -12.68
N ASP B 519 -13.95 -8.72 -11.52
CA ASP B 519 -15.23 -8.19 -11.10
C ASP B 519 -15.10 -6.76 -10.58
N LEU B 520 -16.05 -5.91 -10.97
CA LEU B 520 -16.12 -4.57 -10.41
C LEU B 520 -16.44 -4.60 -8.92
N VAL B 521 -17.34 -5.49 -8.51
CA VAL B 521 -17.78 -5.58 -7.12
C VAL B 521 -17.10 -6.78 -6.48
N ARG B 522 -16.41 -6.55 -5.36
CA ARG B 522 -15.76 -7.62 -4.63
C ARG B 522 -16.17 -7.59 -3.16
N SER C 45 -49.75 -13.16 -5.57
CA SER C 45 -48.50 -13.29 -6.30
C SER C 45 -48.50 -12.43 -7.56
N ASN C 46 -47.36 -11.80 -7.83
CA ASN C 46 -47.17 -10.93 -8.98
C ASN C 46 -48.19 -9.80 -8.99
N LYS C 47 -48.24 -9.05 -7.90
CA LYS C 47 -49.12 -7.89 -7.75
C LYS C 47 -48.30 -6.63 -7.57
N LYS C 48 -48.98 -5.50 -7.46
CA LYS C 48 -48.31 -4.21 -7.31
C LYS C 48 -47.65 -4.11 -5.94
N SER C 49 -46.55 -3.37 -5.90
CA SER C 49 -45.84 -3.13 -4.65
C SER C 49 -46.55 -2.05 -3.83
N GLN C 50 -46.59 -2.25 -2.52
CA GLN C 50 -47.19 -1.26 -1.65
C GLN C 50 -46.30 -0.02 -1.59
N PRO C 51 -46.84 1.17 -1.87
CA PRO C 51 -46.02 2.38 -1.83
C PRO C 51 -45.49 2.65 -0.43
N GLY C 52 -44.27 3.21 -0.39
CA GLY C 52 -43.67 3.60 0.87
C GLY C 52 -43.02 2.49 1.66
N LEU C 53 -42.93 1.29 1.11
CA LEU C 53 -42.25 0.18 1.75
C LEU C 53 -41.02 -0.20 0.94
N MET C 54 -39.92 -0.50 1.64
CA MET C 54 -38.73 -0.96 0.94
C MET C 54 -38.93 -2.34 0.37
N THR C 55 -38.31 -2.58 -0.78
CA THR C 55 -38.38 -3.88 -1.43
C THR C 55 -37.16 -4.04 -2.32
N ILE C 56 -36.91 -5.29 -2.71
CA ILE C 56 -35.77 -5.61 -3.55
C ILE C 56 -36.09 -5.48 -5.04
N ARG C 57 -37.37 -5.46 -5.40
CA ARG C 57 -37.78 -5.53 -6.80
C ARG C 57 -37.16 -4.41 -7.62
N GLY C 58 -36.62 -4.78 -8.78
CA GLY C 58 -36.13 -3.84 -9.76
C GLY C 58 -37.24 -3.36 -10.67
N CYS C 59 -36.82 -2.77 -11.78
CA CYS C 59 -37.73 -2.23 -12.77
C CYS C 59 -37.71 -3.10 -14.03
N ALA C 60 -38.51 -2.70 -15.02
CA ALA C 60 -38.52 -3.40 -16.30
C ALA C 60 -37.18 -3.25 -17.01
N TYR C 61 -36.54 -2.08 -16.86
CA TYR C 61 -35.21 -1.88 -17.44
C TYR C 61 -34.20 -2.82 -16.82
N ALA C 62 -34.28 -3.02 -15.51
CA ALA C 62 -33.37 -3.96 -14.85
C ALA C 62 -33.59 -5.38 -15.35
N GLY C 63 -34.85 -5.77 -15.56
CA GLY C 63 -35.13 -7.10 -16.05
C GLY C 63 -34.77 -7.30 -17.51
N SER C 64 -34.74 -6.22 -18.28
CA SER C 64 -34.40 -6.32 -19.71
C SER C 64 -32.92 -6.08 -19.95
N LYS C 65 -32.42 -4.92 -19.55
CA LYS C 65 -31.01 -4.61 -19.75
C LYS C 65 -30.12 -5.47 -18.85
N GLY C 66 -30.45 -5.53 -17.57
CA GLY C 66 -29.57 -6.19 -16.62
C GLY C 66 -29.58 -7.70 -16.69
N VAL C 67 -30.65 -8.30 -17.18
CA VAL C 67 -30.85 -9.75 -17.15
C VAL C 67 -30.72 -10.36 -18.53
N VAL C 68 -31.56 -9.93 -19.47
CA VAL C 68 -31.70 -10.64 -20.74
C VAL C 68 -30.73 -10.13 -21.80
N TRP C 69 -30.63 -8.80 -21.97
CA TRP C 69 -29.88 -8.27 -23.09
C TRP C 69 -28.42 -7.98 -22.74
N GLY C 70 -28.16 -7.48 -21.53
CA GLY C 70 -26.83 -7.09 -21.13
C GLY C 70 -25.76 -8.17 -21.23
N PRO C 71 -26.08 -9.41 -20.83
CA PRO C 71 -25.07 -10.48 -20.96
C PRO C 71 -24.66 -10.79 -22.38
N ILE C 72 -25.45 -10.41 -23.39
CA ILE C 72 -25.07 -10.63 -24.78
C ILE C 72 -23.80 -9.82 -25.05
N LYS C 73 -22.71 -10.51 -25.40
CA LYS C 73 -21.39 -9.89 -25.31
C LYS C 73 -21.01 -9.14 -26.58
N ASP C 74 -21.34 -9.66 -27.75
CA ASP C 74 -20.93 -9.01 -28.99
C ASP C 74 -21.88 -7.91 -29.44
N MET C 75 -22.93 -7.63 -28.67
CA MET C 75 -23.83 -6.53 -28.94
C MET C 75 -23.52 -5.35 -28.01
N ILE C 76 -23.91 -4.17 -28.45
CA ILE C 76 -23.77 -2.95 -27.66
C ILE C 76 -25.17 -2.52 -27.22
N HIS C 77 -25.34 -2.33 -25.92
CA HIS C 77 -26.64 -2.01 -25.35
C HIS C 77 -26.62 -0.58 -24.84
N ILE C 78 -27.47 0.27 -25.44
CA ILE C 78 -27.55 1.68 -25.09
C ILE C 78 -28.66 1.87 -24.07
N SER C 79 -28.29 2.37 -22.89
CA SER C 79 -29.27 2.77 -21.89
C SER C 79 -29.82 4.13 -22.30
N HIS C 80 -30.94 4.11 -23.03
CA HIS C 80 -31.50 5.33 -23.61
C HIS C 80 -32.23 6.11 -22.53
N GLY C 81 -31.74 7.31 -22.22
CA GLY C 81 -32.29 8.12 -21.17
C GLY C 81 -31.20 8.78 -20.35
N PRO C 82 -31.54 9.22 -19.15
CA PRO C 82 -30.52 9.83 -18.27
C PRO C 82 -29.47 8.83 -17.84
N VAL C 83 -28.46 9.36 -17.13
CA VAL C 83 -27.23 8.60 -16.89
C VAL C 83 -27.37 7.59 -15.75
N GLY C 84 -28.32 7.81 -14.84
CA GLY C 84 -28.34 7.03 -13.61
C GLY C 84 -28.57 5.56 -13.83
N CYS C 85 -29.57 5.21 -14.66
CA CYS C 85 -29.94 3.81 -14.82
C CYS C 85 -28.76 3.01 -15.37
N GLY C 86 -28.10 3.54 -16.39
CA GLY C 86 -26.92 2.87 -16.92
C GLY C 86 -25.78 2.80 -15.91
N GLN C 87 -25.58 3.88 -15.15
CA GLN C 87 -24.48 3.91 -14.20
C GLN C 87 -24.63 2.87 -13.10
N TYR C 88 -25.85 2.72 -12.55
CA TYR C 88 -26.03 1.84 -11.40
C TYR C 88 -25.97 0.37 -11.80
N SER C 89 -26.31 0.05 -13.05
CA SER C 89 -26.32 -1.33 -13.52
C SER C 89 -25.04 -1.73 -14.22
N ARG C 90 -24.03 -0.85 -14.28
CA ARG C 90 -22.80 -1.18 -14.98
C ARG C 90 -22.01 -2.21 -14.20
N ALA C 91 -21.79 -3.38 -14.81
CA ALA C 91 -21.04 -4.48 -14.20
C ALA C 91 -21.62 -4.88 -12.85
N GLY C 92 -22.93 -4.67 -12.67
CA GLY C 92 -23.56 -5.01 -11.41
C GLY C 92 -23.78 -6.50 -11.24
N ARG C 93 -24.09 -7.18 -12.33
CA ARG C 93 -24.34 -8.63 -12.31
C ARG C 93 -23.17 -9.35 -12.96
N ARG C 94 -22.80 -10.49 -12.38
CA ARG C 94 -21.62 -11.23 -12.81
C ARG C 94 -21.98 -12.25 -13.90
N ASN C 95 -22.47 -11.73 -15.02
CA ASN C 95 -22.72 -12.56 -16.20
C ASN C 95 -21.39 -12.77 -16.91
N TYR C 96 -20.74 -13.89 -16.58
CA TYR C 96 -19.38 -14.13 -17.07
C TYR C 96 -19.37 -14.39 -18.56
N TYR C 97 -18.34 -13.88 -19.23
CA TYR C 97 -18.22 -14.01 -20.67
C TYR C 97 -16.74 -14.04 -21.04
N ILE C 98 -16.47 -14.50 -22.26
CA ILE C 98 -15.13 -14.51 -22.82
C ILE C 98 -15.10 -13.54 -24.00
N GLY C 99 -14.24 -12.54 -23.91
CA GLY C 99 -14.11 -11.59 -24.99
C GLY C 99 -13.14 -10.49 -24.63
N THR C 100 -12.86 -9.65 -25.62
CA THR C 100 -12.01 -8.47 -25.44
C THR C 100 -12.91 -7.27 -25.21
N THR C 101 -12.96 -6.80 -23.96
CA THR C 101 -13.89 -5.74 -23.60
C THR C 101 -13.49 -4.43 -24.27
N GLY C 102 -14.47 -3.77 -24.89
CA GLY C 102 -14.23 -2.55 -25.61
C GLY C 102 -13.88 -2.73 -27.07
N VAL C 103 -13.65 -3.96 -27.52
CA VAL C 103 -13.28 -4.22 -28.91
C VAL C 103 -14.34 -5.10 -29.55
N ASN C 104 -14.51 -6.31 -29.02
CA ASN C 104 -15.53 -7.23 -29.52
C ASN C 104 -16.54 -7.64 -28.46
N ALA C 105 -16.28 -7.34 -27.19
CA ALA C 105 -17.23 -7.61 -26.11
C ALA C 105 -17.48 -6.31 -25.35
N PHE C 106 -18.71 -6.14 -24.85
CA PHE C 106 -19.13 -4.85 -24.31
C PHE C 106 -19.98 -5.00 -23.06
N VAL C 107 -19.91 -6.14 -22.39
CA VAL C 107 -20.84 -6.44 -21.31
C VAL C 107 -20.67 -5.48 -20.15
N THR C 108 -19.43 -5.29 -19.68
CA THR C 108 -19.19 -4.48 -18.50
C THR C 108 -19.16 -2.99 -18.80
N MET C 109 -19.39 -2.60 -20.06
CA MET C 109 -19.34 -1.22 -20.49
C MET C 109 -20.68 -0.54 -20.22
N ASN C 110 -20.66 0.79 -20.25
CA ASN C 110 -21.85 1.61 -20.05
C ASN C 110 -22.04 2.53 -21.25
N PHE C 111 -22.95 2.14 -22.15
CA PHE C 111 -23.33 2.98 -23.28
C PHE C 111 -24.66 3.65 -22.94
N THR C 112 -24.69 4.98 -22.98
CA THR C 112 -25.87 5.72 -22.62
C THR C 112 -25.98 6.97 -23.47
N SER C 113 -27.22 7.45 -23.65
CA SER C 113 -27.44 8.71 -24.34
C SER C 113 -27.29 9.91 -23.41
N ASP C 114 -27.26 9.69 -22.09
CA ASP C 114 -27.02 10.72 -21.10
C ASP C 114 -27.95 11.92 -21.32
N PHE C 115 -29.24 11.66 -21.13
CA PHE C 115 -30.26 12.65 -21.45
C PHE C 115 -30.09 13.90 -20.59
N GLN C 116 -30.23 15.05 -21.23
CA GLN C 116 -30.22 16.35 -20.56
C GLN C 116 -31.62 16.97 -20.67
N GLU C 117 -31.72 18.22 -20.22
CA GLU C 117 -33.01 18.91 -20.25
C GLU C 117 -33.51 19.10 -21.68
N LYS C 118 -32.61 19.45 -22.60
CA LYS C 118 -33.02 19.66 -23.99
C LYS C 118 -33.49 18.37 -24.63
N ASP C 119 -32.87 17.24 -24.30
CA ASP C 119 -33.32 15.96 -24.82
C ASP C 119 -34.70 15.59 -24.28
N ILE C 120 -34.99 15.98 -23.04
CA ILE C 120 -36.32 15.72 -22.48
C ILE C 120 -37.36 16.62 -23.15
N VAL C 121 -37.02 17.89 -23.37
CA VAL C 121 -37.99 18.83 -23.91
C VAL C 121 -38.27 18.55 -25.38
N PHE C 122 -37.23 18.31 -26.17
CA PHE C 122 -37.37 18.22 -27.63
C PHE C 122 -37.19 16.79 -28.15
N GLY C 123 -37.09 15.80 -27.27
CA GLY C 123 -36.95 14.42 -27.69
C GLY C 123 -35.50 14.05 -27.96
N GLY C 124 -35.28 12.74 -28.07
CA GLY C 124 -33.93 12.23 -28.26
C GLY C 124 -33.75 11.32 -29.46
N ASP C 125 -34.64 11.42 -30.45
CA ASP C 125 -34.53 10.56 -31.63
C ASP C 125 -33.35 10.96 -32.50
N LYS C 126 -33.17 12.26 -32.73
CA LYS C 126 -31.98 12.74 -33.43
C LYS C 126 -30.72 12.37 -32.64
N LYS C 127 -30.76 12.54 -31.32
CA LYS C 127 -29.65 12.12 -30.49
C LYS C 127 -29.40 10.62 -30.60
N LEU C 128 -30.48 9.83 -30.66
CA LEU C 128 -30.31 8.38 -30.80
C LEU C 128 -29.66 8.01 -32.11
N ALA C 129 -30.07 8.66 -33.21
CA ALA C 129 -29.44 8.38 -34.50
C ALA C 129 -27.97 8.77 -34.51
N LYS C 130 -27.65 9.96 -33.97
CA LYS C 130 -26.27 10.39 -33.90
C LYS C 130 -25.44 9.45 -33.02
N LEU C 131 -26.03 8.99 -31.92
CA LEU C 131 -25.35 8.06 -31.02
C LEU C 131 -25.08 6.73 -31.71
N ILE C 132 -26.05 6.24 -32.50
CA ILE C 132 -25.85 4.99 -33.21
C ILE C 132 -24.73 5.13 -34.23
N ASP C 133 -24.69 6.26 -34.94
CA ASP C 133 -23.59 6.49 -35.87
C ASP C 133 -22.25 6.55 -35.14
N GLU C 134 -22.21 7.21 -33.98
CA GLU C 134 -20.96 7.29 -33.21
C GLU C 134 -20.54 5.92 -32.69
N VAL C 135 -21.51 5.09 -32.29
CA VAL C 135 -21.22 3.73 -31.86
C VAL C 135 -20.61 2.94 -33.00
N GLU C 136 -21.19 3.06 -34.20
CA GLU C 136 -20.62 2.39 -35.37
C GLU C 136 -19.20 2.87 -35.64
N THR C 137 -18.95 4.17 -35.49
CA THR C 137 -17.62 4.70 -35.73
C THR C 137 -16.60 4.18 -34.73
N LEU C 138 -16.91 4.26 -33.44
CA LEU C 138 -15.92 4.00 -32.40
C LEU C 138 -15.85 2.54 -31.98
N PHE C 139 -16.84 1.73 -32.33
CA PHE C 139 -16.87 0.31 -31.97
C PHE C 139 -17.26 -0.50 -33.19
N PRO C 140 -16.37 -0.60 -34.18
CA PRO C 140 -16.74 -1.24 -35.47
C PRO C 140 -16.98 -2.74 -35.37
N LEU C 141 -16.48 -3.41 -34.35
CA LEU C 141 -16.62 -4.87 -34.26
C LEU C 141 -17.88 -5.31 -33.54
N ASN C 142 -18.74 -4.40 -33.13
CA ASN C 142 -20.01 -4.79 -32.54
C ASN C 142 -20.88 -5.48 -33.58
N LYS C 143 -21.55 -6.55 -33.16
CA LYS C 143 -22.36 -7.37 -34.05
C LYS C 143 -23.84 -7.05 -33.93
N GLY C 144 -24.19 -5.96 -33.27
CA GLY C 144 -25.56 -5.56 -33.10
C GLY C 144 -25.69 -4.54 -32.01
N ILE C 145 -26.82 -3.84 -32.02
CA ILE C 145 -27.10 -2.79 -31.04
C ILE C 145 -28.50 -2.99 -30.51
N SER C 146 -28.66 -2.91 -29.20
CA SER C 146 -29.97 -2.86 -28.56
C SER C 146 -30.13 -1.51 -27.88
N VAL C 147 -31.35 -1.01 -27.85
CA VAL C 147 -31.69 0.27 -27.25
C VAL C 147 -32.67 -0.01 -26.13
N GLN C 148 -32.19 0.01 -24.88
CA GLN C 148 -33.03 -0.25 -23.72
C GLN C 148 -33.60 1.07 -23.21
N SER C 149 -34.93 1.21 -23.28
CA SER C 149 -35.56 2.45 -22.87
C SER C 149 -35.59 2.59 -21.36
N GLU C 150 -35.18 3.76 -20.87
CA GLU C 150 -35.41 4.12 -19.48
C GLU C 150 -36.75 4.87 -19.39
N CYS C 151 -37.11 5.29 -18.18
CA CYS C 151 -38.44 5.84 -17.93
C CYS C 151 -38.81 7.01 -18.84
N PRO C 152 -38.01 8.08 -18.95
CA PRO C 152 -38.47 9.25 -19.72
C PRO C 152 -38.70 8.96 -21.19
N ILE C 153 -38.10 7.89 -21.73
CA ILE C 153 -38.34 7.55 -23.13
C ILE C 153 -39.81 7.22 -23.36
N GLY C 154 -40.45 6.57 -22.39
CA GLY C 154 -41.84 6.23 -22.56
C GLY C 154 -42.82 7.33 -22.24
N LEU C 155 -42.35 8.46 -21.73
CA LEU C 155 -43.22 9.56 -21.32
C LEU C 155 -43.13 10.77 -22.22
N ILE C 156 -42.01 10.96 -22.93
CA ILE C 156 -41.85 12.12 -23.82
C ILE C 156 -42.27 11.82 -25.25
N GLY C 157 -42.78 10.62 -25.52
CA GLY C 157 -43.25 10.29 -26.85
C GLY C 157 -42.17 10.01 -27.87
N ASP C 158 -41.02 9.49 -27.45
CA ASP C 158 -39.95 9.17 -28.38
C ASP C 158 -40.24 7.87 -29.10
N ASP C 159 -39.97 7.86 -30.40
CA ASP C 159 -40.22 6.70 -31.26
C ASP C 159 -38.88 6.06 -31.59
N ILE C 160 -38.43 5.16 -30.71
CA ILE C 160 -37.16 4.48 -30.93
C ILE C 160 -37.28 3.36 -31.96
N GLU C 161 -38.50 2.87 -32.21
CA GLU C 161 -38.68 1.83 -33.22
C GLU C 161 -38.35 2.34 -34.62
N SER C 162 -38.86 3.52 -34.98
CA SER C 162 -38.58 4.08 -36.30
C SER C 162 -37.10 4.36 -36.48
N VAL C 163 -36.46 4.93 -35.45
CA VAL C 163 -35.02 5.18 -35.52
C VAL C 163 -34.27 3.86 -35.67
N SER C 164 -34.67 2.83 -34.93
CA SER C 164 -34.01 1.53 -35.02
C SER C 164 -34.13 0.96 -36.43
N LYS C 165 -35.33 1.01 -37.01
CA LYS C 165 -35.53 0.47 -38.36
C LYS C 165 -34.70 1.25 -39.37
N VAL C 166 -34.74 2.58 -39.30
CA VAL C 166 -34.04 3.41 -40.29
C VAL C 166 -32.54 3.18 -40.20
N LYS C 167 -31.98 3.19 -38.98
CA LYS C 167 -30.54 3.02 -38.84
C LYS C 167 -30.10 1.59 -39.14
N GLY C 168 -30.95 0.61 -38.84
CA GLY C 168 -30.61 -0.76 -39.21
C GLY C 168 -30.58 -0.97 -40.70
N ALA C 169 -31.55 -0.39 -41.42
CA ALA C 169 -31.50 -0.43 -42.88
C ALA C 169 -30.29 0.31 -43.42
N GLU C 170 -29.98 1.47 -42.81
CA GLU C 170 -28.84 2.27 -43.27
C GLU C 170 -27.52 1.53 -43.11
N LEU C 171 -27.28 0.96 -41.93
CA LEU C 171 -25.99 0.37 -41.60
C LEU C 171 -25.95 -1.14 -41.79
N SER C 172 -27.04 -1.76 -42.26
CA SER C 172 -27.13 -3.21 -42.39
C SER C 172 -26.78 -3.91 -41.07
N LYS C 173 -27.30 -3.36 -39.97
CA LYS C 173 -27.00 -3.84 -38.64
C LYS C 173 -28.29 -4.07 -37.88
N THR C 174 -28.28 -5.06 -37.00
CA THR C 174 -29.45 -5.38 -36.19
C THR C 174 -29.54 -4.39 -35.02
N ILE C 175 -30.59 -3.58 -35.02
CA ILE C 175 -30.85 -2.63 -33.94
C ILE C 175 -32.20 -2.99 -33.34
N VAL C 176 -32.19 -3.36 -32.06
CA VAL C 176 -33.33 -3.93 -31.36
C VAL C 176 -33.86 -2.86 -30.39
N PRO C 177 -35.01 -2.25 -30.67
CA PRO C 177 -35.60 -1.32 -29.69
C PRO C 177 -36.36 -2.11 -28.61
N VAL C 178 -36.04 -1.85 -27.35
CA VAL C 178 -36.70 -2.49 -26.23
C VAL C 178 -37.38 -1.40 -25.41
N ARG C 179 -38.70 -1.50 -25.28
CA ARG C 179 -39.49 -0.55 -24.51
C ARG C 179 -39.58 -1.01 -23.05
N CYS C 180 -38.41 -1.11 -22.43
CA CYS C 180 -38.30 -1.53 -21.04
C CYS C 180 -38.30 -0.34 -20.10
N GLU C 181 -39.26 0.56 -20.22
CA GLU C 181 -39.35 1.69 -19.31
C GLU C 181 -39.60 1.18 -17.90
N GLY C 182 -38.88 1.75 -16.94
CA GLY C 182 -38.90 1.21 -15.59
C GLY C 182 -40.26 1.23 -14.94
N PHE C 183 -41.08 2.23 -15.25
CA PHE C 183 -42.41 2.32 -14.65
C PHE C 183 -43.36 1.25 -15.17
N ARG C 184 -43.04 0.62 -16.29
CA ARG C 184 -43.89 -0.46 -16.81
C ARG C 184 -43.85 -1.65 -15.87
N GLY C 185 -45.02 -2.23 -15.61
CA GLY C 185 -45.09 -3.39 -14.76
C GLY C 185 -44.88 -3.06 -13.29
N VAL C 186 -44.75 -4.11 -12.50
CA VAL C 186 -44.57 -4.01 -11.06
C VAL C 186 -43.25 -4.59 -10.59
N SER C 187 -42.48 -5.21 -11.49
CA SER C 187 -41.20 -5.83 -11.13
C SER C 187 -40.40 -6.04 -12.41
N GLN C 188 -39.32 -6.81 -12.32
CA GLN C 188 -38.52 -7.16 -13.47
C GLN C 188 -39.17 -8.22 -14.35
N SER C 189 -40.29 -8.80 -13.94
CA SER C 189 -40.94 -9.84 -14.73
C SER C 189 -41.43 -9.28 -16.07
N LEU C 190 -42.07 -8.11 -16.05
CA LEU C 190 -42.46 -7.48 -17.31
C LEU C 190 -41.24 -7.09 -18.12
N GLY C 191 -40.12 -6.74 -17.45
CA GLY C 191 -38.89 -6.49 -18.18
C GLY C 191 -38.42 -7.72 -18.93
N HIS C 192 -38.47 -8.90 -18.28
CA HIS C 192 -38.12 -10.14 -18.94
C HIS C 192 -39.06 -10.41 -20.12
N HIS C 193 -40.35 -10.17 -19.93
CA HIS C 193 -41.30 -10.40 -21.02
C HIS C 193 -41.04 -9.49 -22.21
N ILE C 194 -40.79 -8.21 -21.95
CA ILE C 194 -40.52 -7.26 -23.02
C ILE C 194 -39.22 -7.59 -23.73
N ALA C 195 -38.19 -7.96 -22.97
CA ALA C 195 -36.91 -8.34 -23.58
C ALA C 195 -37.06 -9.60 -24.42
N ASN C 196 -37.83 -10.57 -23.95
CA ASN C 196 -38.07 -11.78 -24.74
C ASN C 196 -38.84 -11.48 -26.00
N ASP C 197 -39.82 -10.57 -25.92
CA ASP C 197 -40.55 -10.16 -27.12
C ASP C 197 -39.62 -9.48 -28.12
N ALA C 198 -38.70 -8.65 -27.63
CA ALA C 198 -37.72 -8.02 -28.51
C ALA C 198 -36.81 -9.06 -29.16
N VAL C 199 -36.38 -10.06 -28.38
CA VAL C 199 -35.56 -11.15 -28.93
C VAL C 199 -36.31 -11.87 -30.04
N ARG C 200 -37.58 -12.19 -29.78
CA ARG C 200 -38.39 -12.90 -30.77
C ARG C 200 -38.59 -12.06 -32.03
N ASP C 201 -38.83 -10.75 -31.86
CA ASP C 201 -39.22 -9.92 -32.98
C ASP C 201 -38.03 -9.46 -33.82
N TRP C 202 -36.84 -9.37 -33.25
CA TRP C 202 -35.73 -8.74 -33.95
C TRP C 202 -34.52 -9.63 -34.17
N VAL C 203 -34.34 -10.71 -33.40
CA VAL C 203 -33.14 -11.52 -33.45
C VAL C 203 -33.44 -12.97 -33.79
N LEU C 204 -34.49 -13.55 -33.19
CA LEU C 204 -34.68 -14.99 -33.24
C LEU C 204 -34.90 -15.50 -34.67
N GLY C 205 -35.66 -14.76 -35.47
CA GLY C 205 -36.02 -15.22 -36.79
C GLY C 205 -35.10 -14.77 -37.91
N LYS C 206 -33.89 -14.35 -37.55
CA LYS C 206 -32.98 -13.81 -38.56
C LYS C 206 -32.48 -14.86 -39.53
N ARG C 207 -32.52 -16.14 -39.13
CA ARG C 207 -32.05 -17.23 -39.98
C ARG C 207 -33.17 -18.24 -40.26
N ASP C 208 -34.41 -17.76 -40.35
CA ASP C 208 -35.53 -18.65 -40.62
C ASP C 208 -35.42 -19.28 -42.00
N GLU C 209 -34.99 -18.51 -43.00
CA GLU C 209 -34.83 -19.01 -44.36
C GLU C 209 -33.40 -19.43 -44.66
N ASP C 210 -32.59 -19.68 -43.63
CA ASP C 210 -31.21 -20.10 -43.79
C ASP C 210 -31.07 -21.56 -43.42
N THR C 211 -30.49 -22.35 -44.32
CA THR C 211 -30.28 -23.77 -44.09
C THR C 211 -28.80 -24.16 -44.16
N THR C 212 -27.89 -23.19 -44.13
CA THR C 212 -26.46 -23.51 -44.23
C THR C 212 -25.94 -24.19 -42.97
N PHE C 213 -26.56 -23.95 -41.82
CA PHE C 213 -26.09 -24.54 -40.58
C PHE C 213 -26.30 -26.05 -40.60
N ALA C 214 -25.23 -26.78 -40.32
CA ALA C 214 -25.29 -28.24 -40.29
C ALA C 214 -25.73 -28.70 -38.90
N SER C 215 -26.88 -29.37 -38.84
CA SER C 215 -27.47 -29.78 -37.59
C SER C 215 -27.23 -31.26 -37.33
N THR C 216 -27.14 -31.61 -36.06
CA THR C 216 -26.98 -32.97 -35.59
C THR C 216 -28.15 -33.34 -34.69
N PRO C 217 -28.46 -34.64 -34.55
CA PRO C 217 -29.57 -35.03 -33.67
C PRO C 217 -29.36 -34.71 -32.21
N TYR C 218 -28.16 -34.31 -31.80
CA TYR C 218 -27.84 -34.00 -30.41
C TYR C 218 -27.64 -32.51 -30.20
N ASP C 219 -28.46 -31.69 -30.87
CA ASP C 219 -28.34 -30.24 -30.79
C ASP C 219 -29.25 -29.71 -29.68
N VAL C 220 -28.65 -29.04 -28.71
CA VAL C 220 -29.39 -28.44 -27.60
C VAL C 220 -28.98 -26.99 -27.46
N ALA C 221 -29.89 -26.20 -26.91
CA ALA C 221 -29.62 -24.81 -26.56
C ALA C 221 -29.82 -24.64 -25.06
N ILE C 222 -29.02 -23.78 -24.46
CA ILE C 222 -29.19 -23.43 -23.05
C ILE C 222 -29.82 -22.04 -23.00
N ILE C 223 -31.08 -21.99 -22.56
CA ILE C 223 -31.89 -20.77 -22.57
C ILE C 223 -32.09 -20.34 -21.13
N GLY C 224 -31.88 -19.06 -20.86
CA GLY C 224 -32.16 -18.51 -19.55
C GLY C 224 -31.09 -18.71 -18.50
N ASP C 225 -29.91 -19.19 -18.88
CA ASP C 225 -28.78 -19.28 -17.97
C ASP C 225 -27.88 -18.08 -18.22
N TYR C 226 -27.70 -17.26 -17.19
CA TYR C 226 -27.00 -15.99 -17.32
C TYR C 226 -25.56 -16.06 -16.83
N ASN C 227 -25.04 -17.27 -16.60
CA ASN C 227 -23.63 -17.50 -16.36
C ASN C 227 -23.12 -16.69 -15.18
N ILE C 228 -23.88 -16.72 -14.09
CA ILE C 228 -23.50 -16.01 -12.87
C ILE C 228 -22.30 -16.72 -12.27
N GLY C 229 -21.13 -16.12 -12.37
CA GLY C 229 -19.91 -16.76 -11.91
C GLY C 229 -19.50 -17.98 -12.71
N GLY C 230 -20.02 -18.13 -13.91
CA GLY C 230 -19.73 -19.29 -14.72
C GLY C 230 -20.65 -20.47 -14.54
N ASP C 231 -21.89 -20.23 -14.12
CA ASP C 231 -22.86 -21.32 -13.95
C ASP C 231 -23.13 -22.02 -15.28
N ALA C 232 -23.33 -21.24 -16.34
CA ALA C 232 -23.66 -21.82 -17.64
C ALA C 232 -22.50 -22.64 -18.18
N TRP C 233 -21.26 -22.22 -17.92
CA TRP C 233 -20.11 -23.02 -18.35
C TRP C 233 -20.05 -24.35 -17.60
N SER C 234 -20.33 -24.33 -16.30
CA SER C 234 -20.34 -25.56 -15.51
C SER C 234 -21.44 -26.50 -15.96
N SER C 235 -22.58 -25.96 -16.41
CA SER C 235 -23.63 -26.81 -16.96
C SER C 235 -23.26 -27.32 -18.35
N ARG C 236 -22.65 -26.46 -19.15
CA ARG C 236 -22.33 -26.81 -20.54
C ARG C 236 -21.26 -27.89 -20.61
N ILE C 237 -20.29 -27.87 -19.69
CA ILE C 237 -19.27 -28.92 -19.70
C ILE C 237 -19.91 -30.29 -19.45
N LEU C 238 -20.86 -30.35 -18.52
CA LEU C 238 -21.58 -31.60 -18.27
C LEU C 238 -22.42 -32.00 -19.47
N LEU C 239 -23.07 -31.03 -20.11
CA LEU C 239 -23.91 -31.36 -21.27
C LEU C 239 -23.08 -31.89 -22.43
N GLU C 240 -21.92 -31.29 -22.69
CA GLU C 240 -21.06 -31.77 -23.77
C GLU C 240 -20.36 -33.08 -23.42
N GLU C 241 -20.09 -33.32 -22.14
CA GLU C 241 -19.56 -34.61 -21.73
C GLU C 241 -20.57 -35.72 -21.93
N MET C 242 -21.86 -35.39 -22.05
CA MET C 242 -22.91 -36.35 -22.34
C MET C 242 -23.02 -36.68 -23.82
N GLY C 243 -22.22 -36.04 -24.68
CA GLY C 243 -22.33 -36.21 -26.11
C GLY C 243 -23.22 -35.22 -26.80
N LEU C 244 -23.89 -34.35 -26.05
CA LEU C 244 -24.74 -33.32 -26.63
C LEU C 244 -23.89 -32.17 -27.15
N ARG C 245 -24.42 -31.49 -28.18
CA ARG C 245 -23.79 -30.29 -28.73
C ARG C 245 -24.62 -29.08 -28.33
N CYS C 246 -24.00 -28.16 -27.61
CA CYS C 246 -24.68 -26.93 -27.18
C CYS C 246 -24.45 -25.88 -28.26
N VAL C 247 -25.39 -25.79 -29.20
CA VAL C 247 -25.27 -24.83 -30.29
C VAL C 247 -25.47 -23.41 -29.78
N ALA C 248 -26.46 -23.20 -28.91
CA ALA C 248 -26.81 -21.88 -28.42
C ALA C 248 -26.73 -21.84 -26.91
N GLN C 249 -26.16 -20.76 -26.38
CA GLN C 249 -26.14 -20.51 -24.94
C GLN C 249 -26.27 -19.01 -24.75
N TRP C 250 -27.43 -18.58 -24.24
CA TRP C 250 -27.67 -17.17 -23.98
C TRP C 250 -28.65 -17.07 -22.81
N SER C 251 -28.62 -15.92 -22.13
CA SER C 251 -27.83 -14.71 -22.35
C SER C 251 -26.38 -14.79 -21.88
N GLY C 252 -26.13 -15.52 -20.80
CA GLY C 252 -24.81 -15.60 -20.22
C GLY C 252 -23.75 -16.12 -21.17
N ASP C 253 -22.69 -15.33 -21.38
CA ASP C 253 -21.66 -15.64 -22.37
C ASP C 253 -22.28 -15.85 -23.75
N GLY C 254 -23.38 -15.16 -24.01
CA GLY C 254 -24.14 -15.38 -25.23
C GLY C 254 -23.79 -14.38 -26.31
N SER C 255 -23.78 -14.86 -27.54
CA SER C 255 -23.59 -14.03 -28.72
C SER C 255 -24.88 -13.99 -29.52
N ILE C 256 -25.00 -12.97 -30.36
CA ILE C 256 -26.23 -12.79 -31.15
C ILE C 256 -26.39 -13.94 -32.14
N SER C 257 -25.28 -14.43 -32.70
CA SER C 257 -25.36 -15.55 -33.64
C SER C 257 -25.88 -16.81 -32.95
N GLU C 258 -25.56 -17.00 -31.67
CA GLU C 258 -26.12 -18.13 -30.94
C GLU C 258 -27.63 -18.00 -30.78
N ILE C 259 -28.12 -16.79 -30.52
CA ILE C 259 -29.56 -16.58 -30.45
C ILE C 259 -30.20 -16.88 -31.80
N GLU C 260 -29.55 -16.46 -32.89
CA GLU C 260 -30.09 -16.76 -34.21
C GLU C 260 -30.04 -18.24 -34.53
N LEU C 261 -29.07 -18.96 -33.97
CA LEU C 261 -28.94 -20.40 -34.19
C LEU C 261 -29.85 -21.23 -33.29
N THR C 262 -30.39 -20.63 -32.24
CA THR C 262 -31.28 -21.36 -31.34
C THR C 262 -32.45 -22.06 -32.04
N PRO C 263 -33.14 -21.48 -33.04
CA PRO C 263 -34.24 -22.21 -33.68
C PRO C 263 -33.80 -23.43 -34.49
N LYS C 264 -32.51 -23.73 -34.50
CA LYS C 264 -31.99 -24.88 -35.25
C LYS C 264 -31.71 -26.09 -34.37
N VAL C 265 -31.82 -25.97 -33.05
CA VAL C 265 -31.45 -27.05 -32.15
C VAL C 265 -32.58 -28.06 -32.05
N LYS C 266 -32.28 -29.23 -31.47
CA LYS C 266 -33.30 -30.26 -31.26
C LYS C 266 -33.99 -30.12 -29.91
N LEU C 267 -33.29 -29.64 -28.88
CA LEU C 267 -33.89 -29.49 -27.56
C LEU C 267 -33.50 -28.15 -26.97
N ASN C 268 -34.43 -27.56 -26.23
CA ASN C 268 -34.17 -26.36 -25.46
C ASN C 268 -34.12 -26.73 -23.98
N LEU C 269 -33.10 -26.22 -23.28
CA LEU C 269 -32.90 -26.49 -21.87
C LEU C 269 -32.99 -25.16 -21.13
N VAL C 270 -34.10 -24.94 -20.44
CA VAL C 270 -34.37 -23.67 -19.79
C VAL C 270 -33.94 -23.75 -18.34
N HIS C 271 -33.05 -22.85 -17.93
CA HIS C 271 -32.65 -22.78 -16.53
C HIS C 271 -33.60 -21.89 -15.74
N CYS C 272 -33.72 -20.63 -16.13
CA CYS C 272 -34.62 -19.68 -15.49
C CYS C 272 -35.93 -19.70 -16.25
N TYR C 273 -36.90 -20.45 -15.74
CA TYR C 273 -38.19 -20.58 -16.42
C TYR C 273 -38.95 -19.25 -16.45
N ARG C 274 -38.96 -18.53 -15.33
CA ARG C 274 -39.83 -17.35 -15.24
C ARG C 274 -39.36 -16.19 -16.11
N SER C 275 -38.16 -16.25 -16.65
CA SER C 275 -37.67 -15.18 -17.52
C SER C 275 -37.61 -15.59 -18.99
N MET C 276 -37.79 -16.87 -19.31
CA MET C 276 -37.64 -17.35 -20.69
C MET C 276 -38.75 -18.29 -21.13
N ASN C 277 -39.79 -18.47 -20.32
CA ASN C 277 -40.89 -19.34 -20.71
C ASN C 277 -41.60 -18.83 -21.95
N TYR C 278 -41.71 -17.51 -22.12
CA TYR C 278 -42.36 -16.96 -23.29
C TYR C 278 -41.64 -17.38 -24.56
N ILE C 279 -40.32 -17.19 -24.60
CA ILE C 279 -39.54 -17.55 -25.79
C ILE C 279 -39.52 -19.06 -25.97
N SER C 280 -39.52 -19.83 -24.87
CA SER C 280 -39.54 -21.29 -24.99
C SER C 280 -40.83 -21.76 -25.65
N ARG C 281 -41.97 -21.22 -25.22
CA ARG C 281 -43.24 -21.61 -25.82
C ARG C 281 -43.35 -21.11 -27.26
N HIS C 282 -42.80 -19.92 -27.54
CA HIS C 282 -42.77 -19.45 -28.92
C HIS C 282 -41.99 -20.39 -29.81
N MET C 283 -40.83 -20.85 -29.36
CA MET C 283 -40.03 -21.76 -30.18
C MET C 283 -40.70 -23.12 -30.30
N GLU C 284 -41.40 -23.56 -29.26
CA GLU C 284 -42.16 -24.80 -29.35
C GLU C 284 -43.28 -24.69 -30.38
N GLU C 285 -43.98 -23.55 -30.40
CA GLU C 285 -45.12 -23.39 -31.30
C GLU C 285 -44.68 -23.19 -32.74
N LYS C 286 -43.65 -22.38 -32.97
CA LYS C 286 -43.28 -21.99 -34.33
C LYS C 286 -42.33 -22.99 -34.99
N TYR C 287 -41.25 -23.35 -34.29
CA TYR C 287 -40.27 -24.27 -34.85
C TYR C 287 -40.45 -25.71 -34.40
N GLY C 288 -41.37 -25.98 -33.48
CA GLY C 288 -41.57 -27.34 -33.02
C GLY C 288 -40.45 -27.89 -32.16
N ILE C 289 -39.69 -27.03 -31.50
CA ILE C 289 -38.56 -27.44 -30.69
C ILE C 289 -39.07 -27.70 -29.27
N PRO C 290 -39.00 -28.93 -28.77
CA PRO C 290 -39.37 -29.18 -27.38
C PRO C 290 -38.38 -28.52 -26.42
N TRP C 291 -38.90 -28.15 -25.25
CA TRP C 291 -38.09 -27.54 -24.21
C TRP C 291 -38.37 -28.22 -22.89
N MET C 292 -37.36 -28.21 -22.02
CA MET C 292 -37.49 -28.78 -20.69
C MET C 292 -36.63 -27.99 -19.72
N GLU C 293 -37.04 -28.01 -18.45
CA GLU C 293 -36.28 -27.34 -17.40
C GLU C 293 -35.23 -28.30 -16.84
N TYR C 294 -34.02 -27.79 -16.66
CA TYR C 294 -32.93 -28.56 -16.09
C TYR C 294 -32.48 -27.92 -14.79
N ASN C 295 -32.11 -28.76 -13.82
CA ASN C 295 -31.73 -28.33 -12.48
C ASN C 295 -30.39 -28.96 -12.13
N PHE C 296 -29.32 -28.17 -12.20
CA PHE C 296 -27.97 -28.65 -11.92
C PHE C 296 -27.45 -28.11 -10.58
N PHE C 297 -28.34 -27.92 -9.61
CA PHE C 297 -27.97 -27.42 -8.30
C PHE C 297 -27.96 -28.58 -7.32
N GLY C 298 -26.75 -28.99 -6.92
CA GLY C 298 -26.58 -30.15 -6.08
C GLY C 298 -26.41 -31.42 -6.88
N PRO C 299 -25.61 -32.35 -6.36
CA PRO C 299 -25.35 -33.58 -7.13
C PRO C 299 -26.59 -34.41 -7.43
N THR C 300 -27.54 -34.49 -6.49
CA THR C 300 -28.72 -35.30 -6.71
C THR C 300 -29.58 -34.74 -7.84
N LYS C 301 -29.87 -33.44 -7.78
CA LYS C 301 -30.65 -32.81 -8.84
C LYS C 301 -29.88 -32.80 -10.16
N THR C 302 -28.55 -32.64 -10.10
CA THR C 302 -27.74 -32.68 -11.32
C THR C 302 -27.84 -34.05 -11.99
N ILE C 303 -27.75 -35.11 -11.20
CA ILE C 303 -27.85 -36.47 -11.74
C ILE C 303 -29.24 -36.69 -12.34
N GLU C 304 -30.28 -36.28 -11.60
CA GLU C 304 -31.64 -36.46 -12.08
C GLU C 304 -31.88 -35.71 -13.39
N SER C 305 -31.41 -34.46 -13.47
CA SER C 305 -31.60 -33.67 -14.67
C SER C 305 -30.80 -34.23 -15.84
N LEU C 306 -29.57 -34.69 -15.59
CA LEU C 306 -28.77 -35.28 -16.65
C LEU C 306 -29.45 -36.53 -17.20
N ARG C 307 -29.99 -37.38 -16.33
CA ARG C 307 -30.69 -38.57 -16.80
C ARG C 307 -31.97 -38.20 -17.57
N ALA C 308 -32.70 -37.19 -17.07
CA ALA C 308 -33.90 -36.76 -17.77
C ALA C 308 -33.58 -36.22 -19.16
N ILE C 309 -32.49 -35.45 -19.27
CA ILE C 309 -32.08 -34.90 -20.57
C ILE C 309 -31.64 -36.02 -21.50
N ALA C 310 -30.86 -36.98 -20.98
CA ALA C 310 -30.43 -38.09 -21.81
C ALA C 310 -31.59 -38.95 -22.26
N ALA C 311 -32.67 -39.00 -21.47
CA ALA C 311 -33.85 -39.76 -21.86
C ALA C 311 -34.52 -39.19 -23.11
N LYS C 312 -34.23 -37.96 -23.49
CA LYS C 312 -34.78 -37.35 -24.69
C LYS C 312 -34.01 -37.70 -25.94
N PHE C 313 -32.93 -38.48 -25.81
CA PHE C 313 -32.11 -38.85 -26.97
C PHE C 313 -31.95 -40.37 -27.02
N ASP C 314 -31.07 -40.85 -27.90
CA ASP C 314 -30.91 -42.28 -28.13
C ASP C 314 -30.10 -42.91 -27.00
N GLU C 315 -29.76 -44.20 -27.15
CA GLU C 315 -29.11 -44.94 -26.08
C GLU C 315 -27.67 -44.53 -25.87
N SER C 316 -27.00 -44.03 -26.93
CA SER C 316 -25.62 -43.59 -26.77
C SER C 316 -25.51 -42.42 -25.80
N ILE C 317 -26.45 -41.48 -25.88
CA ILE C 317 -26.45 -40.36 -24.96
C ILE C 317 -26.72 -40.83 -23.54
N GLN C 318 -27.59 -41.83 -23.37
CA GLN C 318 -27.83 -42.38 -22.04
C GLN C 318 -26.59 -43.05 -21.47
N LYS C 319 -25.87 -43.81 -22.31
CA LYS C 319 -24.63 -44.43 -21.86
C LYS C 319 -23.60 -43.39 -21.47
N LYS C 320 -23.48 -42.32 -22.27
CA LYS C 320 -22.56 -41.24 -21.93
C LYS C 320 -22.98 -40.53 -20.64
N CYS C 321 -24.29 -40.38 -20.42
CA CYS C 321 -24.76 -39.79 -19.17
C CYS C 321 -24.39 -40.64 -17.97
N GLU C 322 -24.54 -41.96 -18.09
CA GLU C 322 -24.10 -42.86 -17.04
C GLU C 322 -22.60 -42.73 -16.80
N GLU C 323 -21.82 -42.61 -17.88
CA GLU C 323 -20.38 -42.45 -17.74
C GLU C 323 -20.04 -41.16 -17.01
N VAL C 324 -20.71 -40.06 -17.34
CA VAL C 324 -20.43 -38.78 -16.68
C VAL C 324 -20.80 -38.87 -15.20
N ILE C 325 -21.95 -39.47 -14.89
CA ILE C 325 -22.35 -39.61 -13.49
C ILE C 325 -21.35 -40.44 -12.71
N ALA C 326 -20.89 -41.56 -13.30
CA ALA C 326 -19.90 -42.39 -12.64
C ALA C 326 -18.59 -41.64 -12.45
N LYS C 327 -18.17 -40.86 -13.44
CA LYS C 327 -16.92 -40.12 -13.35
C LYS C 327 -16.98 -39.08 -12.23
N TYR C 328 -18.10 -38.37 -12.12
CA TYR C 328 -18.19 -37.30 -11.14
C TYR C 328 -18.67 -37.75 -9.77
N LYS C 329 -19.11 -39.01 -9.62
CA LYS C 329 -19.56 -39.48 -8.31
C LYS C 329 -18.51 -39.33 -7.21
N PRO C 330 -17.26 -39.78 -7.38
CA PRO C 330 -16.30 -39.65 -6.26
C PRO C 330 -16.03 -38.22 -5.85
N GLU C 331 -16.05 -37.26 -6.78
CA GLU C 331 -15.72 -35.89 -6.44
C GLU C 331 -16.76 -35.27 -5.51
N TRP C 332 -18.04 -35.37 -5.89
CA TRP C 332 -19.06 -34.80 -5.02
C TRP C 332 -19.28 -35.65 -3.78
N GLU C 333 -18.97 -36.95 -3.85
CA GLU C 333 -19.00 -37.77 -2.65
C GLU C 333 -17.94 -37.31 -1.65
N ALA C 334 -16.74 -36.98 -2.13
CA ALA C 334 -15.71 -36.45 -1.25
C ALA C 334 -16.10 -35.08 -0.71
N VAL C 335 -16.73 -34.25 -1.54
CA VAL C 335 -17.19 -32.95 -1.08
C VAL C 335 -18.20 -33.11 0.05
N VAL C 336 -19.15 -34.03 -0.13
CA VAL C 336 -20.14 -34.31 0.91
C VAL C 336 -19.46 -34.83 2.18
N ALA C 337 -18.53 -35.76 2.02
CA ALA C 337 -17.86 -36.34 3.17
C ALA C 337 -17.11 -35.27 3.96
N LYS C 338 -16.51 -34.30 3.27
CA LYS C 338 -15.78 -33.25 3.97
C LYS C 338 -16.73 -32.24 4.62
N TYR C 339 -17.81 -31.85 3.93
CA TYR C 339 -18.59 -30.69 4.36
C TYR C 339 -19.93 -31.03 4.99
N ARG C 340 -20.50 -32.21 4.73
CA ARG C 340 -21.79 -32.55 5.35
C ARG C 340 -21.72 -32.62 6.87
N PRO C 341 -20.72 -33.24 7.50
CA PRO C 341 -20.67 -33.22 8.97
C PRO C 341 -20.60 -31.81 9.54
N ARG C 342 -19.95 -30.88 8.85
CA ARG C 342 -19.88 -29.50 9.31
C ARG C 342 -21.19 -28.75 9.11
N LEU C 343 -22.14 -29.30 8.35
CA LEU C 343 -23.39 -28.63 8.06
C LEU C 343 -24.63 -29.44 8.40
N GLU C 344 -24.48 -30.64 8.95
CA GLU C 344 -25.64 -31.48 9.25
C GLU C 344 -26.52 -30.83 10.31
N GLY C 345 -27.82 -30.82 10.04
CA GLY C 345 -28.80 -30.33 11.00
C GLY C 345 -29.01 -28.83 10.99
N LYS C 346 -28.26 -28.08 10.19
CA LYS C 346 -28.43 -26.64 10.15
C LYS C 346 -29.70 -26.27 9.39
N ARG C 347 -30.42 -25.27 9.89
CA ARG C 347 -31.69 -24.86 9.32
C ARG C 347 -31.50 -23.67 8.39
N VAL C 348 -32.11 -23.77 7.21
CA VAL C 348 -32.01 -22.74 6.17
C VAL C 348 -33.41 -22.21 5.90
N MET C 349 -33.57 -20.89 5.98
CA MET C 349 -34.79 -20.22 5.57
C MET C 349 -34.57 -19.62 4.19
N LEU C 350 -35.34 -20.08 3.21
CA LEU C 350 -35.16 -19.64 1.83
C LEU C 350 -36.24 -18.66 1.41
N ARG C 358 -37.62 -28.98 -5.68
CA ARG C 358 -37.35 -27.57 -5.97
C ARG C 358 -35.94 -27.39 -6.54
N HIS C 359 -35.57 -26.13 -6.75
CA HIS C 359 -34.29 -25.81 -7.38
C HIS C 359 -33.15 -25.80 -6.37
N VAL C 360 -33.26 -24.97 -5.33
CA VAL C 360 -32.18 -24.81 -4.36
C VAL C 360 -32.24 -25.83 -3.21
N ILE C 361 -33.38 -26.47 -2.98
CA ILE C 361 -33.52 -27.37 -1.84
C ILE C 361 -32.60 -28.57 -1.98
N GLY C 362 -32.39 -29.04 -3.21
CA GLY C 362 -31.63 -30.26 -3.42
C GLY C 362 -30.20 -30.16 -2.90
N ALA C 363 -29.52 -29.06 -3.20
CA ALA C 363 -28.13 -28.92 -2.77
C ALA C 363 -28.02 -28.77 -1.26
N TYR C 364 -28.95 -28.04 -0.64
CA TYR C 364 -28.94 -27.91 0.80
C TYR C 364 -29.19 -29.26 1.48
N GLU C 365 -30.11 -30.05 0.93
CA GLU C 365 -30.38 -31.38 1.49
C GLU C 365 -29.22 -32.33 1.24
N ASP C 366 -28.47 -32.14 0.15
CA ASP C 366 -27.32 -32.99 -0.10
C ASP C 366 -26.21 -32.73 0.89
N LEU C 367 -26.26 -31.60 1.60
CA LEU C 367 -25.28 -31.27 2.62
C LEU C 367 -25.79 -31.54 4.04
N GLY C 368 -26.92 -32.23 4.18
CA GLY C 368 -27.45 -32.55 5.48
C GLY C 368 -28.15 -31.40 6.17
N MET C 369 -28.59 -30.39 5.41
CA MET C 369 -29.15 -29.17 5.97
C MET C 369 -30.67 -29.19 5.86
N GLU C 370 -31.34 -28.72 6.91
CA GLU C 370 -32.79 -28.65 6.95
C GLU C 370 -33.25 -27.34 6.32
N VAL C 371 -34.29 -27.44 5.50
CA VAL C 371 -34.85 -26.29 4.79
C VAL C 371 -36.19 -25.94 5.41
N VAL C 372 -36.32 -24.68 5.85
CA VAL C 372 -37.55 -24.21 6.46
C VAL C 372 -38.01 -22.93 5.79
N LYS C 414 -35.59 -20.09 14.36
CA LYS C 414 -34.20 -19.69 14.54
C LYS C 414 -33.33 -20.26 13.43
N PRO C 415 -33.31 -19.61 12.27
CA PRO C 415 -32.54 -20.12 11.14
C PRO C 415 -31.05 -19.92 11.36
N ASP C 416 -30.28 -20.96 11.03
CA ASP C 416 -28.82 -20.85 11.05
C ASP C 416 -28.29 -20.18 9.80
N LEU C 417 -29.11 -20.05 8.76
CA LEU C 417 -28.70 -19.42 7.51
C LEU C 417 -29.97 -19.02 6.75
N ILE C 418 -29.87 -17.94 5.99
CA ILE C 418 -30.95 -17.49 5.13
C ILE C 418 -30.41 -17.38 3.70
N GLY C 419 -31.09 -18.02 2.77
CA GLY C 419 -30.70 -17.98 1.38
C GLY C 419 -30.93 -16.62 0.74
N LYS C 423 -29.79 -5.90 -0.93
CA LYS C 423 -30.04 -4.86 0.06
C LYS C 423 -30.39 -5.46 1.41
N GLU C 424 -31.14 -6.57 1.38
CA GLU C 424 -31.55 -7.23 2.61
C GLU C 424 -30.41 -8.01 3.26
N LYS C 425 -29.33 -8.28 2.53
CA LYS C 425 -28.24 -9.09 3.07
C LYS C 425 -27.68 -8.47 4.35
N PHE C 426 -27.40 -7.17 4.31
CA PHE C 426 -26.82 -6.52 5.48
C PHE C 426 -27.81 -6.42 6.63
N ILE C 427 -29.11 -6.39 6.36
CA ILE C 427 -30.10 -6.33 7.42
C ILE C 427 -30.10 -7.61 8.25
N PHE C 428 -30.15 -8.76 7.58
CA PHE C 428 -30.01 -10.02 8.30
C PHE C 428 -28.62 -10.19 8.87
N GLN C 429 -27.61 -9.62 8.23
CA GLN C 429 -26.25 -9.68 8.76
C GLN C 429 -26.14 -8.98 10.10
N LYS C 430 -26.79 -7.83 10.25
CA LYS C 430 -26.71 -7.09 11.50
C LYS C 430 -27.58 -7.71 12.60
N MET C 431 -28.61 -8.47 12.23
CA MET C 431 -29.37 -9.22 13.22
C MET C 431 -28.60 -10.40 13.78
N GLY C 432 -27.46 -10.74 13.19
CA GLY C 432 -26.64 -11.82 13.71
C GLY C 432 -26.82 -13.16 13.04
N ILE C 433 -27.62 -13.23 11.98
CA ILE C 433 -27.88 -14.47 11.26
C ILE C 433 -26.94 -14.54 10.07
N PRO C 434 -26.15 -15.60 9.92
CA PRO C 434 -25.33 -15.74 8.71
C PRO C 434 -26.19 -15.79 7.47
N PHE C 435 -25.76 -15.06 6.44
CA PHE C 435 -26.54 -14.88 5.23
C PHE C 435 -25.70 -15.19 4.01
N ARG C 436 -26.33 -15.77 2.99
CA ARG C 436 -25.69 -16.06 1.72
C ARG C 436 -26.73 -15.96 0.62
N GLU C 437 -26.36 -15.33 -0.49
CA GLU C 437 -27.24 -15.27 -1.64
C GLU C 437 -27.12 -16.56 -2.45
N MET C 438 -28.21 -17.32 -2.53
CA MET C 438 -28.23 -18.59 -3.22
C MET C 438 -28.48 -18.47 -4.71
N HIS C 439 -28.98 -17.32 -5.19
CA HIS C 439 -29.16 -17.14 -6.62
C HIS C 439 -28.80 -15.75 -7.12
N SER C 440 -28.27 -14.85 -6.29
CA SER C 440 -27.85 -13.53 -6.73
C SER C 440 -26.48 -13.18 -6.19
N TRP C 441 -25.66 -14.18 -5.89
CA TRP C 441 -24.40 -13.95 -5.19
C TRP C 441 -23.49 -13.06 -6.03
N ASP C 442 -22.88 -12.08 -5.38
CA ASP C 442 -22.09 -11.07 -6.08
C ASP C 442 -20.58 -11.30 -5.96
N TYR C 443 -20.12 -12.37 -5.31
CA TYR C 443 -18.69 -12.51 -5.09
C TYR C 443 -18.13 -13.86 -5.51
N SER C 444 -18.88 -14.93 -5.24
CA SER C 444 -18.38 -16.29 -5.43
C SER C 444 -18.94 -16.96 -6.67
N GLY C 445 -18.72 -18.27 -6.80
CA GLY C 445 -19.34 -19.04 -7.86
C GLY C 445 -18.34 -19.80 -8.70
N PRO C 446 -18.83 -20.68 -9.58
CA PRO C 446 -20.24 -21.04 -9.80
C PRO C 446 -20.79 -21.99 -8.73
N TYR C 447 -22.12 -22.11 -8.63
CA TYR C 447 -22.74 -23.04 -7.70
C TYR C 447 -23.44 -24.20 -8.39
N HIS C 448 -23.56 -24.18 -9.72
CA HIS C 448 -24.27 -25.21 -10.44
C HIS C 448 -23.31 -26.24 -11.01
N GLY C 449 -23.82 -27.46 -11.18
CA GLY C 449 -22.99 -28.56 -11.64
C GLY C 449 -22.18 -29.18 -10.53
N PHE C 450 -21.46 -30.24 -10.90
CA PHE C 450 -20.63 -30.93 -9.93
C PHE C 450 -19.46 -30.06 -9.46
N ASP C 451 -18.86 -29.30 -10.36
CA ASP C 451 -17.79 -28.38 -9.97
C ASP C 451 -18.33 -27.25 -9.09
N GLY C 452 -19.54 -26.77 -9.40
CA GLY C 452 -20.12 -25.71 -8.60
C GLY C 452 -20.59 -26.19 -7.24
N PHE C 453 -20.89 -27.48 -7.09
CA PHE C 453 -21.35 -27.99 -5.80
C PHE C 453 -20.26 -27.91 -4.75
N ALA C 454 -19.00 -28.17 -5.16
CA ALA C 454 -17.89 -28.04 -4.22
C ALA C 454 -17.76 -26.61 -3.70
N ILE C 455 -17.86 -25.63 -4.61
CA ILE C 455 -17.79 -24.23 -4.22
C ILE C 455 -18.96 -23.86 -3.32
N PHE C 456 -20.15 -24.36 -3.66
CA PHE C 456 -21.32 -24.08 -2.83
C PHE C 456 -21.16 -24.63 -1.43
N ALA C 457 -20.67 -25.87 -1.30
CA ALA C 457 -20.48 -26.47 0.02
C ALA C 457 -19.41 -25.72 0.80
N ARG C 458 -18.31 -25.35 0.15
CA ARG C 458 -17.26 -24.58 0.82
C ARG C 458 -17.79 -23.24 1.30
N ASP C 459 -18.59 -22.56 0.47
CA ASP C 459 -19.13 -21.26 0.86
C ASP C 459 -20.12 -21.38 2.01
N MET C 460 -20.96 -22.41 1.98
CA MET C 460 -21.91 -22.61 3.07
C MET C 460 -21.19 -22.90 4.38
N ASP C 461 -20.17 -23.76 4.33
CA ASP C 461 -19.40 -24.04 5.54
C ASP C 461 -18.66 -22.80 6.03
N MET C 462 -18.12 -22.01 5.11
CA MET C 462 -17.38 -20.81 5.48
C MET C 462 -18.30 -19.79 6.15
N THR C 463 -19.47 -19.55 5.58
CA THR C 463 -20.36 -18.53 6.13
C THR C 463 -21.01 -19.01 7.42
N LEU C 464 -21.48 -20.26 7.44
CA LEU C 464 -22.25 -20.72 8.59
C LEU C 464 -21.37 -20.94 9.82
N ASN C 465 -20.12 -21.35 9.61
CA ASN C 465 -19.23 -21.71 10.71
C ASN C 465 -18.17 -20.66 10.99
N ASN C 466 -18.30 -19.47 10.40
CA ASN C 466 -17.31 -18.42 10.64
C ASN C 466 -17.38 -17.96 12.09
N PRO C 467 -16.23 -17.75 12.74
CA PRO C 467 -16.25 -17.30 14.14
C PRO C 467 -16.84 -15.90 14.33
N CYS C 468 -16.95 -15.10 13.27
CA CYS C 468 -17.45 -13.74 13.40
C CYS C 468 -18.86 -13.71 13.96
N TRP C 469 -19.68 -14.72 13.65
CA TRP C 469 -21.04 -14.78 14.15
C TRP C 469 -21.12 -15.12 15.62
N LYS C 470 -20.01 -15.54 16.23
CA LYS C 470 -19.97 -15.87 17.66
C LYS C 470 -19.47 -14.73 18.52
N LYS C 471 -19.22 -13.56 17.93
CA LYS C 471 -18.57 -12.46 18.63
C LYS C 471 -19.43 -11.19 18.65
N LEU C 472 -20.73 -11.32 18.39
CA LEU C 472 -21.58 -10.13 18.33
C LEU C 472 -21.82 -9.53 19.71
N GLN C 473 -21.80 -10.34 20.75
CA GLN C 473 -22.05 -9.88 22.11
C GLN C 473 -20.73 -9.64 22.84
N ALA C 474 -20.56 -8.42 23.34
CA ALA C 474 -19.37 -8.10 24.10
C ALA C 474 -19.34 -8.90 25.40
N PRO C 475 -18.17 -9.41 25.81
CA PRO C 475 -18.11 -10.23 27.03
C PRO C 475 -18.49 -9.47 28.30
N TRP C 476 -18.46 -8.14 28.28
CA TRP C 476 -18.88 -7.35 29.44
C TRP C 476 -20.34 -6.93 29.36
N GLU C 477 -21.09 -7.42 28.39
CA GLU C 477 -22.50 -7.08 28.26
C GLU C 477 -23.37 -8.33 28.34
N SER D 1 -13.60 -30.71 -13.16
CA SER D 1 -13.29 -31.48 -11.97
C SER D 1 -12.84 -30.58 -10.82
N GLN D 2 -12.98 -31.07 -9.60
CA GLN D 2 -12.59 -30.33 -8.41
C GLN D 2 -11.90 -31.26 -7.42
N GLN D 3 -10.86 -30.77 -6.78
CA GLN D 3 -10.24 -31.46 -5.66
C GLN D 3 -10.84 -30.94 -4.36
N VAL D 4 -11.28 -31.85 -3.51
CA VAL D 4 -12.00 -31.45 -2.30
C VAL D 4 -11.10 -30.66 -1.36
N ASP D 5 -9.81 -31.01 -1.29
CA ASP D 5 -8.89 -30.30 -0.41
C ASP D 5 -8.54 -28.92 -0.93
N LYS D 6 -8.46 -28.75 -2.26
CA LYS D 6 -8.14 -27.46 -2.87
C LYS D 6 -9.22 -27.14 -3.90
N ILE D 7 -10.30 -26.52 -3.45
CA ILE D 7 -11.41 -26.17 -4.31
C ILE D 7 -11.10 -24.87 -5.04
N LYS D 8 -11.40 -24.84 -6.33
CA LYS D 8 -11.14 -23.67 -7.18
C LYS D 8 -12.43 -22.91 -7.42
N ALA D 9 -12.40 -21.60 -7.19
CA ALA D 9 -13.48 -20.73 -7.61
C ALA D 9 -13.42 -20.55 -9.13
N SER D 10 -14.29 -19.70 -9.66
CA SER D 10 -14.39 -19.52 -11.12
C SER D 10 -13.01 -19.26 -11.71
N TYR D 11 -12.24 -18.37 -11.10
CA TYR D 11 -10.80 -18.32 -11.31
C TYR D 11 -10.13 -19.11 -10.20
N PRO D 12 -9.25 -20.08 -10.53
CA PRO D 12 -8.82 -20.50 -11.86
C PRO D 12 -9.48 -21.80 -12.32
N LEU D 13 -10.71 -22.10 -11.89
CA LEU D 13 -11.35 -23.34 -12.32
C LEU D 13 -11.57 -23.36 -13.82
N PHE D 14 -12.01 -22.23 -14.39
CA PHE D 14 -12.28 -22.19 -15.82
C PHE D 14 -11.02 -22.08 -16.65
N LEU D 15 -9.85 -22.03 -16.03
CA LEU D 15 -8.58 -22.16 -16.74
C LEU D 15 -8.17 -23.61 -16.93
N ASP D 16 -8.96 -24.56 -16.44
CA ASP D 16 -8.67 -25.96 -16.63
C ASP D 16 -8.74 -26.33 -18.11
N GLN D 17 -8.04 -27.41 -18.47
CA GLN D 17 -7.92 -27.78 -19.87
C GLN D 17 -9.27 -28.14 -20.49
N ASP D 18 -10.11 -28.87 -19.73
CA ASP D 18 -11.41 -29.25 -20.28
C ASP D 18 -12.31 -28.04 -20.47
N TYR D 19 -12.31 -27.11 -19.51
CA TYR D 19 -13.06 -25.87 -19.67
C TYR D 19 -12.51 -25.03 -20.82
N LYS D 20 -11.19 -25.00 -20.97
CA LYS D 20 -10.58 -24.27 -22.08
C LYS D 20 -11.02 -24.86 -23.42
N ASP D 21 -11.01 -26.20 -23.52
CA ASP D 21 -11.43 -26.85 -24.76
C ASP D 21 -12.90 -26.60 -25.04
N MET D 22 -13.75 -26.67 -24.01
CA MET D 22 -15.17 -26.41 -24.20
C MET D 22 -15.42 -24.97 -24.66
N LEU D 23 -14.73 -24.01 -24.06
CA LEU D 23 -14.89 -22.62 -24.46
C LEU D 23 -14.37 -22.39 -25.87
N ALA D 24 -13.26 -23.04 -26.23
CA ALA D 24 -12.75 -22.92 -27.60
C ALA D 24 -13.73 -23.50 -28.60
N LYS D 25 -14.34 -24.64 -28.28
CA LYS D 25 -15.35 -25.21 -29.16
C LYS D 25 -16.55 -24.29 -29.29
N LYS D 26 -17.00 -23.71 -28.18
CA LYS D 26 -18.13 -22.79 -28.21
C LYS D 26 -17.83 -21.58 -29.09
N ARG D 27 -16.63 -21.01 -28.95
CA ARG D 27 -16.28 -19.84 -29.74
C ARG D 27 -16.11 -20.17 -31.21
N ASP D 28 -15.48 -21.31 -31.51
CA ASP D 28 -15.18 -21.65 -32.90
C ASP D 28 -16.40 -22.13 -33.66
N GLY D 29 -17.33 -22.78 -32.98
CA GLY D 29 -18.46 -23.38 -33.66
C GLY D 29 -19.65 -22.48 -33.89
N PHE D 30 -20.01 -21.67 -32.89
CA PHE D 30 -21.29 -20.98 -32.91
C PHE D 30 -21.23 -19.48 -32.59
N GLU D 31 -20.15 -18.99 -32.00
CA GLU D 31 -20.09 -17.58 -31.63
C GLU D 31 -19.86 -16.66 -32.82
N GLU D 32 -19.36 -17.19 -33.94
CA GLU D 32 -19.07 -16.40 -35.14
C GLU D 32 -18.17 -15.21 -34.79
N LYS D 33 -17.16 -15.49 -33.98
CA LYS D 33 -16.27 -14.46 -33.47
C LYS D 33 -15.37 -13.93 -34.57
N TYR D 34 -15.00 -12.65 -34.45
CA TYR D 34 -14.01 -12.07 -35.33
C TYR D 34 -12.66 -12.74 -35.11
N PRO D 35 -11.83 -12.84 -36.15
CA PRO D 35 -10.49 -13.41 -35.97
C PRO D 35 -9.68 -12.62 -34.96
N GLN D 36 -8.85 -13.34 -34.20
CA GLN D 36 -8.08 -12.71 -33.14
C GLN D 36 -7.14 -11.64 -33.68
N ASP D 37 -6.64 -11.81 -34.90
CA ASP D 37 -5.82 -10.78 -35.52
C ASP D 37 -6.61 -9.50 -35.76
N LYS D 38 -7.86 -9.63 -36.20
CA LYS D 38 -8.71 -8.46 -36.37
C LYS D 38 -8.98 -7.77 -35.02
N ILE D 39 -9.19 -8.57 -33.97
CA ILE D 39 -9.41 -8.00 -32.64
C ILE D 39 -8.18 -7.25 -32.17
N ASP D 40 -6.99 -7.83 -32.39
CA ASP D 40 -5.76 -7.15 -32.01
C ASP D 40 -5.58 -5.86 -32.80
N GLU D 41 -5.90 -5.89 -34.10
CA GLU D 41 -5.79 -4.69 -34.92
C GLU D 41 -6.71 -3.59 -34.41
N VAL D 42 -7.95 -3.94 -34.09
CA VAL D 42 -8.91 -2.93 -33.61
C VAL D 42 -8.49 -2.41 -32.24
N PHE D 43 -8.00 -3.29 -31.37
CA PHE D 43 -7.55 -2.83 -30.06
C PHE D 43 -6.37 -1.88 -30.18
N GLN D 44 -5.40 -2.21 -31.05
CA GLN D 44 -4.28 -1.32 -31.28
C GLN D 44 -4.75 0.01 -31.84
N TRP D 45 -5.76 -0.02 -32.72
CA TRP D 45 -6.31 1.20 -33.27
C TRP D 45 -6.96 2.05 -32.18
N THR D 46 -7.63 1.43 -31.22
CA THR D 46 -8.30 2.17 -30.15
C THR D 46 -7.31 2.88 -29.23
N THR D 47 -6.03 2.52 -29.26
CA THR D 47 -5.02 3.15 -28.43
C THR D 47 -4.28 4.28 -29.15
N THR D 48 -4.65 4.58 -30.39
CA THR D 48 -3.91 5.55 -31.20
C THR D 48 -4.52 6.95 -31.05
N LYS D 49 -3.79 7.94 -31.59
CA LYS D 49 -4.26 9.32 -31.56
C LYS D 49 -5.43 9.56 -32.51
N GLU D 50 -5.48 8.83 -33.62
CA GLU D 50 -6.63 8.94 -34.52
C GLU D 50 -7.91 8.53 -33.83
N TYR D 51 -7.86 7.41 -33.08
CA TYR D 51 -9.02 7.00 -32.32
C TYR D 51 -9.36 8.02 -31.23
N GLN D 52 -8.35 8.65 -30.65
CA GLN D 52 -8.61 9.70 -29.65
C GLN D 52 -9.33 10.88 -30.28
N GLU D 53 -8.91 11.27 -31.49
CA GLU D 53 -9.60 12.36 -32.19
C GLU D 53 -11.04 11.99 -32.50
N LEU D 54 -11.28 10.75 -32.93
CA LEU D 54 -12.66 10.32 -33.16
C LEU D 54 -13.46 10.28 -31.86
N ASN D 55 -12.83 9.83 -30.77
CA ASN D 55 -13.51 9.70 -29.50
C ASN D 55 -13.90 11.06 -28.94
N PHE D 56 -13.04 12.06 -29.09
CA PHE D 56 -13.32 13.38 -28.56
C PHE D 56 -14.24 14.20 -29.47
N GLN D 57 -14.64 13.64 -30.61
CA GLN D 57 -15.64 14.25 -31.47
C GLN D 57 -17.06 13.83 -31.12
N ARG D 58 -17.22 13.04 -30.06
CA ARG D 58 -18.54 12.53 -29.68
C ARG D 58 -19.43 13.66 -29.19
N GLU D 59 -20.70 13.61 -29.56
CA GLU D 59 -21.67 14.61 -29.14
C GLU D 59 -22.89 13.96 -28.49
N ALA D 60 -23.27 12.78 -28.97
CA ALA D 60 -24.48 12.11 -28.53
C ALA D 60 -24.24 10.87 -27.69
N LEU D 61 -23.11 10.20 -27.88
CA LEU D 61 -22.83 8.95 -27.19
C LEU D 61 -21.96 9.21 -25.96
N THR D 62 -22.37 8.65 -24.83
CA THR D 62 -21.59 8.67 -23.60
C THR D 62 -21.20 7.24 -23.26
N VAL D 63 -19.92 7.02 -23.01
CA VAL D 63 -19.38 5.69 -22.74
C VAL D 63 -18.68 5.73 -21.38
N ASN D 64 -19.13 4.87 -20.47
CA ASN D 64 -18.58 4.76 -19.12
C ASN D 64 -18.55 6.11 -18.43
N PRO D 65 -19.71 6.65 -18.05
CA PRO D 65 -19.74 7.96 -17.39
C PRO D 65 -19.12 7.90 -16.00
N ALA D 66 -18.75 9.08 -15.50
CA ALA D 66 -18.18 9.21 -14.18
C ALA D 66 -19.09 10.05 -13.28
N LYS D 67 -20.39 9.79 -13.36
CA LYS D 67 -21.36 10.54 -12.57
C LYS D 67 -22.63 9.71 -12.44
N ALA D 68 -23.46 10.08 -11.46
CA ALA D 68 -24.73 9.45 -11.20
C ALA D 68 -25.85 10.50 -11.34
N CYS D 69 -27.06 10.12 -10.97
CA CYS D 69 -28.21 11.00 -11.08
C CYS D 69 -28.55 11.64 -9.74
N GLN D 70 -29.32 12.73 -9.81
CA GLN D 70 -29.61 13.56 -8.64
C GLN D 70 -30.21 12.80 -7.46
N PRO D 71 -31.22 11.95 -7.64
CA PRO D 71 -31.85 11.32 -6.46
C PRO D 71 -30.91 10.50 -5.61
N LEU D 72 -29.81 9.98 -6.15
CA LEU D 72 -28.81 9.31 -5.32
C LEU D 72 -28.22 10.28 -4.30
N GLY D 73 -27.83 11.46 -4.75
CA GLY D 73 -27.33 12.48 -3.84
C GLY D 73 -28.41 12.95 -2.88
N ALA D 74 -29.65 13.03 -3.36
CA ALA D 74 -30.75 13.40 -2.47
C ALA D 74 -30.93 12.38 -1.34
N VAL D 75 -30.84 11.09 -1.68
CA VAL D 75 -30.93 10.04 -0.67
C VAL D 75 -29.77 10.14 0.32
N LEU D 76 -28.56 10.37 -0.19
CA LEU D 76 -27.42 10.50 0.71
C LEU D 76 -27.58 11.68 1.65
N CYS D 77 -28.10 12.81 1.15
CA CYS D 77 -28.38 13.95 2.01
C CYS D 77 -29.43 13.61 3.06
N ALA D 78 -30.52 12.95 2.64
CA ALA D 78 -31.59 12.60 3.57
C ALA D 78 -31.10 11.66 4.66
N LEU D 79 -30.16 10.77 4.34
CA LEU D 79 -29.64 9.83 5.32
C LEU D 79 -28.88 10.52 6.46
N GLY D 80 -28.47 11.76 6.27
CA GLY D 80 -27.71 12.48 7.27
C GLY D 80 -28.52 13.18 8.34
N PHE D 81 -29.83 12.96 8.38
CA PHE D 81 -30.69 13.59 9.37
C PHE D 81 -31.28 12.55 10.30
N GLU D 82 -31.53 12.95 11.53
CA GLU D 82 -31.91 12.01 12.58
C GLU D 82 -33.28 11.39 12.29
N LYS D 83 -33.32 10.05 12.30
CA LYS D 83 -34.56 9.28 12.12
C LYS D 83 -35.33 9.74 10.89
N THR D 84 -34.59 9.98 9.80
CA THR D 84 -35.15 10.46 8.55
C THR D 84 -35.11 9.33 7.53
N MET D 85 -36.24 9.09 6.88
CA MET D 85 -36.32 8.07 5.85
C MET D 85 -36.26 8.72 4.49
N PRO D 86 -35.24 8.45 3.67
CA PRO D 86 -35.26 8.95 2.30
C PRO D 86 -36.44 8.37 1.53
N TYR D 87 -37.13 9.24 0.79
CA TYR D 87 -38.36 8.90 0.09
C TYR D 87 -38.24 9.47 -1.31
N VAL D 88 -38.20 8.61 -2.32
CA VAL D 88 -38.06 9.03 -3.70
C VAL D 88 -39.40 8.83 -4.39
N HIS D 89 -40.04 9.93 -4.76
CA HIS D 89 -41.30 9.90 -5.48
C HIS D 89 -41.05 9.49 -6.93
N GLY D 90 -41.54 8.34 -7.32
CA GLY D 90 -41.30 7.85 -8.66
C GLY D 90 -41.29 6.34 -8.69
N SER D 91 -40.44 5.80 -9.56
CA SER D 91 -40.42 4.37 -9.82
C SER D 91 -39.52 3.62 -8.84
N GLN D 92 -39.88 2.36 -8.58
CA GLN D 92 -39.20 1.57 -7.55
C GLN D 92 -37.78 1.18 -7.98
N GLY D 93 -37.56 0.93 -9.27
CA GLY D 93 -36.26 0.49 -9.72
C GLY D 93 -35.16 1.49 -9.41
N CYS D 94 -35.50 2.78 -9.43
CA CYS D 94 -34.54 3.81 -9.05
C CYS D 94 -34.07 3.61 -7.62
N VAL D 95 -35.01 3.40 -6.69
CA VAL D 95 -34.65 3.20 -5.29
C VAL D 95 -33.87 1.91 -5.11
N ALA D 96 -34.25 0.86 -5.84
CA ALA D 96 -33.49 -0.38 -5.79
C ALA D 96 -32.03 -0.15 -6.19
N TYR D 97 -31.82 0.58 -7.27
CA TYR D 97 -30.46 0.86 -7.73
C TYR D 97 -29.70 1.74 -6.73
N PHE D 98 -30.37 2.75 -6.17
CA PHE D 98 -29.70 3.62 -5.19
C PHE D 98 -29.24 2.80 -4.00
N ARG D 99 -30.13 1.98 -3.45
CA ARG D 99 -29.78 1.18 -2.29
C ARG D 99 -28.66 0.20 -2.62
N SER D 100 -28.72 -0.45 -3.79
CA SER D 100 -27.66 -1.37 -4.16
C SER D 100 -26.31 -0.66 -4.27
N TYR D 101 -26.30 0.52 -4.91
CA TYR D 101 -25.07 1.28 -5.06
C TYR D 101 -24.47 1.63 -3.69
N PHE D 102 -25.31 2.15 -2.79
CA PHE D 102 -24.80 2.58 -1.50
C PHE D 102 -24.40 1.40 -0.62
N ASN D 103 -25.13 0.28 -0.71
CA ASN D 103 -24.70 -0.92 0.01
C ASN D 103 -23.35 -1.41 -0.50
N ARG D 104 -23.15 -1.39 -1.82
CA ARG D 104 -21.89 -1.87 -2.35
C ARG D 104 -20.74 -0.97 -1.94
N HIS D 105 -20.95 0.34 -1.88
CA HIS D 105 -19.87 1.23 -1.48
C HIS D 105 -19.60 1.16 0.02
N PHE D 106 -20.66 1.22 0.84
CA PHE D 106 -20.49 1.32 2.28
C PHE D 106 -20.52 -0.01 3.00
N ARG D 107 -21.01 -1.06 2.36
CA ARG D 107 -21.15 -2.39 2.99
C ARG D 107 -21.99 -2.29 4.27
N GLU D 108 -23.06 -1.51 4.20
CA GLU D 108 -23.97 -1.28 5.31
C GLU D 108 -25.39 -1.26 4.77
N PRO D 109 -26.38 -1.53 5.63
CA PRO D 109 -27.77 -1.33 5.20
C PRO D 109 -28.03 0.14 4.86
N VAL D 110 -28.84 0.35 3.83
CA VAL D 110 -29.19 1.70 3.38
C VAL D 110 -30.71 1.78 3.29
N SER D 111 -31.29 2.72 4.01
CA SER D 111 -32.74 2.85 4.09
C SER D 111 -33.23 3.82 3.03
N CYS D 112 -34.20 3.38 2.24
CA CYS D 112 -34.83 4.21 1.22
C CYS D 112 -36.12 3.53 0.78
N VAL D 113 -37.14 4.34 0.48
CA VAL D 113 -38.43 3.82 0.06
C VAL D 113 -38.85 4.52 -1.23
N SER D 114 -39.80 3.88 -1.93
CA SER D 114 -40.40 4.43 -3.12
C SER D 114 -41.91 4.30 -2.99
N ASP D 115 -42.63 5.16 -3.71
CA ASP D 115 -44.08 5.04 -3.80
C ASP D 115 -44.53 4.21 -4.98
N SER D 116 -43.57 3.64 -5.74
CA SER D 116 -43.85 2.66 -6.78
C SER D 116 -44.84 3.19 -7.81
N MET D 117 -44.48 4.31 -8.42
CA MET D 117 -45.30 4.87 -9.49
C MET D 117 -45.20 4.00 -10.73
N THR D 118 -46.36 3.71 -11.33
CA THR D 118 -46.44 2.74 -12.42
C THR D 118 -47.11 3.33 -13.65
N GLU D 119 -47.49 2.46 -14.60
CA GLU D 119 -48.08 2.91 -15.85
C GLU D 119 -49.29 3.81 -15.62
N ASP D 120 -50.15 3.45 -14.65
CA ASP D 120 -51.32 4.28 -14.38
C ASP D 120 -50.92 5.67 -13.89
N ALA D 121 -49.94 5.74 -12.99
CA ALA D 121 -49.46 7.04 -12.50
C ALA D 121 -48.85 7.88 -13.62
N ALA D 122 -48.46 7.26 -14.73
CA ALA D 122 -47.95 8.01 -15.86
C ALA D 122 -49.03 8.82 -16.56
N VAL D 123 -50.30 8.57 -16.24
CA VAL D 123 -51.42 9.29 -16.84
C VAL D 123 -52.05 10.26 -15.85
N PHE D 124 -52.33 9.81 -14.63
CA PHE D 124 -53.02 10.64 -13.64
C PHE D 124 -52.08 11.25 -12.60
N GLY D 125 -50.77 11.09 -12.76
CA GLY D 125 -49.84 11.55 -11.75
C GLY D 125 -49.73 10.60 -10.58
N GLY D 126 -48.89 10.99 -9.63
CA GLY D 126 -48.63 10.14 -8.48
C GLY D 126 -49.14 10.69 -7.17
N GLN D 127 -50.29 11.38 -7.20
CA GLN D 127 -50.87 11.92 -5.98
C GLN D 127 -51.28 10.81 -5.02
N GLN D 128 -52.02 9.81 -5.53
CA GLN D 128 -52.40 8.67 -4.70
C GLN D 128 -51.17 7.89 -4.26
N ASN D 129 -50.20 7.73 -5.16
CA ASN D 129 -48.94 7.09 -4.79
C ASN D 129 -48.28 7.84 -3.64
N MET D 130 -48.25 9.17 -3.70
CA MET D 130 -47.65 9.96 -2.63
C MET D 130 -48.38 9.76 -1.31
N LYS D 131 -49.71 9.84 -1.34
CA LYS D 131 -50.48 9.69 -0.11
C LYS D 131 -50.26 8.32 0.52
N ASP D 132 -50.45 7.26 -0.28
CA ASP D 132 -50.29 5.91 0.25
C ASP D 132 -48.87 5.64 0.71
N GLY D 133 -47.88 6.12 -0.04
CA GLY D 133 -46.50 5.90 0.34
C GLY D 133 -46.12 6.60 1.62
N LEU D 134 -46.55 7.86 1.78
CA LEU D 134 -46.27 8.58 3.01
C LEU D 134 -46.91 7.89 4.20
N GLN D 135 -48.18 7.51 4.07
CA GLN D 135 -48.88 6.85 5.17
C GLN D 135 -48.20 5.53 5.52
N ASN D 136 -47.91 4.70 4.52
CA ASN D 136 -47.31 3.40 4.76
C ASN D 136 -45.92 3.52 5.36
N CYS D 137 -45.11 4.46 4.84
CA CYS D 137 -43.77 4.66 5.36
C CYS D 137 -43.80 5.08 6.82
N LYS D 138 -44.64 6.07 7.15
CA LYS D 138 -44.72 6.53 8.53
C LYS D 138 -45.24 5.44 9.46
N ALA D 139 -46.18 4.61 8.97
CA ALA D 139 -46.73 3.56 9.82
C ALA D 139 -45.73 2.43 10.02
N THR D 140 -44.96 2.09 9.00
CA THR D 140 -44.11 0.91 9.04
C THR D 140 -42.74 1.17 9.65
N TYR D 141 -42.10 2.27 9.30
CA TYR D 141 -40.74 2.52 9.75
C TYR D 141 -40.64 3.58 10.84
N LYS D 142 -41.74 4.25 11.15
CA LYS D 142 -41.80 5.26 12.21
C LYS D 142 -40.63 6.25 12.17
N PRO D 143 -40.45 6.98 11.06
CA PRO D 143 -39.41 8.00 11.03
C PRO D 143 -39.89 9.30 11.66
N ASP D 144 -38.92 10.09 12.14
CA ASP D 144 -39.25 11.41 12.64
C ASP D 144 -39.39 12.43 11.53
N MET D 145 -39.05 12.05 10.29
CA MET D 145 -39.03 12.96 9.16
C MET D 145 -38.94 12.14 7.88
N ILE D 146 -39.66 12.57 6.85
CA ILE D 146 -39.61 11.95 5.54
C ILE D 146 -39.12 12.99 4.56
N ALA D 147 -37.97 12.74 3.95
CA ALA D 147 -37.38 13.64 2.97
C ALA D 147 -37.71 13.11 1.57
N VAL D 148 -38.36 13.93 0.76
CA VAL D 148 -38.93 13.50 -0.51
C VAL D 148 -38.09 14.06 -1.66
N SER D 149 -37.65 13.17 -2.53
CA SER D 149 -37.04 13.51 -3.81
C SER D 149 -37.83 12.84 -4.93
N THR D 150 -37.36 13.01 -6.16
CA THR D 150 -38.09 12.54 -7.33
C THR D 150 -37.19 11.73 -8.25
N THR D 151 -37.79 10.79 -8.96
CA THR D 151 -37.14 10.13 -10.08
C THR D 151 -37.48 10.88 -11.37
N CYS D 152 -36.83 10.47 -12.45
CA CYS D 152 -37.03 11.15 -13.74
C CYS D 152 -38.46 11.04 -14.23
N MET D 153 -39.14 9.91 -13.93
CA MET D 153 -40.53 9.75 -14.34
C MET D 153 -41.42 10.82 -13.73
N ALA D 154 -41.26 11.06 -12.42
CA ALA D 154 -42.09 12.06 -11.76
C ALA D 154 -41.77 13.46 -12.23
N GLU D 155 -40.52 13.70 -12.62
CA GLU D 155 -40.13 15.03 -13.09
C GLU D 155 -40.60 15.28 -14.51
N VAL D 156 -40.74 14.22 -15.31
CA VAL D 156 -41.18 14.40 -16.70
C VAL D 156 -42.69 14.68 -16.74
N ILE D 157 -43.48 13.91 -15.98
CA ILE D 157 -44.93 14.12 -15.97
C ILE D 157 -45.34 15.30 -15.10
N GLY D 158 -44.38 16.02 -14.52
CA GLY D 158 -44.68 17.25 -13.79
C GLY D 158 -45.48 17.08 -12.51
N ASP D 159 -45.13 16.09 -11.70
CA ASP D 159 -45.79 15.91 -10.41
C ASP D 159 -45.40 17.06 -9.47
N ASP D 160 -46.41 17.66 -8.84
CA ASP D 160 -46.19 18.77 -7.92
C ASP D 160 -45.98 18.20 -6.52
N LEU D 161 -44.73 18.19 -6.07
CA LEU D 161 -44.42 17.61 -4.77
C LEU D 161 -45.11 18.37 -3.64
N ASN D 162 -45.06 19.70 -3.70
CA ASN D 162 -45.67 20.52 -2.65
C ASN D 162 -47.17 20.27 -2.56
N ALA D 163 -47.87 20.30 -3.69
CA ALA D 163 -49.31 20.08 -3.69
C ALA D 163 -49.65 18.67 -3.23
N PHE D 164 -48.86 17.68 -3.66
CA PHE D 164 -49.13 16.30 -3.26
C PHE D 164 -48.97 16.12 -1.76
N ILE D 165 -47.91 16.69 -1.18
CA ILE D 165 -47.69 16.55 0.26
C ILE D 165 -48.75 17.31 1.03
N ASN D 166 -49.14 18.50 0.55
CA ASN D 166 -50.19 19.26 1.21
C ASN D 166 -51.52 18.52 1.17
N ASN D 167 -51.83 17.86 0.06
CA ASN D 167 -53.05 17.07 -0.04
C ASN D 167 -53.00 15.85 0.86
N SER D 168 -51.83 15.22 0.97
CA SER D 168 -51.69 14.08 1.87
C SER D 168 -51.91 14.50 3.31
N LYS D 169 -51.37 15.65 3.71
CA LYS D 169 -51.57 16.14 5.06
C LYS D 169 -53.02 16.56 5.29
N LYS D 170 -53.66 17.14 4.26
CA LYS D 170 -55.02 17.63 4.41
C LYS D 170 -56.03 16.50 4.58
N GLU D 171 -55.78 15.35 3.95
CA GLU D 171 -56.72 14.24 3.95
C GLU D 171 -56.39 13.18 4.99
N GLY D 172 -55.50 13.48 5.94
CA GLY D 172 -55.26 12.60 7.06
C GLY D 172 -54.31 11.45 6.82
N PHE D 173 -53.68 11.37 5.65
CA PHE D 173 -52.71 10.31 5.42
C PHE D 173 -51.49 10.47 6.31
N ILE D 174 -51.05 11.71 6.52
CA ILE D 174 -50.01 12.00 7.51
C ILE D 174 -50.39 13.24 8.28
N PRO D 175 -49.93 13.33 9.54
CA PRO D 175 -50.27 14.49 10.36
C PRO D 175 -49.73 15.78 9.77
N ASP D 176 -50.44 16.88 10.04
CA ASP D 176 -50.04 18.17 9.48
C ASP D 176 -48.74 18.67 10.07
N GLU D 177 -48.38 18.19 11.28
CA GLU D 177 -47.16 18.61 11.94
C GLU D 177 -45.96 17.75 11.55
N PHE D 178 -46.17 16.62 10.91
CA PHE D 178 -45.05 15.78 10.51
C PHE D 178 -44.16 16.51 9.51
N PRO D 179 -42.84 16.55 9.73
CA PRO D 179 -41.95 17.24 8.79
C PRO D 179 -41.71 16.41 7.54
N VAL D 180 -42.17 16.92 6.41
CA VAL D 180 -41.95 16.25 5.12
C VAL D 180 -41.29 17.24 4.17
N PRO D 181 -40.00 17.52 4.30
CA PRO D 181 -39.32 18.34 3.31
C PRO D 181 -39.24 17.63 1.97
N PHE D 182 -39.26 18.42 0.90
CA PHE D 182 -39.23 17.87 -0.45
C PHE D 182 -38.25 18.66 -1.30
N ALA D 183 -37.77 18.01 -2.35
CA ALA D 183 -36.91 18.66 -3.33
C ALA D 183 -37.11 17.99 -4.67
N HIS D 184 -37.22 18.79 -5.72
CA HIS D 184 -37.24 18.27 -7.08
C HIS D 184 -35.82 17.98 -7.51
N THR D 185 -35.56 16.74 -7.90
CA THR D 185 -34.21 16.28 -8.26
C THR D 185 -34.26 15.62 -9.62
N PRO D 186 -34.39 16.40 -10.69
CA PRO D 186 -34.46 15.83 -12.05
C PRO D 186 -33.13 15.19 -12.43
N SER D 187 -33.18 13.92 -12.83
CA SER D 187 -31.97 13.18 -13.13
C SER D 187 -31.33 13.61 -14.44
N PHE D 188 -32.05 14.35 -15.27
CA PHE D 188 -31.51 14.88 -16.52
C PHE D 188 -30.84 16.24 -16.35
N VAL D 189 -30.72 16.71 -15.11
CA VAL D 189 -30.04 17.97 -14.80
C VAL D 189 -28.92 17.67 -13.81
N GLY D 190 -27.72 18.14 -14.11
CA GLY D 190 -26.62 18.01 -13.19
C GLY D 190 -26.24 16.56 -12.95
N SER D 191 -26.08 16.19 -11.69
CA SER D 191 -25.64 14.87 -11.28
C SER D 191 -26.03 14.65 -9.82
N HIS D 192 -25.45 13.61 -9.21
CA HIS D 192 -25.82 13.26 -7.84
C HIS D 192 -25.52 14.39 -6.86
N VAL D 193 -24.44 15.14 -7.09
CA VAL D 193 -24.11 16.24 -6.19
C VAL D 193 -25.16 17.34 -6.30
N THR D 194 -25.71 17.56 -7.50
CA THR D 194 -26.83 18.49 -7.64
C THR D 194 -28.04 18.02 -6.86
N GLY D 195 -28.28 16.72 -6.83
CA GLY D 195 -29.36 16.19 -6.01
C GLY D 195 -29.14 16.39 -4.53
N TRP D 196 -27.90 16.20 -4.07
CA TRP D 196 -27.57 16.49 -2.68
C TRP D 196 -27.84 17.96 -2.36
N ASP D 197 -27.41 18.86 -3.25
CA ASP D 197 -27.63 20.28 -3.05
C ASP D 197 -29.12 20.61 -2.98
N ASN D 198 -29.90 20.06 -3.92
CA ASN D 198 -31.33 20.32 -3.95
C ASN D 198 -32.02 19.79 -2.69
N MET D 199 -31.66 18.60 -2.25
CA MET D 199 -32.29 18.02 -1.06
C MET D 199 -31.94 18.82 0.18
N PHE D 200 -30.67 19.21 0.33
CA PHE D 200 -30.29 20.01 1.49
C PHE D 200 -30.99 21.36 1.50
N GLU D 201 -31.07 22.01 0.33
CA GLU D 201 -31.76 23.28 0.25
C GLU D 201 -33.23 23.12 0.59
N GLY D 202 -33.86 22.04 0.12
CA GLY D 202 -35.25 21.79 0.47
C GLY D 202 -35.46 21.60 1.95
N ILE D 203 -34.59 20.82 2.60
CA ILE D 203 -34.73 20.58 4.03
C ILE D 203 -34.52 21.86 4.82
N ALA D 204 -33.48 22.63 4.47
CA ALA D 204 -33.20 23.88 5.17
C ALA D 204 -34.34 24.87 4.99
N ARG D 205 -34.88 24.97 3.77
CA ARG D 205 -36.01 25.86 3.52
C ARG D 205 -37.23 25.42 4.32
N TYR D 206 -37.52 24.11 4.30
CA TYR D 206 -38.66 23.59 5.05
C TYR D 206 -38.57 23.94 6.52
N PHE D 207 -37.37 23.86 7.10
CA PHE D 207 -37.24 24.09 8.53
C PHE D 207 -37.01 25.54 8.91
N THR D 208 -36.67 26.43 7.96
CA THR D 208 -36.27 27.77 8.34
C THR D 208 -37.00 28.91 7.63
N LEU D 209 -37.74 28.67 6.54
CA LEU D 209 -38.24 29.77 5.72
C LEU D 209 -39.30 30.59 6.46
N LYS D 210 -40.22 29.93 7.15
CA LYS D 210 -41.37 30.59 7.74
C LYS D 210 -41.14 31.06 9.16
N SER D 211 -39.94 30.90 9.71
CA SER D 211 -39.65 31.25 11.08
C SER D 211 -38.37 32.07 11.18
N MET D 212 -38.18 33.01 10.26
CA MET D 212 -36.98 33.84 10.23
C MET D 212 -37.11 35.13 11.04
N ASP D 213 -38.28 35.37 11.64
CA ASP D 213 -38.49 36.65 12.32
C ASP D 213 -37.73 36.72 13.65
N ASP D 214 -37.68 35.60 14.38
CA ASP D 214 -37.03 35.56 15.69
C ASP D 214 -35.58 35.11 15.60
N LYS D 215 -35.00 35.11 14.40
CA LYS D 215 -33.65 34.60 14.20
C LYS D 215 -32.64 35.75 14.26
N VAL D 216 -31.60 35.58 15.07
CA VAL D 216 -30.51 36.54 15.19
C VAL D 216 -29.22 35.83 14.81
N VAL D 217 -28.48 36.42 13.88
CA VAL D 217 -27.24 35.80 13.40
C VAL D 217 -26.21 35.80 14.51
N GLY D 218 -25.61 34.65 14.75
CA GLY D 218 -24.60 34.53 15.78
C GLY D 218 -25.12 34.49 17.20
N SER D 219 -26.38 34.13 17.41
CA SER D 219 -26.92 34.12 18.76
C SER D 219 -26.58 32.84 19.52
N ASN D 220 -26.34 31.74 18.81
CA ASN D 220 -25.98 30.48 19.46
C ASN D 220 -24.48 30.21 19.47
N LYS D 221 -23.67 31.12 18.94
CA LYS D 221 -22.20 31.03 18.97
C LYS D 221 -21.70 29.75 18.31
N LYS D 222 -22.33 29.36 17.22
CA LYS D 222 -21.95 28.15 16.51
C LYS D 222 -21.64 28.47 15.05
N ILE D 223 -20.97 27.53 14.39
CA ILE D 223 -20.71 27.59 12.95
C ILE D 223 -21.41 26.41 12.30
N ASN D 224 -22.22 26.69 11.28
CA ASN D 224 -22.86 25.63 10.52
C ASN D 224 -21.88 25.04 9.52
N ILE D 225 -21.87 23.72 9.42
CA ILE D 225 -21.00 23.00 8.49
C ILE D 225 -21.88 22.18 7.57
N VAL D 226 -21.85 22.50 6.27
CA VAL D 226 -22.53 21.73 5.24
C VAL D 226 -21.47 20.93 4.48
N PRO D 227 -21.44 19.60 4.62
CA PRO D 227 -20.37 18.83 3.99
C PRO D 227 -20.60 18.54 2.51
N GLY D 228 -21.83 18.60 2.02
CA GLY D 228 -22.11 18.21 0.66
C GLY D 228 -22.10 16.70 0.50
N PHE D 229 -22.12 16.28 -0.76
CA PHE D 229 -22.06 14.85 -1.10
C PHE D 229 -20.72 14.30 -0.64
N GLU D 230 -20.73 13.46 0.39
CA GLU D 230 -19.51 12.94 1.00
C GLU D 230 -19.69 11.46 1.28
N THR D 231 -18.79 10.64 0.76
CA THR D 231 -18.86 9.19 0.92
C THR D 231 -17.70 8.64 1.75
N TYR D 232 -16.95 9.49 2.43
CA TYR D 232 -15.92 9.07 3.37
C TYR D 232 -16.37 9.46 4.78
N LEU D 233 -16.59 8.46 5.63
CA LEU D 233 -16.95 8.74 7.02
C LEU D 233 -15.83 9.46 7.75
N GLY D 234 -14.58 9.18 7.36
CA GLY D 234 -13.45 9.85 7.96
C GLY D 234 -13.47 11.35 7.77
N ASN D 235 -14.12 11.83 6.70
CA ASN D 235 -14.18 13.26 6.47
C ASN D 235 -15.11 13.95 7.47
N PHE D 236 -16.30 13.38 7.70
CA PHE D 236 -17.17 13.87 8.76
C PHE D 236 -16.44 13.83 10.10
N ARG D 237 -15.79 12.70 10.38
CA ARG D 237 -15.12 12.54 11.67
C ARG D 237 -13.99 13.55 11.84
N VAL D 238 -13.22 13.80 10.79
CA VAL D 238 -12.08 14.71 10.90
C VAL D 238 -12.56 16.15 11.05
N ILE D 239 -13.63 16.53 10.35
CA ILE D 239 -14.16 17.88 10.52
C ILE D 239 -14.64 18.08 11.94
N LYS D 240 -15.39 17.09 12.46
CA LYS D 240 -15.89 17.20 13.83
C LYS D 240 -14.75 17.23 14.84
N ARG D 241 -13.73 16.40 14.64
CA ARG D 241 -12.60 16.35 15.56
C ARG D 241 -11.79 17.64 15.53
N MET D 242 -11.55 18.19 14.34
CA MET D 242 -10.80 19.44 14.23
C MET D 242 -11.56 20.59 14.87
N LEU D 243 -12.88 20.63 14.70
CA LEU D 243 -13.65 21.70 15.32
C LEU D 243 -13.73 21.52 16.83
N SER D 244 -13.77 20.27 17.31
CA SER D 244 -13.77 20.05 18.75
C SER D 244 -12.43 20.40 19.39
N GLU D 245 -11.33 20.14 18.67
CA GLU D 245 -10.01 20.51 19.18
C GLU D 245 -9.90 22.02 19.32
N MET D 246 -10.44 22.77 18.35
CA MET D 246 -10.38 24.22 18.35
C MET D 246 -11.28 24.84 19.40
N GLY D 247 -12.15 24.05 20.05
CA GLY D 247 -13.11 24.62 20.96
C GLY D 247 -14.21 25.41 20.28
N VAL D 248 -14.48 25.10 19.02
CA VAL D 248 -15.44 25.85 18.22
C VAL D 248 -16.79 25.14 18.28
N GLY D 249 -17.82 25.88 18.71
CA GLY D 249 -19.17 25.36 18.62
C GLY D 249 -19.58 25.21 17.17
N TYR D 250 -20.07 24.04 16.81
CA TYR D 250 -20.41 23.76 15.42
C TYR D 250 -21.70 22.95 15.35
N SER D 251 -22.37 23.06 14.22
CA SER D 251 -23.56 22.26 13.90
C SER D 251 -23.32 21.64 12.53
N LEU D 252 -23.05 20.34 12.50
CA LEU D 252 -22.84 19.63 11.23
C LEU D 252 -24.20 19.19 10.71
N LEU D 253 -24.68 19.85 9.67
CA LEU D 253 -25.97 19.55 9.07
C LEU D 253 -25.81 18.45 8.04
N SER D 254 -26.75 17.49 8.06
CA SER D 254 -26.69 16.29 7.22
C SER D 254 -25.43 15.48 7.52
N ASP D 255 -25.40 14.94 8.75
CA ASP D 255 -24.30 14.11 9.24
C ASP D 255 -24.70 12.64 9.19
N PRO D 256 -24.32 11.88 8.16
CA PRO D 256 -24.72 10.47 8.05
C PRO D 256 -23.70 9.45 8.55
N GLU D 257 -22.61 9.88 9.21
CA GLU D 257 -21.55 8.93 9.55
C GLU D 257 -22.03 7.88 10.53
N GLU D 258 -22.98 8.22 11.40
CA GLU D 258 -23.47 7.26 12.39
C GLU D 258 -24.28 6.15 11.74
N VAL D 259 -25.20 6.51 10.85
CA VAL D 259 -26.10 5.52 10.25
C VAL D 259 -25.39 4.68 9.20
N LEU D 260 -24.25 5.13 8.68
CA LEU D 260 -23.46 4.36 7.73
C LEU D 260 -22.35 3.56 8.38
N ASP D 261 -22.25 3.58 9.71
CA ASP D 261 -21.21 2.85 10.43
C ASP D 261 -21.79 2.21 11.68
N THR D 262 -22.97 1.59 11.56
CA THR D 262 -23.60 0.96 12.72
C THR D 262 -22.81 -0.27 13.14
N PRO D 263 -22.69 -0.53 14.44
CA PRO D 263 -21.98 -1.72 14.90
C PRO D 263 -22.77 -3.00 14.67
N ALA D 264 -22.05 -4.11 14.60
CA ALA D 264 -22.65 -5.44 14.49
C ALA D 264 -22.66 -6.04 15.89
N ASP D 265 -23.79 -5.87 16.59
CA ASP D 265 -23.96 -6.44 17.93
C ASP D 265 -25.20 -7.32 18.02
N GLY D 266 -25.62 -7.92 16.91
CA GLY D 266 -26.78 -8.78 16.90
C GLY D 266 -28.11 -8.07 16.77
N GLN D 267 -28.10 -6.75 16.58
CA GLN D 267 -29.32 -5.96 16.47
C GLN D 267 -29.19 -4.99 15.30
N PHE D 268 -30.25 -4.90 14.51
CA PHE D 268 -30.30 -4.03 13.35
C PHE D 268 -30.84 -2.67 13.77
N ARG D 269 -30.03 -1.63 13.60
CA ARG D 269 -30.44 -0.26 13.90
C ARG D 269 -30.79 0.43 12.59
N MET D 270 -32.06 0.81 12.44
CA MET D 270 -32.51 1.42 11.20
C MET D 270 -31.99 2.85 11.08
N TYR D 271 -32.01 3.60 12.17
CA TYR D 271 -31.51 4.96 12.23
C TYR D 271 -30.39 5.06 13.27
N ALA D 272 -29.49 6.01 13.06
CA ALA D 272 -28.39 6.22 14.00
C ALA D 272 -27.84 7.62 13.79
N GLY D 273 -27.81 8.40 14.86
CA GLY D 273 -27.23 9.74 14.79
C GLY D 273 -27.98 10.63 13.83
N GLY D 274 -27.24 11.49 13.14
CA GLY D 274 -27.82 12.40 12.17
C GLY D 274 -28.15 13.75 12.77
N THR D 275 -28.32 14.73 11.88
CA THR D 275 -28.70 16.07 12.30
C THR D 275 -30.12 16.08 12.82
N THR D 276 -30.32 16.64 14.00
CA THR D 276 -31.65 16.71 14.57
C THR D 276 -32.41 17.88 13.95
N GLN D 277 -33.74 17.83 14.07
CA GLN D 277 -34.57 18.93 13.56
C GLN D 277 -34.33 20.21 14.34
N GLU D 278 -33.96 20.10 15.61
CA GLU D 278 -33.65 21.28 16.41
C GLU D 278 -32.43 22.02 15.87
N GLU D 279 -31.39 21.27 15.45
CA GLU D 279 -30.22 21.92 14.87
C GLU D 279 -30.56 22.63 13.57
N MET D 280 -31.39 22.02 12.73
CA MET D 280 -31.80 22.67 11.50
C MET D 280 -32.63 23.92 11.79
N LYS D 281 -33.51 23.86 12.80
CA LYS D 281 -34.31 25.02 13.16
C LYS D 281 -33.43 26.15 13.69
N ASP D 282 -32.39 25.82 14.45
CA ASP D 282 -31.50 26.81 15.05
C ASP D 282 -30.37 27.23 14.12
N ALA D 283 -30.23 26.60 12.96
CA ALA D 283 -29.16 26.94 12.03
C ALA D 283 -29.08 28.42 11.65
N PRO D 284 -30.17 29.15 11.42
CA PRO D 284 -30.04 30.59 11.15
C PRO D 284 -29.44 31.38 12.30
N ASN D 285 -29.41 30.83 13.51
CA ASN D 285 -28.84 31.52 14.66
C ASN D 285 -27.33 31.39 14.76
N ALA D 286 -26.71 30.68 13.82
CA ALA D 286 -25.27 30.48 13.87
C ALA D 286 -24.53 31.75 13.45
N LEU D 287 -23.25 31.81 13.82
CA LEU D 287 -22.40 32.91 13.39
C LEU D 287 -22.28 32.94 11.87
N ASN D 288 -22.03 31.78 11.27
CA ASN D 288 -21.84 31.68 9.82
C ASN D 288 -22.04 30.23 9.42
N THR D 289 -22.16 30.03 8.11
CA THR D 289 -22.26 28.69 7.52
C THR D 289 -21.06 28.47 6.62
N VAL D 290 -20.35 27.37 6.83
CA VAL D 290 -19.21 26.98 6.02
C VAL D 290 -19.63 25.83 5.13
N LEU D 291 -19.48 25.99 3.82
CA LEU D 291 -19.78 24.96 2.85
C LEU D 291 -18.49 24.24 2.50
N LEU D 292 -18.39 22.97 2.90
CA LEU D 292 -17.16 22.22 2.68
C LEU D 292 -16.88 22.00 1.20
N GLN D 293 -17.92 21.84 0.39
CA GLN D 293 -17.78 21.57 -1.04
C GLN D 293 -18.60 22.61 -1.80
N PRO D 294 -18.11 23.84 -1.90
CA PRO D 294 -18.94 24.92 -2.43
C PRO D 294 -19.31 24.77 -3.90
N TRP D 295 -18.59 23.97 -4.67
CA TRP D 295 -18.84 23.91 -6.11
C TRP D 295 -20.05 23.07 -6.48
N HIS D 296 -20.63 22.33 -5.54
CA HIS D 296 -21.93 21.71 -5.78
C HIS D 296 -22.93 22.09 -4.68
N LEU D 297 -22.69 23.18 -3.97
CA LEU D 297 -23.61 23.71 -2.96
C LEU D 297 -24.02 25.13 -3.32
N GLU D 298 -24.25 25.39 -4.60
CA GLU D 298 -24.56 26.75 -5.04
C GLU D 298 -25.97 27.17 -4.63
N LYS D 299 -26.95 26.29 -4.82
CA LYS D 299 -28.31 26.60 -4.37
C LYS D 299 -28.38 26.73 -2.86
N THR D 300 -27.66 25.87 -2.14
CA THR D 300 -27.57 25.99 -0.69
C THR D 300 -26.94 27.31 -0.29
N LYS D 301 -25.88 27.72 -1.00
CA LYS D 301 -25.26 29.02 -0.71
C LYS D 301 -26.23 30.16 -0.95
N LYS D 302 -26.99 30.10 -2.04
CA LYS D 302 -27.96 31.14 -2.33
C LYS D 302 -29.01 31.22 -1.23
N PHE D 303 -29.51 30.08 -0.79
CA PHE D 303 -30.53 30.09 0.27
C PHE D 303 -29.94 30.61 1.59
N VAL D 304 -28.73 30.18 1.94
CA VAL D 304 -28.15 30.58 3.22
C VAL D 304 -27.83 32.07 3.23
N GLU D 305 -27.32 32.59 2.12
CA GLU D 305 -26.98 34.02 2.07
C GLU D 305 -28.22 34.89 1.94
N GLY D 306 -29.26 34.43 1.24
CA GLY D 306 -30.44 35.23 1.03
C GLY D 306 -31.44 35.19 2.16
N THR D 307 -31.54 34.05 2.85
CA THR D 307 -32.52 33.88 3.92
C THR D 307 -31.90 33.99 5.31
N TRP D 308 -30.83 33.22 5.57
CA TRP D 308 -30.20 33.25 6.89
C TRP D 308 -29.33 34.48 7.10
N LYS D 309 -29.02 35.21 6.02
CA LYS D 309 -28.16 36.40 6.09
C LYS D 309 -26.79 36.06 6.64
N HIS D 310 -26.28 34.88 6.27
CA HIS D 310 -24.95 34.45 6.70
C HIS D 310 -23.93 34.80 5.62
N GLU D 311 -22.85 35.45 6.04
CA GLU D 311 -21.77 35.83 5.12
C GLU D 311 -20.87 34.62 4.91
N VAL D 312 -21.30 33.74 4.02
CA VAL D 312 -20.61 32.48 3.77
C VAL D 312 -19.23 32.78 3.21
N PRO D 313 -18.17 32.31 3.86
CA PRO D 313 -16.81 32.60 3.39
C PRO D 313 -16.50 31.91 2.07
N LYS D 314 -15.67 32.56 1.27
CA LYS D 314 -15.21 31.99 0.01
C LYS D 314 -14.04 31.04 0.34
N LEU D 315 -14.40 29.81 0.68
CA LEU D 315 -13.45 28.80 1.10
C LEU D 315 -13.45 27.63 0.11
N ASN D 316 -12.25 27.16 -0.22
CA ASN D 316 -12.11 25.94 -0.96
C ASN D 316 -12.35 24.74 -0.04
N ILE D 317 -12.47 23.56 -0.64
CA ILE D 317 -12.60 22.35 0.16
C ILE D 317 -11.36 22.18 1.04
N PRO D 318 -11.50 21.91 2.34
CA PRO D 318 -10.32 21.81 3.20
C PRO D 318 -9.50 20.57 2.88
N MET D 319 -8.90 20.55 1.70
CA MET D 319 -8.11 19.43 1.21
C MET D 319 -6.67 19.90 1.01
N GLY D 320 -5.72 19.15 1.54
CA GLY D 320 -4.33 19.50 1.42
C GLY D 320 -3.91 20.58 2.40
N LEU D 321 -2.61 20.88 2.35
CA LEU D 321 -2.00 21.76 3.35
C LEU D 321 -2.57 23.16 3.32
N ASP D 322 -2.45 23.85 2.18
CA ASP D 322 -2.82 25.26 2.12
C ASP D 322 -4.31 25.46 2.36
N TRP D 323 -5.16 24.60 1.76
CA TRP D 323 -6.59 24.79 1.92
C TRP D 323 -7.08 24.40 3.31
N THR D 324 -6.45 23.39 3.93
CA THR D 324 -6.75 23.12 5.32
C THR D 324 -6.35 24.28 6.21
N ASP D 325 -5.19 24.90 5.93
CA ASP D 325 -4.76 26.07 6.69
C ASP D 325 -5.77 27.21 6.55
N GLU D 326 -6.22 27.45 5.33
CA GLU D 326 -7.19 28.53 5.09
C GLU D 326 -8.51 28.24 5.80
N PHE D 327 -8.97 26.99 5.75
CA PHE D 327 -10.21 26.64 6.44
C PHE D 327 -10.08 26.85 7.95
N LEU D 328 -8.96 26.41 8.52
CA LEU D 328 -8.75 26.58 9.96
C LEU D 328 -8.66 28.06 10.33
N MET D 329 -7.97 28.86 9.52
CA MET D 329 -7.87 30.28 9.80
C MET D 329 -9.22 30.98 9.70
N LYS D 330 -10.03 30.61 8.70
CA LYS D 330 -11.36 31.19 8.58
C LYS D 330 -12.24 30.80 9.76
N VAL D 331 -12.16 29.54 10.20
CA VAL D 331 -12.92 29.12 11.38
C VAL D 331 -12.47 29.90 12.60
N SER D 332 -11.17 30.10 12.75
CA SER D 332 -10.64 30.87 13.87
C SER D 332 -11.16 32.31 13.85
N GLU D 333 -11.15 32.93 12.67
CA GLU D 333 -11.62 34.30 12.55
C GLU D 333 -13.13 34.40 12.84
N ILE D 334 -13.91 33.44 12.35
CA ILE D 334 -15.36 33.49 12.55
C ILE D 334 -15.71 33.27 14.00
N SER D 335 -15.12 32.25 14.63
CA SER D 335 -15.49 31.88 15.99
C SER D 335 -14.68 32.61 17.05
N GLY D 336 -13.57 33.25 16.68
CA GLY D 336 -12.71 33.88 17.65
C GLY D 336 -11.84 32.92 18.45
N GLN D 337 -11.83 31.64 18.10
CA GLN D 337 -11.05 30.62 18.79
C GLN D 337 -9.68 30.48 18.13
N PRO D 338 -8.59 30.64 18.88
CA PRO D 338 -7.26 30.45 18.29
C PRO D 338 -7.04 29.00 17.91
N ILE D 339 -6.21 28.81 16.88
CA ILE D 339 -5.85 27.47 16.43
C ILE D 339 -4.94 26.85 17.49
N PRO D 340 -5.28 25.69 18.03
CA PRO D 340 -4.52 25.13 19.15
C PRO D 340 -3.19 24.54 18.68
N ALA D 341 -2.36 24.22 19.67
CA ALA D 341 -1.03 23.66 19.38
C ALA D 341 -1.11 22.27 18.78
N SER D 342 -2.16 21.52 19.11
CA SER D 342 -2.31 20.16 18.56
C SER D 342 -2.48 20.20 17.05
N LEU D 343 -3.29 21.13 16.54
CA LEU D 343 -3.48 21.24 15.10
C LEU D 343 -2.20 21.72 14.42
N THR D 344 -1.46 22.62 15.06
CA THR D 344 -0.17 23.04 14.52
C THR D 344 0.81 21.88 14.44
N LYS D 345 0.82 21.02 15.47
CA LYS D 345 1.69 19.86 15.44
C LYS D 345 1.25 18.88 14.35
N GLU D 346 -0.06 18.71 14.16
CA GLU D 346 -0.52 17.84 13.08
C GLU D 346 -0.11 18.38 11.71
N ARG D 347 -0.22 19.69 11.53
CA ARG D 347 0.23 20.31 10.27
C ARG D 347 1.73 20.10 10.08
N GLY D 348 2.52 20.27 11.14
CA GLY D 348 3.95 20.05 11.05
C GLY D 348 4.30 18.61 10.73
N ARG D 349 3.52 17.67 11.27
CA ARG D 349 3.75 16.26 10.97
C ARG D 349 3.41 15.94 9.52
N LEU D 350 2.35 16.54 9.00
CA LEU D 350 2.05 16.39 7.58
C LEU D 350 3.18 16.94 6.72
N VAL D 351 3.72 18.11 7.10
CA VAL D 351 4.84 18.68 6.37
C VAL D 351 6.06 17.77 6.46
N ASP D 352 6.26 17.14 7.61
CA ASP D 352 7.37 16.21 7.77
C ASP D 352 7.22 15.00 6.85
N MET D 353 6.00 14.46 6.75
CA MET D 353 5.76 13.37 5.80
C MET D 353 6.01 13.83 4.37
N MET D 354 5.61 15.05 4.05
CA MET D 354 5.86 15.61 2.71
C MET D 354 7.36 15.67 2.42
N THR D 355 8.14 16.15 3.37
CA THR D 355 9.59 16.22 3.17
C THR D 355 10.22 14.84 3.12
N ASP D 356 9.62 13.86 3.81
CA ASP D 356 10.15 12.50 3.78
C ASP D 356 9.86 11.81 2.45
N SER D 357 8.74 12.13 1.81
CA SER D 357 8.32 11.43 0.60
C SER D 357 8.47 12.24 -0.69
N HIS D 358 8.99 13.46 -0.62
CA HIS D 358 9.04 14.30 -1.81
C HIS D 358 9.92 13.70 -2.91
N THR D 359 10.97 12.97 -2.55
CA THR D 359 11.85 12.41 -3.57
C THR D 359 11.11 11.40 -4.45
N TRP D 360 10.29 10.54 -3.84
CA TRP D 360 9.50 9.59 -4.61
C TRP D 360 8.28 10.24 -5.25
N LEU D 361 7.78 11.32 -4.67
CA LEU D 361 6.57 11.94 -5.19
C LEU D 361 6.83 12.96 -6.29
N HIS D 362 8.02 13.54 -6.35
CA HIS D 362 8.27 14.67 -7.25
C HIS D 362 8.28 14.21 -8.70
N GLY D 363 7.54 14.93 -9.55
CA GLY D 363 7.52 14.68 -10.97
C GLY D 363 6.58 13.60 -11.45
N LYS D 364 5.88 12.92 -10.55
CA LYS D 364 5.00 11.84 -10.95
C LYS D 364 3.78 12.39 -11.68
N ARG D 365 3.36 11.66 -12.72
CA ARG D 365 2.26 12.09 -13.58
C ARG D 365 1.00 11.32 -13.23
N PHE D 366 -0.09 12.06 -13.00
CA PHE D 366 -1.35 11.49 -12.56
C PHE D 366 -2.48 11.92 -13.48
N ALA D 367 -3.26 10.96 -13.93
CA ALA D 367 -4.61 11.23 -14.40
C ALA D 367 -5.56 11.03 -13.22
N LEU D 368 -6.63 11.81 -13.19
CA LEU D 368 -7.52 11.72 -12.03
C LEU D 368 -8.92 12.13 -12.43
N TRP D 369 -9.90 11.63 -11.68
CA TRP D 369 -11.28 12.01 -11.93
C TRP D 369 -12.12 11.85 -10.67
N GLY D 370 -13.29 12.47 -10.70
CA GLY D 370 -14.20 12.46 -9.56
C GLY D 370 -15.11 13.67 -9.60
N ASP D 371 -15.65 14.01 -8.43
CA ASP D 371 -16.51 15.17 -8.29
C ASP D 371 -15.70 16.46 -8.28
N PRO D 372 -16.32 17.59 -8.64
CA PRO D 372 -15.53 18.83 -8.82
C PRO D 372 -14.70 19.25 -7.62
N ASP D 373 -15.32 19.36 -6.45
CA ASP D 373 -14.58 19.81 -5.27
C ASP D 373 -13.48 18.83 -4.89
N PHE D 374 -13.79 17.53 -4.90
CA PHE D 374 -12.78 16.53 -4.60
C PHE D 374 -11.65 16.55 -5.62
N VAL D 375 -12.00 16.71 -6.91
CA VAL D 375 -10.98 16.72 -7.95
C VAL D 375 -10.06 17.92 -7.79
N MET D 376 -10.62 19.10 -7.53
CA MET D 376 -9.77 20.28 -7.38
C MET D 376 -8.94 20.21 -6.10
N GLY D 377 -9.48 19.65 -5.01
CA GLY D 377 -8.67 19.46 -3.82
C GLY D 377 -7.52 18.50 -4.06
N LEU D 378 -7.79 17.41 -4.78
CA LEU D 378 -6.73 16.47 -5.11
C LEU D 378 -5.67 17.11 -6.00
N VAL D 379 -6.09 17.93 -6.96
CA VAL D 379 -5.14 18.63 -7.82
C VAL D 379 -4.28 19.58 -7.00
N LYS D 380 -4.91 20.33 -6.09
CA LYS D 380 -4.17 21.24 -5.22
C LYS D 380 -3.13 20.50 -4.39
N PHE D 381 -3.54 19.37 -3.79
CA PHE D 381 -2.61 18.61 -2.96
C PHE D 381 -1.47 18.02 -3.79
N LEU D 382 -1.78 17.54 -5.01
CA LEU D 382 -0.74 17.00 -5.88
C LEU D 382 0.25 18.09 -6.27
N LEU D 383 -0.24 19.30 -6.56
CA LEU D 383 0.65 20.41 -6.86
C LEU D 383 1.49 20.77 -5.65
N GLU D 384 0.92 20.66 -4.45
CA GLU D 384 1.71 20.88 -3.23
C GLU D 384 2.80 19.83 -3.07
N LEU D 385 2.57 18.61 -3.55
CA LEU D 385 3.52 17.51 -3.44
C LEU D 385 4.57 17.53 -4.53
N GLY D 386 4.48 18.43 -5.49
CA GLY D 386 5.39 18.41 -6.62
C GLY D 386 5.01 17.44 -7.72
N CYS D 387 3.78 16.92 -7.70
CA CYS D 387 3.31 15.99 -8.71
C CYS D 387 2.69 16.74 -9.89
N GLU D 388 2.50 16.03 -10.99
CA GLU D 388 1.95 16.58 -12.22
C GLU D 388 0.59 15.97 -12.52
N PRO D 389 -0.52 16.67 -12.28
CA PRO D 389 -1.85 16.17 -12.66
C PRO D 389 -2.14 16.42 -14.14
N VAL D 390 -1.64 15.51 -14.98
CA VAL D 390 -1.64 15.76 -16.43
C VAL D 390 -3.06 15.72 -16.99
N HIS D 391 -3.86 14.74 -16.58
CA HIS D 391 -5.23 14.58 -17.08
C HIS D 391 -6.19 14.78 -15.91
N ILE D 392 -6.97 15.86 -15.98
CA ILE D 392 -7.96 16.18 -14.95
C ILE D 392 -9.33 16.09 -15.62
N LEU D 393 -10.12 15.09 -15.22
CA LEU D 393 -11.40 14.81 -15.83
C LEU D 393 -12.49 14.97 -14.77
N CYS D 394 -13.55 15.69 -15.12
CA CYS D 394 -14.70 15.87 -14.24
C CYS D 394 -15.95 15.85 -15.11
N HIS D 395 -16.68 14.74 -15.08
CA HIS D 395 -17.87 14.61 -15.92
C HIS D 395 -18.93 15.63 -15.54
N ASN D 396 -19.13 15.87 -14.25
CA ASN D 396 -20.14 16.79 -13.77
C ASN D 396 -19.58 18.18 -13.48
N GLY D 397 -18.44 18.54 -14.09
CA GLY D 397 -17.92 19.87 -13.93
C GLY D 397 -18.47 20.84 -14.95
N ASN D 398 -18.38 22.12 -14.61
CA ASN D 398 -18.87 23.20 -15.46
C ASN D 398 -17.71 24.11 -15.86
N LYS D 399 -18.05 25.18 -16.60
CA LYS D 399 -17.03 26.06 -17.15
C LYS D 399 -16.37 26.92 -16.08
N ARG D 400 -17.15 27.39 -15.11
CA ARG D 400 -16.58 28.20 -14.04
C ARG D 400 -15.63 27.39 -13.17
N TRP D 401 -16.01 26.14 -12.86
CA TRP D 401 -15.11 25.28 -12.11
C TRP D 401 -13.85 24.96 -12.90
N LYS D 402 -13.99 24.77 -14.21
CA LYS D 402 -12.83 24.56 -15.06
C LYS D 402 -11.89 25.77 -15.04
N LYS D 403 -12.47 26.97 -15.07
CA LYS D 403 -11.67 28.19 -14.97
C LYS D 403 -10.95 28.26 -13.64
N ALA D 404 -11.63 27.89 -12.55
CA ALA D 404 -10.99 27.91 -11.24
C ALA D 404 -9.84 26.91 -11.17
N VAL D 405 -10.03 25.71 -11.71
CA VAL D 405 -8.96 24.72 -11.69
C VAL D 405 -7.80 25.16 -12.58
N ASP D 406 -8.10 25.81 -13.71
CA ASP D 406 -7.04 26.34 -14.56
C ASP D 406 -6.25 27.42 -13.84
N ALA D 407 -6.94 28.28 -13.08
CA ALA D 407 -6.24 29.27 -12.28
C ALA D 407 -5.35 28.62 -11.23
N ILE D 408 -5.84 27.56 -10.59
CA ILE D 408 -5.05 26.84 -9.61
C ILE D 408 -3.81 26.24 -10.27
N LEU D 409 -3.97 25.68 -11.47
CA LEU D 409 -2.85 25.03 -12.16
C LEU D 409 -1.82 26.05 -12.62
N ALA D 410 -2.28 27.22 -13.09
CA ALA D 410 -1.35 28.24 -13.56
C ALA D 410 -0.55 28.84 -12.42
N ALA D 411 -1.05 28.74 -11.19
CA ALA D 411 -0.33 29.25 -10.03
C ALA D 411 0.82 28.34 -9.62
N SER D 412 0.95 27.17 -10.22
CA SER D 412 2.00 26.23 -9.87
C SER D 412 2.84 25.89 -11.09
N PRO D 413 4.16 25.72 -10.93
CA PRO D 413 4.98 25.27 -12.06
C PRO D 413 4.71 23.82 -12.46
N TYR D 414 4.04 23.05 -11.61
CA TYR D 414 3.75 21.65 -11.89
C TYR D 414 2.41 21.45 -12.59
N GLY D 415 1.71 22.53 -12.92
CA GLY D 415 0.46 22.43 -13.65
C GLY D 415 0.61 22.81 -15.12
N LYS D 416 1.85 22.84 -15.61
CA LYS D 416 2.09 23.26 -16.99
C LYS D 416 1.58 22.22 -17.98
N ASN D 417 1.79 20.94 -17.70
CA ASN D 417 1.37 19.86 -18.58
C ASN D 417 -0.02 19.34 -18.25
N ALA D 418 -0.86 20.16 -17.63
CA ALA D 418 -2.16 19.74 -17.15
C ALA D 418 -3.26 20.26 -18.06
N THR D 419 -4.27 19.42 -18.29
CA THR D 419 -5.46 19.79 -19.03
C THR D 419 -6.69 19.36 -18.25
N VAL D 420 -7.67 20.25 -18.16
CA VAL D 420 -8.91 19.99 -17.44
C VAL D 420 -9.99 19.67 -18.46
N TYR D 421 -10.72 18.58 -18.24
CA TYR D 421 -11.79 18.14 -19.12
C TYR D 421 -13.10 18.11 -18.34
N ILE D 422 -14.12 18.76 -18.88
CA ILE D 422 -15.47 18.72 -18.33
C ILE D 422 -16.40 18.13 -19.37
N GLY D 423 -17.39 17.37 -18.92
CA GLY D 423 -18.31 16.72 -19.83
C GLY D 423 -17.74 15.51 -20.53
N LYS D 424 -16.57 15.03 -20.10
CA LYS D 424 -15.93 13.86 -20.69
C LYS D 424 -16.11 12.66 -19.76
N ASP D 425 -16.14 11.48 -20.36
CA ASP D 425 -16.36 10.24 -19.63
C ASP D 425 -15.07 9.43 -19.57
N LEU D 426 -15.16 8.21 -19.05
CA LEU D 426 -13.99 7.39 -18.81
C LEU D 426 -13.42 6.78 -20.10
N TRP D 427 -14.21 6.73 -21.18
CA TRP D 427 -13.64 6.33 -22.47
C TRP D 427 -12.69 7.41 -22.99
N HIS D 428 -13.05 8.68 -22.81
CA HIS D 428 -12.14 9.77 -23.13
C HIS D 428 -10.86 9.65 -22.33
N LEU D 429 -10.98 9.34 -21.03
CA LEU D 429 -9.80 9.19 -20.19
C LEU D 429 -8.97 7.97 -20.59
N ARG D 430 -9.62 6.90 -21.05
CA ARG D 430 -8.88 5.77 -21.59
C ARG D 430 -8.03 6.19 -22.79
N SER D 431 -8.63 6.94 -23.71
CA SER D 431 -7.87 7.46 -24.85
C SER D 431 -6.72 8.35 -24.38
N LEU D 432 -6.97 9.19 -23.38
CA LEU D 432 -5.94 10.10 -22.89
C LEU D 432 -4.78 9.35 -22.25
N VAL D 433 -5.07 8.35 -21.42
CA VAL D 433 -4.01 7.60 -20.76
C VAL D 433 -3.30 6.67 -21.73
N PHE D 434 -3.91 6.38 -22.89
CA PHE D 434 -3.16 5.66 -23.91
C PHE D 434 -2.24 6.58 -24.71
N THR D 435 -2.76 7.72 -25.16
CA THR D 435 -1.98 8.60 -26.03
C THR D 435 -1.00 9.47 -25.26
N ASP D 436 -1.33 9.80 -24.00
CA ASP D 436 -0.44 10.58 -23.13
C ASP D 436 -0.41 9.83 -21.79
N LYS D 437 0.52 8.90 -21.67
CA LYS D 437 0.51 7.97 -20.56
C LYS D 437 0.95 8.65 -19.27
N PRO D 438 0.12 8.65 -18.24
CA PRO D 438 0.57 9.11 -16.92
C PRO D 438 1.17 7.96 -16.13
N ASP D 439 1.84 8.32 -15.03
CA ASP D 439 2.38 7.30 -14.15
C ASP D 439 1.27 6.53 -13.44
N PHE D 440 0.24 7.25 -12.97
CA PHE D 440 -0.84 6.60 -12.24
C PHE D 440 -2.17 7.27 -12.58
N MET D 441 -3.25 6.57 -12.22
CA MET D 441 -4.60 7.11 -12.25
C MET D 441 -5.13 7.18 -10.82
N ILE D 442 -5.99 8.15 -10.56
CA ILE D 442 -6.65 8.31 -9.27
C ILE D 442 -8.15 8.45 -9.52
N GLY D 443 -8.92 7.47 -9.05
CA GLY D 443 -10.35 7.52 -9.28
C GLY D 443 -11.05 6.38 -8.57
N ASN D 444 -12.30 6.17 -8.96
CA ASN D 444 -13.13 5.14 -8.35
C ASN D 444 -12.79 3.78 -8.97
N SER D 445 -13.61 2.77 -8.66
CA SER D 445 -13.29 1.40 -9.07
C SER D 445 -13.43 1.20 -10.58
N TYR D 446 -14.23 2.02 -11.26
CA TYR D 446 -14.41 1.86 -12.70
C TYR D 446 -13.09 1.99 -13.44
N GLY D 447 -12.18 2.82 -12.93
CA GLY D 447 -10.88 2.97 -13.57
C GLY D 447 -10.11 1.69 -13.67
N LYS D 448 -10.45 0.70 -12.83
CA LYS D 448 -9.79 -0.60 -12.93
C LYS D 448 -9.89 -1.15 -14.35
N PHE D 449 -11.03 -0.97 -15.00
CA PHE D 449 -11.18 -1.45 -16.36
C PHE D 449 -10.18 -0.78 -17.28
N ILE D 450 -10.01 0.53 -17.13
CA ILE D 450 -8.99 1.25 -17.90
C ILE D 450 -7.63 0.61 -17.69
N GLN D 451 -7.31 0.31 -16.42
CA GLN D 451 -6.02 -0.33 -16.14
C GLN D 451 -5.88 -1.63 -16.93
N ARG D 452 -6.94 -2.44 -16.92
CA ARG D 452 -6.91 -3.68 -17.68
C ARG D 452 -6.56 -3.40 -19.14
N ASP D 453 -7.25 -2.42 -19.74
CA ASP D 453 -6.98 -2.08 -21.13
C ASP D 453 -5.51 -1.74 -21.33
N THR D 454 -4.95 -0.92 -20.42
CA THR D 454 -3.55 -0.53 -20.57
C THR D 454 -2.65 -1.76 -20.47
N LEU D 455 -2.97 -2.68 -19.56
CA LEU D 455 -2.14 -3.87 -19.44
C LEU D 455 -2.22 -4.72 -20.70
N HIS D 456 -3.33 -4.63 -21.44
CA HIS D 456 -3.42 -5.38 -22.69
C HIS D 456 -2.47 -4.82 -23.74
N LYS D 457 -2.14 -3.53 -23.66
CA LYS D 457 -1.18 -2.97 -24.60
C LYS D 457 0.24 -3.40 -24.27
N GLY D 458 0.51 -3.69 -23.01
CA GLY D 458 1.81 -4.11 -22.56
C GLY D 458 2.03 -3.71 -21.11
N LYS D 459 2.96 -4.40 -20.46
CA LYS D 459 3.29 -4.08 -19.07
C LYS D 459 3.90 -2.69 -18.96
N GLU D 460 4.66 -2.27 -19.96
CA GLU D 460 5.26 -0.94 -19.94
C GLU D 460 4.22 0.15 -20.15
N PHE D 461 3.06 -0.17 -20.70
CA PHE D 461 2.00 0.80 -20.93
C PHE D 461 0.92 0.77 -19.87
N GLU D 462 1.04 -0.11 -18.87
CA GLU D 462 0.02 -0.22 -17.84
C GLU D 462 0.03 1.00 -16.94
N VAL D 463 -1.16 1.53 -16.66
CA VAL D 463 -1.35 2.67 -15.77
C VAL D 463 -2.07 2.15 -14.52
N PRO D 464 -1.38 1.99 -13.40
CA PRO D 464 -2.05 1.49 -12.19
C PRO D 464 -3.04 2.50 -11.65
N LEU D 465 -4.09 1.95 -11.02
CA LEU D 465 -5.18 2.76 -10.46
C LEU D 465 -5.02 2.88 -8.96
N ILE D 466 -5.30 4.08 -8.45
CA ILE D 466 -5.33 4.37 -7.02
C ILE D 466 -6.77 4.75 -6.69
N ARG D 467 -7.38 4.00 -5.78
CA ARG D 467 -8.82 4.10 -5.52
C ARG D 467 -9.06 5.17 -4.47
N ILE D 468 -9.22 6.40 -4.93
CA ILE D 468 -9.68 7.51 -4.09
C ILE D 468 -10.86 8.15 -4.81
N GLY D 469 -12.03 8.08 -4.18
CA GLY D 469 -13.24 8.64 -4.75
C GLY D 469 -14.40 7.71 -4.52
N PHE D 470 -15.51 8.01 -5.20
CA PHE D 470 -16.73 7.25 -5.09
C PHE D 470 -17.20 6.82 -6.47
N PRO D 471 -17.66 5.56 -6.62
CA PRO D 471 -17.70 4.50 -5.61
C PRO D 471 -16.51 3.56 -5.67
N ILE D 472 -16.11 2.99 -4.55
CA ILE D 472 -15.08 1.96 -4.50
C ILE D 472 -15.77 0.65 -4.16
N PHE D 473 -15.78 -0.28 -5.13
CA PHE D 473 -16.51 -1.53 -5.00
C PHE D 473 -15.62 -2.75 -4.83
N ASP D 474 -14.40 -2.73 -5.36
CA ASP D 474 -13.54 -3.90 -5.38
C ASP D 474 -12.56 -3.93 -4.21
N ARG D 475 -12.65 -2.98 -3.28
CA ARG D 475 -11.87 -3.01 -2.05
C ARG D 475 -12.81 -2.85 -0.86
N HIS D 476 -12.34 -3.28 0.30
CA HIS D 476 -13.15 -3.30 1.51
C HIS D 476 -12.71 -2.20 2.46
N HIS D 477 -13.70 -1.52 3.05
CA HIS D 477 -13.52 -0.57 4.15
C HIS D 477 -12.68 0.64 3.76
N LEU D 478 -12.53 0.92 2.46
CA LEU D 478 -11.88 2.15 2.04
C LEU D 478 -12.75 3.38 2.28
N HIS D 479 -14.06 3.19 2.43
CA HIS D 479 -14.97 4.28 2.74
C HIS D 479 -14.75 4.87 4.13
N ARG D 480 -14.00 4.18 4.98
CA ARG D 480 -13.66 4.68 6.31
C ARG D 480 -12.45 5.61 6.29
N SER D 481 -11.86 5.85 5.13
CA SER D 481 -10.68 6.69 5.04
C SER D 481 -11.07 8.17 5.14
N THR D 482 -10.04 9.01 5.16
CA THR D 482 -10.20 10.45 5.27
C THR D 482 -9.48 11.12 4.12
N THR D 483 -10.13 12.12 3.52
CA THR D 483 -9.51 12.94 2.49
C THR D 483 -9.42 14.41 2.85
N LEU D 484 -10.06 14.85 3.93
CA LEU D 484 -10.07 16.24 4.35
C LEU D 484 -9.07 16.48 5.46
N GLY D 485 -8.58 17.71 5.54
CA GLY D 485 -7.70 18.10 6.62
C GLY D 485 -6.30 17.53 6.50
N TYR D 486 -5.52 17.75 7.56
CA TYR D 486 -4.17 17.21 7.62
C TYR D 486 -4.18 15.70 7.69
N GLU D 487 -5.15 15.11 8.40
CA GLU D 487 -5.26 13.66 8.46
C GLU D 487 -5.55 13.07 7.09
N GLY D 488 -6.48 13.68 6.35
CA GLY D 488 -6.76 13.22 5.00
C GLY D 488 -5.58 13.40 4.07
N ALA D 489 -4.87 14.52 4.21
CA ALA D 489 -3.67 14.73 3.39
C ALA D 489 -2.61 13.69 3.70
N MET D 490 -2.43 13.34 4.98
CA MET D 490 -1.47 12.30 5.35
C MET D 490 -1.87 10.96 4.77
N GLN D 491 -3.16 10.61 4.84
CA GLN D 491 -3.61 9.34 4.27
C GLN D 491 -3.39 9.29 2.77
N ILE D 492 -3.72 10.38 2.07
CA ILE D 492 -3.54 10.42 0.62
C ILE D 492 -2.06 10.35 0.27
N LEU D 493 -1.20 11.06 1.01
CA LEU D 493 0.23 11.02 0.75
C LEU D 493 0.77 9.61 0.94
N THR D 494 0.38 8.94 2.03
CA THR D 494 0.83 7.57 2.26
C THR D 494 0.38 6.66 1.14
N THR D 495 -0.88 6.78 0.73
CA THR D 495 -1.40 5.94 -0.36
C THR D 495 -0.61 6.16 -1.64
N LEU D 496 -0.37 7.42 -2.00
CA LEU D 496 0.33 7.71 -3.25
C LEU D 496 1.77 7.22 -3.22
N VAL D 497 2.50 7.53 -2.15
CA VAL D 497 3.92 7.16 -2.11
C VAL D 497 4.07 5.64 -2.03
N ASN D 498 3.18 4.97 -1.30
CA ASN D 498 3.30 3.52 -1.22
C ASN D 498 2.81 2.84 -2.49
N SER D 499 1.89 3.44 -3.23
CA SER D 499 1.56 2.93 -4.56
C SER D 499 2.75 3.04 -5.49
N ILE D 500 3.47 4.17 -5.44
CA ILE D 500 4.67 4.35 -6.26
C ILE D 500 5.70 3.29 -5.89
N LEU D 501 5.90 3.08 -4.59
CA LEU D 501 6.92 2.12 -4.15
C LEU D 501 6.52 0.69 -4.45
N GLU D 502 5.22 0.36 -4.37
CA GLU D 502 4.75 -0.96 -4.75
C GLU D 502 4.96 -1.20 -6.25
N ARG D 503 4.67 -0.20 -7.07
CA ARG D 503 4.91 -0.34 -8.50
C ARG D 503 6.39 -0.53 -8.80
N LEU D 504 7.25 0.22 -8.10
CA LEU D 504 8.69 0.05 -8.29
C LEU D 504 9.16 -1.33 -7.85
N ASP D 505 8.62 -1.84 -6.73
CA ASP D 505 8.98 -3.18 -6.28
C ASP D 505 8.54 -4.24 -7.28
N GLU D 506 7.35 -4.07 -7.85
CA GLU D 506 6.89 -5.01 -8.87
C GLU D 506 7.77 -4.95 -10.12
N GLU D 507 8.19 -3.75 -10.51
CA GLU D 507 8.99 -3.61 -11.72
C GLU D 507 10.42 -4.11 -11.56
N THR D 508 10.89 -4.27 -10.32
CA THR D 508 12.27 -4.67 -10.07
C THR D 508 12.36 -6.01 -9.34
N ARG D 509 11.35 -6.86 -9.46
CA ARG D 509 11.35 -8.15 -8.80
C ARG D 509 11.96 -9.26 -9.64
N GLY D 510 12.29 -8.99 -10.90
CA GLY D 510 12.83 -10.02 -11.76
C GLY D 510 14.27 -10.36 -11.40
N MET D 511 14.50 -11.59 -10.96
CA MET D 511 15.83 -12.01 -10.54
C MET D 511 16.80 -11.99 -11.72
N GLN D 512 17.97 -11.38 -11.50
CA GLN D 512 19.05 -11.25 -12.47
C GLN D 512 18.65 -10.45 -13.70
N ALA D 513 17.47 -9.84 -13.71
CA ALA D 513 17.04 -8.99 -14.82
C ALA D 513 16.86 -7.55 -14.38
N THR D 514 16.03 -7.31 -13.36
CA THR D 514 15.81 -5.96 -12.85
C THR D 514 16.00 -5.85 -11.34
N ASP D 515 16.31 -6.95 -10.66
CA ASP D 515 16.40 -6.96 -9.21
C ASP D 515 17.66 -6.30 -8.67
N TYR D 516 18.48 -5.69 -9.53
CA TYR D 516 19.58 -4.87 -9.03
C TYR D 516 19.06 -3.62 -8.34
N ASN D 517 17.86 -3.18 -8.69
CA ASN D 517 17.22 -2.03 -8.05
C ASN D 517 16.17 -2.45 -7.02
N HIS D 518 16.10 -3.73 -6.68
CA HIS D 518 15.16 -4.22 -5.67
C HIS D 518 15.70 -3.90 -4.28
N ASP D 519 15.73 -2.61 -3.98
CA ASP D 519 16.37 -2.11 -2.77
C ASP D 519 15.54 -2.43 -1.52
N LEU D 520 16.24 -2.88 -0.48
CA LEU D 520 15.58 -3.08 0.81
C LEU D 520 15.10 -1.76 1.40
N VAL D 521 15.89 -0.70 1.25
CA VAL D 521 15.57 0.61 1.81
C VAL D 521 15.12 1.52 0.67
N ARG D 522 13.98 2.16 0.86
CA ARG D 522 13.44 3.11 -0.12
C ARG D 522 13.13 4.45 0.53
FE1 ICS E . 35.40 5.59 -0.24
MO1 ICS E . 29.07 5.81 2.78
FE2 ICS E . 33.98 4.94 1.94
FE3 ICS E . 32.84 4.90 -0.48
FE4 ICS E . 33.49 7.20 0.62
FE5 ICS E . 31.14 7.30 1.77
FE6 ICS E . 31.63 5.01 2.99
FE7 ICS E . 30.51 5.00 0.66
CX ICS E . 32.28 5.73 1.23
S1A ICS E . 35.40 6.70 1.77
S1B ICS E . 30.83 6.85 3.98
S2A ICS E . 34.52 3.56 0.26
S2B ICS E . 33.36 4.03 3.86
S3A ICS E . 32.38 9.08 1.14
S3B ICS E . 29.97 3.66 2.39
S4A ICS E . 33.82 6.60 -1.55
S4B ICS E . 29.25 6.81 0.65
S5A ICS E . 30.95 4.04 -1.29
UNK UNX F . 27.04 4.28 4.10
FE1 CLF G . 31.54 -4.17 17.08
FE2 CLF G . 29.46 -2.77 16.83
FE3 CLF G . 31.12 -2.84 14.64
FE4 CLF G . 29.61 -4.94 15.46
S1 CLF G . 29.45 -5.05 17.82
S2A CLF G . 31.57 -1.89 16.68
S4A CLF G . 28.87 -2.95 14.65
S3A CLF G . 31.85 -5.02 14.95
FE5 CLF G . 27.22 -5.85 16.85
FE6 CLF G . 27.73 -6.24 19.28
FE7 CLF G . 25.05 -5.51 18.57
FE8 CLF G . 27.42 -4.09 18.51
S2B CLF G . 25.92 -7.58 18.00
S3B CLF G . 26.32 -4.78 20.38
S4B CLF G . 25.78 -4.16 16.87
C1 1N7 H . 21.85 -31.48 -7.88
C2 1N7 H . 22.62 -30.22 -7.56
C3 1N7 H . 24.07 -30.63 -9.62
C4 1N7 H . 25.48 -30.55 -10.26
C5 1N7 H . 26.18 -29.21 -9.94
C6 1N7 H . 26.21 -29.03 -8.42
C7 1N7 H . 27.27 -27.91 -8.27
C8 1N7 H . 28.35 -28.39 -9.28
C9 1N7 H . 27.69 -29.32 -10.26
C10 1N7 H . 25.50 -27.99 -10.65
C11 1N7 H . 21.89 -29.09 -8.26
C12 1N7 H . 22.34 -32.69 -7.04
C13 1N7 H . 22.25 -32.40 -5.52
C14 1N7 H . 23.01 -31.11 -5.14
C15 1N7 H . 22.63 -29.89 -6.01
C16 1N7 H . 23.51 -28.68 -5.65
C17 1N7 H . 24.90 -28.66 -6.33
C18 1N7 H . 24.80 -28.94 -7.83
C19 1N7 H . 24.07 -30.26 -8.11
C20 1N7 H . 28.12 -28.89 -11.69
C21 1N7 H . 27.76 -29.86 -12.71
C22 1N7 H . 29.59 -28.76 -11.70
C23 1N7 H . 30.12 -27.45 -12.35
C24 1N7 H . 31.54 -27.12 -11.81
N1 1N7 H . 32.74 -27.45 -12.62
O1 1N7 H . 31.67 -26.62 -10.74
O2 1N7 H . 22.82 -33.46 -4.83
O3 1N7 H . 25.74 -29.61 -5.74
O4 1N7 H . 26.27 -31.59 -9.76
C25 1N7 H . 34.07 -27.15 -12.09
C26 1N7 H . 34.34 -25.61 -12.17
C27 1N7 H . 35.30 -25.21 -13.33
N2 1N7 H . 34.61 -24.87 -14.63
C28 1N7 H . 35.49 -23.90 -15.35
C29 1N7 H . 34.46 -26.08 -15.49
C30 1N7 H . 33.22 -24.43 -14.31
C31 1N7 H . 36.73 -24.55 -16.04
C32 1N7 H . 36.87 -24.49 -17.57
O5 1N7 H . 37.57 -25.10 -15.40
S1 1N7 H . 38.53 -25.10 -18.05
O7 1N7 H . 38.67 -25.11 -19.70
O8 1N7 H . 39.68 -24.09 -17.40
O6 1N7 H . 38.75 -26.63 -17.45
FE FE I . -20.78 -3.26 7.27
FE1 ICS J . -34.29 -16.16 -12.94
MO1 ICS J . -31.11 -10.84 -9.67
FE2 ICS J . -34.40 -13.56 -12.39
FE3 ICS J . -32.04 -14.75 -12.76
FE4 ICS J . -33.45 -15.28 -10.60
FE5 ICS J . -32.28 -13.29 -9.37
FE6 ICS J . -33.17 -11.62 -11.21
FE7 ICS J . -30.89 -12.77 -11.55
CX ICS J . -32.70 -13.58 -11.31
S1A ICS J . -35.60 -15.17 -11.34
S1B ICS J . -33.32 -11.31 -9.00
S2A ICS J . -33.68 -14.47 -14.31
S2B ICS J . -34.97 -11.42 -12.41
S3A ICS J . -33.06 -15.17 -8.40
S3B ICS J . -31.36 -10.62 -12.02
S4A ICS J . -32.36 -16.81 -11.90
S4B ICS J . -30.06 -12.94 -9.50
S5A ICS J . -29.96 -14.03 -13.11
UNK UNX K . -30.11 -21.97 -10.71
FE1 CLF L . -36.76 4.18 -14.52
FE2 CLF L . -35.38 3.94 -12.42
FE3 CLF L . -35.60 1.68 -13.97
FE4 CLF L . -34.15 3.86 -14.66
S1 CLF L . -35.16 5.87 -13.95
S2A CLF L . -37.28 2.72 -12.81
S4A CLF L . -33.75 2.43 -12.91
S3A CLF L . -35.66 2.79 -16.01
FE5 CLF L . -32.61 6.19 -13.80
FE6 CLF L . -34.11 8.18 -13.61
FE7 CLF L . -31.82 8.08 -11.91
FE8 CLF L . -34.14 6.58 -11.95
S2B CLF L . -31.62 8.38 -14.18
S3B CLF L . -33.98 8.78 -11.38
S4B CLF L . -31.97 5.80 -11.70
FE FE M . 9.96 12.00 9.36
C1 1N7 N . -8.08 0.12 -39.48
C2 1N7 N . -9.20 -0.49 -38.66
C3 1N7 N . -9.16 -2.58 -40.11
C4 1N7 N . -9.97 -3.67 -40.87
C5 1N7 N . -11.16 -4.20 -40.04
C6 1N7 N . -12.00 -3.00 -39.58
C7 1N7 N . -13.32 -3.70 -39.14
C8 1N7 N . -13.51 -4.67 -40.33
C9 1N7 N . -12.19 -4.91 -40.97
C10 1N7 N . -10.71 -5.09 -38.84
C11 1N7 N . -8.52 -1.28 -37.55
C12 1N7 N . -8.62 1.15 -40.51
C13 1N7 N . -9.41 2.29 -39.80
C14 1N7 N . -10.55 1.73 -38.92
C15 1N7 N . -10.10 0.62 -37.96
C16 1N7 N . -11.31 0.01 -37.23
C17 1N7 N . -12.11 -1.02 -38.05
C18 1N7 N . -11.18 -2.09 -38.65
C19 1N7 N . -10.05 -1.48 -39.49
C20 1N7 N . -11.98 -6.44 -41.10
C21 1N7 N . -10.92 -6.78 -42.06
C22 1N7 N . -13.24 -7.04 -41.60
C23 1N7 N . -13.41 -8.55 -41.25
C24 1N7 N . -14.50 -9.23 -42.13
N1 1N7 N . -14.13 -10.33 -43.03
O1 1N7 N . -15.62 -8.85 -42.06
O2 1N7 N . -9.97 3.12 -40.77
O3 1N7 N . -12.82 -0.40 -39.08
O4 1N7 N . -10.44 -3.13 -42.07
C25 1N7 N . -15.16 -10.98 -43.88
C26 1N7 N . -16.07 -11.91 -43.01
C27 1N7 N . -15.75 -13.43 -43.19
N2 1N7 N . -14.85 -13.99 -42.13
C28 1N7 N . -15.10 -15.48 -42.06
C29 1N7 N . -13.42 -13.79 -42.50
C30 1N7 N . -15.06 -13.21 -40.88
C31 1N7 N . -14.68 -16.28 -43.33
C32 1N7 N . -13.41 -17.17 -43.31
O5 1N7 N . -15.34 -16.24 -44.32
S1 1N7 N . -13.22 -17.99 -44.93
O7 1N7 N . -11.61 -18.05 -45.34
O8 1N7 N . -13.82 -19.54 -44.85
O6 1N7 N . -14.05 -17.14 -46.10
#